data_4OLJ
# 
_entry.id   4OLJ 
# 
_audit_conform.dict_name       mmcif_pdbx.dic 
_audit_conform.dict_version    5.381 
_audit_conform.dict_location   http://mmcif.pdb.org/dictionaries/ascii/mmcif_pdbx.dic 
# 
loop_
_database_2.database_id 
_database_2.database_code 
_database_2.pdbx_database_accession 
_database_2.pdbx_DOI 
PDB   4OLJ         pdb_00004olj 10.2210/pdb4olj/pdb 
RCSB  RCSB084644   ?            ?                   
WWPDB D_1000084644 ?            ?                   
# 
_pdbx_database_status.status_code                     REL 
_pdbx_database_status.entry_id                        4OLJ 
_pdbx_database_status.recvd_initial_deposition_date   2014-01-24 
_pdbx_database_status.deposit_site                    RCSB 
_pdbx_database_status.process_site                    PDBJ 
_pdbx_database_status.methods_development_category    ? 
_pdbx_database_status.status_code_sf                  REL 
_pdbx_database_status.status_code_mr                  ? 
_pdbx_database_status.SG_entry                        ? 
_pdbx_database_status.status_code_cs                  ? 
_pdbx_database_status.pdb_format_compatible           Y 
_pdbx_database_status.status_code_nmr_data            ? 
# 
loop_
_audit_author.name 
_audit_author.pdbx_ordinal 
'Sikarwar, J.' 1 
'Dube, D.'     2 
'Kaushik, S.'  3 
'Sinha, M.'    4 
'Kaur, P.'     5 
'Sharma, S.'   6 
'Singh, T.P.'  7 
# 
_citation.id                        primary 
_citation.title                     
'Crystal structure of Arg119Gln mutant of Peptidyl-tRNA hydrolase from Acinetobacter Baumannii at 1.49 A resolution' 
_citation.journal_abbrev            'to be published' 
_citation.journal_volume            ? 
_citation.page_first                ? 
_citation.page_last                 ? 
_citation.year                      ? 
_citation.journal_id_ASTM           ? 
_citation.country                   ? 
_citation.journal_id_ISSN           ? 
_citation.journal_id_CSD            0353 
_citation.book_publisher            ? 
_citation.pdbx_database_id_PubMed   ? 
_citation.pdbx_database_id_DOI      ? 
# 
loop_
_citation_author.citation_id 
_citation_author.name 
_citation_author.ordinal 
_citation_author.identifier_ORCID 
primary 'Sikarwar, J.' 1 ? 
primary 'Dube, D.'     2 ? 
primary 'Kaushik, S.'  3 ? 
primary 'Sinha, M.'    4 ? 
primary 'Kaur, P.'     5 ? 
primary 'Sharma, S.'   6 ? 
primary 'Singh, T.P.'  7 ? 
# 
_cell.entry_id           4OLJ 
_cell.length_a           34.088 
_cell.length_b           65.834 
_cell.length_c           76.121 
_cell.angle_alpha        90.00 
_cell.angle_beta         90.00 
_cell.angle_gamma        90.00 
_cell.Z_PDB              4 
_cell.pdbx_unique_axis   ? 
_cell.length_a_esd       ? 
_cell.length_b_esd       ? 
_cell.length_c_esd       ? 
_cell.angle_alpha_esd    ? 
_cell.angle_beta_esd     ? 
_cell.angle_gamma_esd    ? 
# 
_symmetry.entry_id                         4OLJ 
_symmetry.space_group_name_H-M             'P 21 21 21' 
_symmetry.pdbx_full_space_group_name_H-M   ? 
_symmetry.cell_setting                     ? 
_symmetry.Int_Tables_number                19 
_symmetry.space_group_name_Hall            ? 
# 
loop_
_entity.id 
_entity.type 
_entity.src_method 
_entity.pdbx_description 
_entity.formula_weight 
_entity.pdbx_number_of_molecules 
_entity.pdbx_ec 
_entity.pdbx_mutation 
_entity.pdbx_fragment 
_entity.details 
1 polymer     man 'Peptidyl-tRNA hydrolase' 21221.168 1   3.1.1.29 R119Q ? ? 
2 non-polymer syn GLYCEROL                  92.094    1   ?        ?     ? ? 
3 non-polymer syn 'L(+)-TARTARIC ACID'      150.087   1   ?        ?     ? ? 
4 water       nat water                     18.015    226 ?        ?     ? ? 
# 
_entity_name_com.entity_id   1 
_entity_name_com.name        PTH 
# 
_entity_poly.entity_id                      1 
_entity_poly.type                           'polypeptide(L)' 
_entity_poly.nstd_linkage                   no 
_entity_poly.nstd_monomer                   no 
_entity_poly.pdbx_seq_one_letter_code       
;GSHMSNISLIVGLGNPGSEYAQTRHNAGFWFVEQLADKYGITLKNDPKFHGISGRGNIEGHDVRLLLPMTYMNRSGQSVV
PFSKFYQIAPEAILIAHDELDMNPGVIRLKTGGGHGGHNGLQDIVPHIGPNFHRLRIGIGHPGSKERVSGHVLGKAPSNE
QSLMDGAIDHALSKVKLLVQGQVPQAMNQINAYKPA
;
_entity_poly.pdbx_seq_one_letter_code_can   
;GSHMSNISLIVGLGNPGSEYAQTRHNAGFWFVEQLADKYGITLKNDPKFHGISGRGNIEGHDVRLLLPMTYMNRSGQSVV
PFSKFYQIAPEAILIAHDELDMNPGVIRLKTGGGHGGHNGLQDIVPHIGPNFHRLRIGIGHPGSKERVSGHVLGKAPSNE
QSLMDGAIDHALSKVKLLVQGQVPQAMNQINAYKPA
;
_entity_poly.pdbx_strand_id                 A 
_entity_poly.pdbx_target_identifier         ? 
# 
loop_
_entity_poly_seq.entity_id 
_entity_poly_seq.num 
_entity_poly_seq.mon_id 
_entity_poly_seq.hetero 
1 1   GLY n 
1 2   SER n 
1 3   HIS n 
1 4   MET n 
1 5   SER n 
1 6   ASN n 
1 7   ILE n 
1 8   SER n 
1 9   LEU n 
1 10  ILE n 
1 11  VAL n 
1 12  GLY n 
1 13  LEU n 
1 14  GLY n 
1 15  ASN n 
1 16  PRO n 
1 17  GLY n 
1 18  SER n 
1 19  GLU n 
1 20  TYR n 
1 21  ALA n 
1 22  GLN n 
1 23  THR n 
1 24  ARG n 
1 25  HIS n 
1 26  ASN n 
1 27  ALA n 
1 28  GLY n 
1 29  PHE n 
1 30  TRP n 
1 31  PHE n 
1 32  VAL n 
1 33  GLU n 
1 34  GLN n 
1 35  LEU n 
1 36  ALA n 
1 37  ASP n 
1 38  LYS n 
1 39  TYR n 
1 40  GLY n 
1 41  ILE n 
1 42  THR n 
1 43  LEU n 
1 44  LYS n 
1 45  ASN n 
1 46  ASP n 
1 47  PRO n 
1 48  LYS n 
1 49  PHE n 
1 50  HIS n 
1 51  GLY n 
1 52  ILE n 
1 53  SER n 
1 54  GLY n 
1 55  ARG n 
1 56  GLY n 
1 57  ASN n 
1 58  ILE n 
1 59  GLU n 
1 60  GLY n 
1 61  HIS n 
1 62  ASP n 
1 63  VAL n 
1 64  ARG n 
1 65  LEU n 
1 66  LEU n 
1 67  LEU n 
1 68  PRO n 
1 69  MET n 
1 70  THR n 
1 71  TYR n 
1 72  MET n 
1 73  ASN n 
1 74  ARG n 
1 75  SER n 
1 76  GLY n 
1 77  GLN n 
1 78  SER n 
1 79  VAL n 
1 80  VAL n 
1 81  PRO n 
1 82  PHE n 
1 83  SER n 
1 84  LYS n 
1 85  PHE n 
1 86  TYR n 
1 87  GLN n 
1 88  ILE n 
1 89  ALA n 
1 90  PRO n 
1 91  GLU n 
1 92  ALA n 
1 93  ILE n 
1 94  LEU n 
1 95  ILE n 
1 96  ALA n 
1 97  HIS n 
1 98  ASP n 
1 99  GLU n 
1 100 LEU n 
1 101 ASP n 
1 102 MET n 
1 103 ASN n 
1 104 PRO n 
1 105 GLY n 
1 106 VAL n 
1 107 ILE n 
1 108 ARG n 
1 109 LEU n 
1 110 LYS n 
1 111 THR n 
1 112 GLY n 
1 113 GLY n 
1 114 GLY n 
1 115 HIS n 
1 116 GLY n 
1 117 GLY n 
1 118 HIS n 
1 119 ASN n 
1 120 GLY n 
1 121 LEU n 
1 122 GLN n 
1 123 ASP n 
1 124 ILE n 
1 125 VAL n 
1 126 PRO n 
1 127 HIS n 
1 128 ILE n 
1 129 GLY n 
1 130 PRO n 
1 131 ASN n 
1 132 PHE n 
1 133 HIS n 
1 134 ARG n 
1 135 LEU n 
1 136 ARG n 
1 137 ILE n 
1 138 GLY n 
1 139 ILE n 
1 140 GLY n 
1 141 HIS n 
1 142 PRO n 
1 143 GLY n 
1 144 SER n 
1 145 LYS n 
1 146 GLU n 
1 147 ARG n 
1 148 VAL n 
1 149 SER n 
1 150 GLY n 
1 151 HIS n 
1 152 VAL n 
1 153 LEU n 
1 154 GLY n 
1 155 LYS n 
1 156 ALA n 
1 157 PRO n 
1 158 SER n 
1 159 ASN n 
1 160 GLU n 
1 161 GLN n 
1 162 SER n 
1 163 LEU n 
1 164 MET n 
1 165 ASP n 
1 166 GLY n 
1 167 ALA n 
1 168 ILE n 
1 169 ASP n 
1 170 HIS n 
1 171 ALA n 
1 172 LEU n 
1 173 SER n 
1 174 LYS n 
1 175 VAL n 
1 176 LYS n 
1 177 LEU n 
1 178 LEU n 
1 179 VAL n 
1 180 GLN n 
1 181 GLY n 
1 182 GLN n 
1 183 VAL n 
1 184 PRO n 
1 185 GLN n 
1 186 ALA n 
1 187 MET n 
1 188 ASN n 
1 189 GLN n 
1 190 ILE n 
1 191 ASN n 
1 192 ALA n 
1 193 TYR n 
1 194 LYS n 
1 195 PRO n 
1 196 ALA n 
# 
_entity_src_gen.entity_id                          1 
_entity_src_gen.pdbx_src_id                        1 
_entity_src_gen.pdbx_alt_source_flag               sample 
_entity_src_gen.pdbx_seq_type                      ? 
_entity_src_gen.pdbx_beg_seq_num                   ? 
_entity_src_gen.pdbx_end_seq_num                   ? 
_entity_src_gen.gene_src_common_name               ? 
_entity_src_gen.gene_src_genus                     ? 
_entity_src_gen.pdbx_gene_src_gene                 pth 
_entity_src_gen.gene_src_species                   ? 
_entity_src_gen.gene_src_strain                    'ATCC 19606' 
_entity_src_gen.gene_src_tissue                    ? 
_entity_src_gen.gene_src_tissue_fraction           ? 
_entity_src_gen.gene_src_details                   ? 
_entity_src_gen.pdbx_gene_src_fragment             ? 
_entity_src_gen.pdbx_gene_src_scientific_name      'Acinetobacter baumannii' 
_entity_src_gen.pdbx_gene_src_ncbi_taxonomy_id     575584 
_entity_src_gen.pdbx_gene_src_variant              ? 
_entity_src_gen.pdbx_gene_src_cell_line            ? 
_entity_src_gen.pdbx_gene_src_atcc                 ? 
_entity_src_gen.pdbx_gene_src_organ                ? 
_entity_src_gen.pdbx_gene_src_organelle            ? 
_entity_src_gen.pdbx_gene_src_cell                 ? 
_entity_src_gen.pdbx_gene_src_cellular_location    ? 
_entity_src_gen.host_org_common_name               ? 
_entity_src_gen.pdbx_host_org_scientific_name      'Escherichia coli' 
_entity_src_gen.pdbx_host_org_ncbi_taxonomy_id     562 
_entity_src_gen.host_org_genus                     ? 
_entity_src_gen.pdbx_host_org_gene                 ? 
_entity_src_gen.pdbx_host_org_organ                ? 
_entity_src_gen.host_org_species                   ? 
_entity_src_gen.pdbx_host_org_tissue               ? 
_entity_src_gen.pdbx_host_org_tissue_fraction      ? 
_entity_src_gen.pdbx_host_org_strain               ? 
_entity_src_gen.pdbx_host_org_variant              ? 
_entity_src_gen.pdbx_host_org_cell_line            ? 
_entity_src_gen.pdbx_host_org_atcc                 ? 
_entity_src_gen.pdbx_host_org_culture_collection   ? 
_entity_src_gen.pdbx_host_org_cell                 ? 
_entity_src_gen.pdbx_host_org_organelle            ? 
_entity_src_gen.pdbx_host_org_cellular_location    ? 
_entity_src_gen.pdbx_host_org_vector_type          ? 
_entity_src_gen.pdbx_host_org_vector               ? 
_entity_src_gen.host_org_details                   ? 
_entity_src_gen.expression_system_id               ? 
_entity_src_gen.plasmid_name                       ? 
_entity_src_gen.plasmid_details                    ? 
_entity_src_gen.pdbx_description                   ? 
# 
_struct_ref.id                         1 
_struct_ref.db_name                    UNP 
_struct_ref.db_code                    D0C9L6_ACIBA 
_struct_ref.pdbx_db_accession          D0C9L6 
_struct_ref.entity_id                  1 
_struct_ref.pdbx_seq_one_letter_code   
;MSNISLIVGLGNPGSEYAQTRHNAGFWFVEQLADKYGITLKNDPKFHGISGRGNIEGHDVRLLLPMTYMNRSGQSVVPFS
KFYQIAPEAILIAHDELDMNPGVIRLKTGGGHGGHNGLRDIVPHIGPNFHRLRIGIGHPGSKERVSGHVLGKAPSNEQSL
MDGAIDHALSKVKLLVQGQVPQAMNQINAYKPA
;
_struct_ref.pdbx_align_begin           1 
_struct_ref.pdbx_db_isoform            ? 
# 
_struct_ref_seq.align_id                      1 
_struct_ref_seq.ref_id                        1 
_struct_ref_seq.pdbx_PDB_id_code              4OLJ 
_struct_ref_seq.pdbx_strand_id                A 
_struct_ref_seq.seq_align_beg                 4 
_struct_ref_seq.pdbx_seq_align_beg_ins_code   ? 
_struct_ref_seq.seq_align_end                 196 
_struct_ref_seq.pdbx_seq_align_end_ins_code   ? 
_struct_ref_seq.pdbx_db_accession             D0C9L6 
_struct_ref_seq.db_align_beg                  1 
_struct_ref_seq.pdbx_db_align_beg_ins_code    ? 
_struct_ref_seq.db_align_end                  193 
_struct_ref_seq.pdbx_db_align_end_ins_code    ? 
_struct_ref_seq.pdbx_auth_seq_align_beg       1 
_struct_ref_seq.pdbx_auth_seq_align_end       193 
# 
loop_
_struct_ref_seq_dif.align_id 
_struct_ref_seq_dif.pdbx_pdb_id_code 
_struct_ref_seq_dif.mon_id 
_struct_ref_seq_dif.pdbx_pdb_strand_id 
_struct_ref_seq_dif.seq_num 
_struct_ref_seq_dif.pdbx_pdb_ins_code 
_struct_ref_seq_dif.pdbx_seq_db_name 
_struct_ref_seq_dif.pdbx_seq_db_accession_code 
_struct_ref_seq_dif.db_mon_id 
_struct_ref_seq_dif.pdbx_seq_db_seq_num 
_struct_ref_seq_dif.details 
_struct_ref_seq_dif.pdbx_auth_seq_num 
_struct_ref_seq_dif.pdbx_ordinal 
1 4OLJ GLY A 1   ? UNP D0C9L6 ?   ?   'expression tag'      -2  1 
1 4OLJ SER A 2   ? UNP D0C9L6 ?   ?   'expression tag'      -1  2 
1 4OLJ HIS A 3   ? UNP D0C9L6 ?   ?   'expression tag'      0   3 
1 4OLJ GLN A 122 ? UNP D0C9L6 ARG 119 'engineered mutation' 119 4 
# 
loop_
_chem_comp.id 
_chem_comp.type 
_chem_comp.mon_nstd_flag 
_chem_comp.name 
_chem_comp.pdbx_synonyms 
_chem_comp.formula 
_chem_comp.formula_weight 
ALA 'L-peptide linking' y ALANINE              ?                               'C3 H7 N O2'     89.093  
ARG 'L-peptide linking' y ARGININE             ?                               'C6 H15 N4 O2 1' 175.209 
ASN 'L-peptide linking' y ASPARAGINE           ?                               'C4 H8 N2 O3'    132.118 
ASP 'L-peptide linking' y 'ASPARTIC ACID'      ?                               'C4 H7 N O4'     133.103 
GLN 'L-peptide linking' y GLUTAMINE            ?                               'C5 H10 N2 O3'   146.144 
GLU 'L-peptide linking' y 'GLUTAMIC ACID'      ?                               'C5 H9 N O4'     147.129 
GLY 'peptide linking'   y GLYCINE              ?                               'C2 H5 N O2'     75.067  
GOL non-polymer         . GLYCEROL             'GLYCERIN; PROPANE-1,2,3-TRIOL' 'C3 H8 O3'       92.094  
HIS 'L-peptide linking' y HISTIDINE            ?                               'C6 H10 N3 O2 1' 156.162 
HOH non-polymer         . WATER                ?                               'H2 O'           18.015  
ILE 'L-peptide linking' y ISOLEUCINE           ?                               'C6 H13 N O2'    131.173 
LEU 'L-peptide linking' y LEUCINE              ?                               'C6 H13 N O2'    131.173 
LYS 'L-peptide linking' y LYSINE               ?                               'C6 H15 N2 O2 1' 147.195 
MET 'L-peptide linking' y METHIONINE           ?                               'C5 H11 N O2 S'  149.211 
PHE 'L-peptide linking' y PHENYLALANINE        ?                               'C9 H11 N O2'    165.189 
PRO 'L-peptide linking' y PROLINE              ?                               'C5 H9 N O2'     115.130 
SER 'L-peptide linking' y SERINE               ?                               'C3 H7 N O3'     105.093 
THR 'L-peptide linking' y THREONINE            ?                               'C4 H9 N O3'     119.119 
TLA non-polymer         . 'L(+)-TARTARIC ACID' ?                               'C4 H6 O6'       150.087 
TRP 'L-peptide linking' y TRYPTOPHAN           ?                               'C11 H12 N2 O2'  204.225 
TYR 'L-peptide linking' y TYROSINE             ?                               'C9 H11 N O3'    181.189 
VAL 'L-peptide linking' y VALINE               ?                               'C5 H11 N O2'    117.146 
# 
_exptl.entry_id          4OLJ 
_exptl.method            'X-RAY DIFFRACTION' 
_exptl.crystals_number   1 
# 
_exptl_crystal.id                    1 
_exptl_crystal.density_meas          ? 
_exptl_crystal.density_Matthews      2.01 
_exptl_crystal.density_percent_sol   38.88 
_exptl_crystal.description           ? 
_exptl_crystal.F_000                 ? 
_exptl_crystal.preparation           ? 
# 
_exptl_crystal_grow.crystal_id      1 
_exptl_crystal_grow.method          'VAPOR DIFFUSION, HANGING DROP' 
_exptl_crystal_grow.temp            298 
_exptl_crystal_grow.temp_details    ? 
_exptl_crystal_grow.pH              7.5 
_exptl_crystal_grow.pdbx_details    '50mM HEPES, PEG 400, PEG 1500, pH 7.5, VAPOR DIFFUSION, HANGING DROP, temperature 298K' 
_exptl_crystal_grow.pdbx_pH_range   . 
# 
_diffrn.id                     1 
_diffrn.ambient_temp           77 
_diffrn.ambient_temp_details   ? 
_diffrn.crystal_id             1 
# 
_diffrn_detector.diffrn_id              1 
_diffrn_detector.detector               CCD 
_diffrn_detector.type                   MARRESEARCH 
_diffrn_detector.pdbx_collection_date   2013-11-29 
_diffrn_detector.details                Mirror 
# 
_diffrn_radiation.diffrn_id                        1 
_diffrn_radiation.wavelength_id                    1 
_diffrn_radiation.pdbx_monochromatic_or_laue_m_l   M 
_diffrn_radiation.monochromator                    Graphite 
_diffrn_radiation.pdbx_diffrn_protocol             'SINGLE WAVELENGTH' 
_diffrn_radiation.pdbx_scattering_type             x-ray 
# 
_diffrn_radiation_wavelength.id           1 
_diffrn_radiation_wavelength.wavelength   0.97 
_diffrn_radiation_wavelength.wt           1.0 
# 
_diffrn_source.diffrn_id                   1 
_diffrn_source.source                      SYNCHROTRON 
_diffrn_source.type                        'ESRF BEAMLINE BM14' 
_diffrn_source.pdbx_synchrotron_site       ESRF 
_diffrn_source.pdbx_synchrotron_beamline   BM14 
_diffrn_source.pdbx_wavelength             ? 
_diffrn_source.pdbx_wavelength_list        0.97 
# 
_reflns.entry_id                     4OLJ 
_reflns.observed_criterion_sigma_I   0 
_reflns.observed_criterion_sigma_F   0 
_reflns.d_resolution_low             50 
_reflns.d_resolution_high            1.49 
_reflns.number_obs                   26963 
_reflns.number_all                   26963 
_reflns.percent_possible_obs         99.1 
_reflns.pdbx_Rmerge_I_obs            ? 
_reflns.pdbx_Rsym_value              0.067 
_reflns.pdbx_netI_over_sigmaI        32.9 
_reflns.B_iso_Wilson_estimate        ? 
_reflns.pdbx_redundancy              ? 
_reflns.R_free_details               ? 
_reflns.limit_h_max                  ? 
_reflns.limit_h_min                  ? 
_reflns.limit_k_max                  ? 
_reflns.limit_k_min                  ? 
_reflns.limit_l_max                  ? 
_reflns.limit_l_min                  ? 
_reflns.observed_criterion_F_max     ? 
_reflns.observed_criterion_F_min     ? 
_reflns.pdbx_chi_squared             ? 
_reflns.pdbx_scaling_rejects         ? 
_reflns.pdbx_ordinal                 1 
_reflns.pdbx_diffrn_id               1 
# 
_reflns_shell.d_res_high                  1.49 
_reflns_shell.d_res_low                   1.52 
_reflns_shell.percent_possible_all        94.4 
_reflns_shell.Rmerge_I_obs                ? 
_reflns_shell.pdbx_Rsym_value             0.457 
_reflns_shell.meanI_over_sigI_obs         2.1 
_reflns_shell.pdbx_redundancy             ? 
_reflns_shell.percent_possible_obs        ? 
_reflns_shell.number_unique_all           26963 
_reflns_shell.number_measured_all         ? 
_reflns_shell.number_measured_obs         ? 
_reflns_shell.number_unique_obs           ? 
_reflns_shell.pdbx_chi_squared            ? 
_reflns_shell.pdbx_rejects                ? 
_reflns_shell.pdbx_netI_over_sigmaI_obs   ? 
_reflns_shell.number_possible             ? 
_reflns_shell.Rmerge_F_all                ? 
_reflns_shell.Rmerge_F_obs                ? 
_reflns_shell.Rmerge_I_all                ? 
_reflns_shell.meanI_over_sigI_all         ? 
_reflns_shell.pdbx_Rrim_I_all             ? 
_reflns_shell.pdbx_Rpim_I_all             ? 
_reflns_shell.pdbx_ordinal                1 
_reflns_shell.pdbx_diffrn_id              1 
# 
_refine.entry_id                                 4OLJ 
_refine.ls_number_reflns_obs                     26963 
_refine.ls_number_reflns_all                     ? 
_refine.pdbx_ls_sigma_I                          ? 
_refine.pdbx_ls_sigma_F                          ? 
_refine.pdbx_data_cutoff_high_absF               ? 
_refine.pdbx_data_cutoff_low_absF                ? 
_refine.pdbx_data_cutoff_high_rms_absF           ? 
_refine.ls_d_res_low                             49.79 
_refine.ls_d_res_high                            1.49 
_refine.ls_percent_reflns_obs                    99.13 
_refine.ls_R_factor_obs                          0.15967 
_refine.ls_R_factor_all                          ? 
_refine.ls_R_factor_R_work                       0.15788 
_refine.ls_R_factor_R_free                       0.19243 
_refine.ls_R_factor_R_free_error                 ? 
_refine.ls_R_factor_R_free_error_details         ? 
_refine.ls_percent_reflns_R_free                 5.1 
_refine.ls_number_reflns_R_free                  1435 
_refine.ls_number_parameters                     ? 
_refine.ls_number_restraints                     ? 
_refine.occupancy_min                            ? 
_refine.occupancy_max                            ? 
_refine.correlation_coeff_Fo_to_Fc               0.971 
_refine.correlation_coeff_Fo_to_Fc_free          0.957 
_refine.B_iso_mean                               18.904 
_refine.aniso_B[1][1]                            -0.31 
_refine.aniso_B[2][2]                            0.20 
_refine.aniso_B[3][3]                            0.11 
_refine.aniso_B[1][2]                            0.00 
_refine.aniso_B[1][3]                            0.00 
_refine.aniso_B[2][3]                            0.00 
_refine.solvent_model_details                    MASK 
_refine.solvent_model_param_ksol                 ? 
_refine.solvent_model_param_bsol                 ? 
_refine.pdbx_solvent_vdw_probe_radii             1.40 
_refine.pdbx_solvent_ion_probe_radii             0.80 
_refine.pdbx_solvent_shrinkage_radii             0.80 
_refine.pdbx_ls_cross_valid_method               THROUGHOUT 
_refine.details                                  'HYDROGENS HAVE BEEN ADDED IN THE RIDING POSITIONS' 
_refine.pdbx_starting_model                      4LWQ 
_refine.pdbx_method_to_determine_struct          'MOLECULAR REPLACEMENT' 
_refine.pdbx_isotropic_thermal_model             ? 
_refine.pdbx_stereochemistry_target_values       'MAXIMUM LIKELIHOOD' 
_refine.pdbx_stereochem_target_val_spec_case     ? 
_refine.pdbx_R_Free_selection_details            RANDOM 
_refine.pdbx_overall_ESU_R                       0.071 
_refine.pdbx_overall_ESU_R_Free                  0.075 
_refine.overall_SU_ML                            0.043 
_refine.pdbx_overall_phase_error                 ? 
_refine.overall_SU_B                             1.141 
_refine.overall_SU_R_Cruickshank_DPI             ? 
_refine.ls_redundancy_reflns_obs                 ? 
_refine.B_iso_min                                ? 
_refine.B_iso_max                                ? 
_refine.overall_SU_R_free                        ? 
_refine.ls_wR_factor_R_free                      ? 
_refine.ls_wR_factor_R_work                      ? 
_refine.overall_FOM_free_R_set                   ? 
_refine.overall_FOM_work_R_set                   ? 
_refine.pdbx_diffrn_id                           1 
_refine.pdbx_refine_id                           'X-RAY DIFFRACTION' 
_refine.pdbx_TLS_residual_ADP_flag               ? 
_refine.pdbx_overall_SU_R_free_Cruickshank_DPI   ? 
_refine.pdbx_overall_SU_R_Blow_DPI               ? 
_refine.pdbx_overall_SU_R_free_Blow_DPI          ? 
# 
_refine_hist.pdbx_refine_id                   'X-RAY DIFFRACTION' 
_refine_hist.cycle_id                         LAST 
_refine_hist.pdbx_number_atoms_protein        1494 
_refine_hist.pdbx_number_atoms_nucleic_acid   0 
_refine_hist.pdbx_number_atoms_ligand         16 
_refine_hist.number_atoms_solvent             226 
_refine_hist.number_atoms_total               1736 
_refine_hist.d_res_high                       1.49 
_refine_hist.d_res_low                        49.79 
# 
loop_
_refine_ls_restr.type 
_refine_ls_restr.dev_ideal 
_refine_ls_restr.dev_ideal_target 
_refine_ls_restr.weight 
_refine_ls_restr.number 
_refine_ls_restr.pdbx_restraint_function 
_refine_ls_restr.pdbx_refine_id 
r_bond_refined_d       0.029  0.021  ? 1547 ? 'X-RAY DIFFRACTION' 
r_angle_refined_deg    2.429  1.957  ? 2089 ? 'X-RAY DIFFRACTION' 
r_dihedral_angle_1_deg 5.880  5.000  ? 195  ? 'X-RAY DIFFRACTION' 
r_dihedral_angle_2_deg 35.176 24.286 ? 70   ? 'X-RAY DIFFRACTION' 
r_dihedral_angle_3_deg 14.458 15.000 ? 254  ? 'X-RAY DIFFRACTION' 
r_dihedral_angle_4_deg 15.970 15.000 ? 8    ? 'X-RAY DIFFRACTION' 
r_chiral_restr         0.172  0.200  ? 220  ? 'X-RAY DIFFRACTION' 
r_gen_planes_refined   0.014  0.021  ? 1196 ? 'X-RAY DIFFRACTION' 
r_mcbond_it            1.539  1.500  ? 966  ? 'X-RAY DIFFRACTION' 
r_mcangle_it           2.491  2.000  ? 1545 ? 'X-RAY DIFFRACTION' 
r_scbond_it            3.848  3.000  ? 581  ? 'X-RAY DIFFRACTION' 
r_scangle_it           6.157  4.500  ? 544  ? 'X-RAY DIFFRACTION' 
# 
_refine_ls_shell.pdbx_refine_id                   'X-RAY DIFFRACTION' 
_refine_ls_shell.pdbx_total_number_of_bins_used   20 
_refine_ls_shell.d_res_high                       1.492 
_refine_ls_shell.d_res_low                        1.52 
_refine_ls_shell.number_reflns_R_work             1854 
_refine_ls_shell.R_factor_R_work                  0.269 
_refine_ls_shell.percent_reflns_obs               93.76 
_refine_ls_shell.R_factor_R_free                  0.255 
_refine_ls_shell.R_factor_R_free_error            ? 
_refine_ls_shell.percent_reflns_R_free            ? 
_refine_ls_shell.number_reflns_R_free             83 
_refine_ls_shell.number_reflns_all                ? 
_refine_ls_shell.R_factor_all                     ? 
_refine_ls_shell.number_reflns_obs                ? 
_refine_ls_shell.redundancy_reflns_obs            ? 
# 
_struct.entry_id                  4OLJ 
_struct.title                     
'Crystal structure of Arg119Gln mutant of Peptidyl-tRNA Hydrolase from Acinetobacter Baumannii at 1.49 A resolution' 
_struct.pdbx_model_details        ? 
_struct.pdbx_CASP_flag            ? 
_struct.pdbx_model_type_details   ? 
# 
_struct_keywords.entry_id        4OLJ 
_struct_keywords.pdbx_keywords   HYDROLASE 
_struct_keywords.text            'Peptidyl-tRNA hydrolase, HYDROLASE' 
# 
loop_
_struct_asym.id 
_struct_asym.pdbx_blank_PDB_chainid_flag 
_struct_asym.pdbx_modified 
_struct_asym.entity_id 
_struct_asym.details 
A N N 1 ? 
B N N 2 ? 
C N N 3 ? 
D N N 4 ? 
# 
_struct_biol.id        1 
_struct_biol.details   ? 
# 
loop_
_struct_conf.conf_type_id 
_struct_conf.id 
_struct_conf.pdbx_PDB_helix_id 
_struct_conf.beg_label_comp_id 
_struct_conf.beg_label_asym_id 
_struct_conf.beg_label_seq_id 
_struct_conf.pdbx_beg_PDB_ins_code 
_struct_conf.end_label_comp_id 
_struct_conf.end_label_asym_id 
_struct_conf.end_label_seq_id 
_struct_conf.pdbx_end_PDB_ins_code 
_struct_conf.beg_auth_comp_id 
_struct_conf.beg_auth_asym_id 
_struct_conf.beg_auth_seq_id 
_struct_conf.end_auth_comp_id 
_struct_conf.end_auth_asym_id 
_struct_conf.end_auth_seq_id 
_struct_conf.pdbx_PDB_helix_class 
_struct_conf.details 
_struct_conf.pdbx_PDB_helix_length 
HELX_P HELX_P1  1  THR A 23  ? HIS A 25  ? THR A 20  HIS A 22  5 ? 3  
HELX_P HELX_P2  2  ASN A 26  ? GLY A 40  ? ASN A 23  GLY A 37  1 ? 15 
HELX_P HELX_P3  3  PRO A 47  ? PHE A 49  ? PRO A 44  PHE A 46  5 ? 3  
HELX_P HELX_P4  4  TYR A 71  ? ARG A 74  ? TYR A 68  ARG A 71  5 ? 4  
HELX_P HELX_P5  5  SER A 75  ? TYR A 86  ? SER A 72  TYR A 83  1 ? 12 
HELX_P HELX_P6  6  ALA A 89  ? GLU A 91  ? ALA A 86  GLU A 88  5 ? 3  
HELX_P HELX_P7  7  HIS A 118 ? ASP A 123 ? HIS A 115 ASP A 120 1 ? 6  
HELX_P HELX_P8  8  ILE A 124 ? GLY A 129 ? ILE A 121 GLY A 126 1 ? 6  
HELX_P HELX_P9  9  ARG A 147 ? LEU A 153 ? ARG A 144 LEU A 150 1 ? 7  
HELX_P HELX_P10 10 PRO A 157 ? SER A 173 ? PRO A 154 SER A 170 1 ? 17 
HELX_P HELX_P11 11 LYS A 174 ? GLN A 180 ? LYS A 171 GLN A 177 1 ? 7  
HELX_P HELX_P12 12 GLN A 182 ? ALA A 192 ? GLN A 179 ALA A 189 1 ? 11 
# 
_struct_conf_type.id          HELX_P 
_struct_conf_type.criteria    ? 
_struct_conf_type.reference   ? 
# 
_struct_sheet.id               A 
_struct_sheet.type             ? 
_struct_sheet.number_strands   7 
_struct_sheet.details          ? 
# 
loop_
_struct_sheet_order.sheet_id 
_struct_sheet_order.range_id_1 
_struct_sheet_order.range_id_2 
_struct_sheet_order.offset 
_struct_sheet_order.sense 
A 1 2 ? anti-parallel 
A 2 3 ? anti-parallel 
A 3 4 ? parallel      
A 4 5 ? parallel      
A 5 6 ? parallel      
A 6 7 ? anti-parallel 
# 
loop_
_struct_sheet_range.sheet_id 
_struct_sheet_range.id 
_struct_sheet_range.beg_label_comp_id 
_struct_sheet_range.beg_label_asym_id 
_struct_sheet_range.beg_label_seq_id 
_struct_sheet_range.pdbx_beg_PDB_ins_code 
_struct_sheet_range.end_label_comp_id 
_struct_sheet_range.end_label_asym_id 
_struct_sheet_range.end_label_seq_id 
_struct_sheet_range.pdbx_end_PDB_ins_code 
_struct_sheet_range.beg_auth_comp_id 
_struct_sheet_range.beg_auth_asym_id 
_struct_sheet_range.beg_auth_seq_id 
_struct_sheet_range.end_auth_comp_id 
_struct_sheet_range.end_auth_asym_id 
_struct_sheet_range.end_auth_seq_id 
A 1 LYS A 44  ? ASP A 46  ? LYS A 41  ASP A 43  
A 2 GLY A 51  ? ILE A 58  ? GLY A 48  ILE A 55  
A 3 HIS A 61  ? PRO A 68  ? HIS A 58  PRO A 65  
A 4 LEU A 9   ? GLY A 12  ? LEU A 6   GLY A 9   
A 5 ILE A 93  ? GLU A 99  ? ILE A 90  GLU A 96  
A 6 HIS A 133 ? GLY A 138 ? HIS A 130 GLY A 135 
A 7 ILE A 107 ? THR A 111 ? ILE A 104 THR A 108 
# 
loop_
_pdbx_struct_sheet_hbond.sheet_id 
_pdbx_struct_sheet_hbond.range_id_1 
_pdbx_struct_sheet_hbond.range_id_2 
_pdbx_struct_sheet_hbond.range_1_label_atom_id 
_pdbx_struct_sheet_hbond.range_1_label_comp_id 
_pdbx_struct_sheet_hbond.range_1_label_asym_id 
_pdbx_struct_sheet_hbond.range_1_label_seq_id 
_pdbx_struct_sheet_hbond.range_1_PDB_ins_code 
_pdbx_struct_sheet_hbond.range_1_auth_atom_id 
_pdbx_struct_sheet_hbond.range_1_auth_comp_id 
_pdbx_struct_sheet_hbond.range_1_auth_asym_id 
_pdbx_struct_sheet_hbond.range_1_auth_seq_id 
_pdbx_struct_sheet_hbond.range_2_label_atom_id 
_pdbx_struct_sheet_hbond.range_2_label_comp_id 
_pdbx_struct_sheet_hbond.range_2_label_asym_id 
_pdbx_struct_sheet_hbond.range_2_label_seq_id 
_pdbx_struct_sheet_hbond.range_2_PDB_ins_code 
_pdbx_struct_sheet_hbond.range_2_auth_atom_id 
_pdbx_struct_sheet_hbond.range_2_auth_comp_id 
_pdbx_struct_sheet_hbond.range_2_auth_asym_id 
_pdbx_struct_sheet_hbond.range_2_auth_seq_id 
A 1 2 N LYS A 44  ? N LYS A 41  O SER A 53  ? O SER A 50  
A 2 3 N ILE A 52  ? N ILE A 49  O LEU A 67  ? O LEU A 64  
A 3 4 O LEU A 66  ? O LEU A 63  N GLY A 12  ? N GLY A 9   
A 4 5 N VAL A 11  ? N VAL A 8   O ALA A 96  ? O ALA A 93  
A 5 6 N HIS A 97  ? N HIS A 94  O ILE A 137 ? O ILE A 134 
A 6 7 O ARG A 136 ? O ARG A 133 N ARG A 108 ? N ARG A 105 
# 
loop_
_struct_site.id 
_struct_site.pdbx_evidence_code 
_struct_site.pdbx_auth_asym_id 
_struct_site.pdbx_auth_comp_id 
_struct_site.pdbx_auth_seq_id 
_struct_site.pdbx_auth_ins_code 
_struct_site.pdbx_num_residues 
_struct_site.details 
AC1 Software A GOL 201 ? 7 'BINDING SITE FOR RESIDUE GOL A 201' 
AC2 Software A TLA 202 ? 7 'BINDING SITE FOR RESIDUE TLA A 202' 
# 
loop_
_struct_site_gen.id 
_struct_site_gen.site_id 
_struct_site_gen.pdbx_num_res 
_struct_site_gen.label_comp_id 
_struct_site_gen.label_asym_id 
_struct_site_gen.label_seq_id 
_struct_site_gen.pdbx_auth_ins_code 
_struct_site_gen.auth_comp_id 
_struct_site_gen.auth_asym_id 
_struct_site_gen.auth_seq_id 
_struct_site_gen.label_atom_id 
_struct_site_gen.label_alt_id 
_struct_site_gen.symmetry 
_struct_site_gen.details 
1  AC1 7 GLY A 17  ? GLY A 14  . ? 1_555 ? 
2  AC1 7 PHE A 29  ? PHE A 26  . ? 1_555 ? 
3  AC1 7 GLU A 33  ? GLU A 30  . ? 1_555 ? 
4  AC1 7 MET A 69  ? MET A 66  . ? 1_555 ? 
5  AC1 7 HOH D .   ? HOH A 311 . ? 1_555 ? 
6  AC1 7 HOH D .   ? HOH A 367 . ? 1_555 ? 
7  AC1 7 HOH D .   ? HOH A 500 . ? 1_555 ? 
8  AC2 7 ASN A 15  ? ASN A 12  . ? 1_555 ? 
9  AC2 7 HIS A 25  ? HIS A 22  . ? 1_555 ? 
10 AC2 7 MET A 72  ? MET A 69  . ? 1_555 ? 
11 AC2 7 ASN A 73  ? ASN A 70  . ? 1_555 ? 
12 AC2 7 ASN A 119 ? ASN A 116 . ? 1_555 ? 
13 AC2 7 HOH D .   ? HOH A 483 . ? 1_555 ? 
14 AC2 7 HOH D .   ? HOH A 489 . ? 1_555 ? 
# 
_atom_sites.entry_id                    4OLJ 
_atom_sites.fract_transf_matrix[1][1]   -0.00057040 
_atom_sites.fract_transf_matrix[1][2]   -0.01871404 
_atom_sites.fract_transf_matrix[1][3]   0.02258451 
_atom_sites.fract_transf_matrix[2][1]   0.01468219 
_atom_sites.fract_transf_matrix[2][2]   0.00280874 
_atom_sites.fract_transf_matrix[2][3]   0.00269821 
_atom_sites.fract_transf_matrix[3][1]   -0.00335869 
_atom_sites.fract_transf_matrix[3][2]   0.00982088 
_atom_sites.fract_transf_matrix[3][3]   0.00805297 
_atom_sites.fract_transf_vector[1]      -0.214521 
_atom_sites.fract_transf_vector[2]      0.132120 
_atom_sites.fract_transf_vector[3]      -0.205037 
# 
loop_
_atom_type.symbol 
C 
N 
O 
S 
# 
loop_
_atom_site.group_PDB 
_atom_site.id 
_atom_site.type_symbol 
_atom_site.label_atom_id 
_atom_site.label_alt_id 
_atom_site.label_comp_id 
_atom_site.label_asym_id 
_atom_site.label_entity_id 
_atom_site.label_seq_id 
_atom_site.pdbx_PDB_ins_code 
_atom_site.Cartn_x 
_atom_site.Cartn_y 
_atom_site.Cartn_z 
_atom_site.occupancy 
_atom_site.B_iso_or_equiv 
_atom_site.pdbx_formal_charge 
_atom_site.auth_seq_id 
_atom_site.auth_comp_id 
_atom_site.auth_asym_id 
_atom_site.auth_atom_id 
_atom_site.pdbx_PDB_model_num 
ATOM   1    N N   . GLY A 1 1   ? 9.210   16.582  10.038  1.00 29.77 ? -2  GLY A N   1 
ATOM   2    C CA  . GLY A 1 1   ? 8.583   15.251  10.404  1.00 26.56 ? -2  GLY A CA  1 
ATOM   3    C C   . GLY A 1 1   ? 7.069   15.193  10.235  1.00 25.68 ? -2  GLY A C   1 
ATOM   4    O O   . GLY A 1 1   ? 6.404   16.181  9.906   1.00 26.39 ? -2  GLY A O   1 
ATOM   5    N N   . SER A 1 2   ? 6.490   14.022  10.473  1.00 21.38 ? -1  SER A N   1 
ATOM   6    C CA  . SER A 1 2   ? 5.011   13.895  10.315  1.00 20.29 ? -1  SER A CA  1 
ATOM   7    C C   . SER A 1 2   ? 4.231   14.617  11.426  1.00 20.51 ? -1  SER A C   1 
ATOM   8    O O   . SER A 1 2   ? 4.795   15.032  12.460  1.00 20.02 ? -1  SER A O   1 
ATOM   9    C CB  . SER A 1 2   ? 4.658   12.431  10.324  1.00 21.07 ? -1  SER A CB  1 
ATOM   10   O OG  . SER A 1 2   ? 4.971   11.815  11.588  1.00 14.42 ? -1  SER A OG  1 
ATOM   11   N N   . HIS A 1 3   ? 2.953   14.792  11.202  1.00 18.87 ? 0   HIS A N   1 
ATOM   12   C CA  . HIS A 1 3   ? 2.146   15.495  12.202  1.00 21.27 ? 0   HIS A CA  1 
ATOM   13   C C   . HIS A 1 3   ? 0.883   14.682  12.482  1.00 19.00 ? 0   HIS A C   1 
ATOM   14   O O   . HIS A 1 3   ? -0.073  14.603  11.641  1.00 19.11 ? 0   HIS A O   1 
ATOM   15   C CB  . HIS A 1 3   ? 1.749   16.873  11.646  1.00 21.07 ? 0   HIS A CB  1 
ATOM   16   C CG  . HIS A 1 3   ? 1.129   17.791  12.667  1.00 26.91 ? 0   HIS A CG  1 
ATOM   17   N ND1 . HIS A 1 3   ? 1.647   17.987  13.946  1.00 28.65 ? 0   HIS A ND1 1 
ATOM   18   C CD2 . HIS A 1 3   ? 0.018   18.567  12.586  1.00 30.39 ? 0   HIS A CD2 1 
ATOM   19   C CE1 . HIS A 1 3   ? 0.874   18.855  14.588  1.00 26.41 ? 0   HIS A CE1 1 
ATOM   20   N NE2 . HIS A 1 3   ? -0.134  19.201  13.795  1.00 30.39 ? 0   HIS A NE2 1 
ATOM   21   N N   . MET A 1 4   ? 0.851   14.113  13.710  1.00 20.28 ? 1   MET A N   1 
ATOM   22   C CA  . MET A 1 4   ? -0.322  13.402  14.215  1.00 20.67 ? 1   MET A CA  1 
ATOM   23   C C   . MET A 1 4   ? -0.693  12.248  13.261  1.00 19.08 ? 1   MET A C   1 
ATOM   24   O O   . MET A 1 4   ? 0.250   11.643  12.712  1.00 19.77 ? 1   MET A O   1 
ATOM   25   C CB  . MET A 1 4   ? -1.438  14.402  14.405  1.00 23.18 ? 1   MET A CB  1 
ATOM   26   C CG  . MET A 1 4   ? -0.941  15.620  15.263  1.00 24.34 ? 1   MET A CG  1 
ATOM   27   S SD  . MET A 1 4   ? -2.460  16.433  15.789  1.00 25.49 ? 1   MET A SD  1 
ATOM   28   C CE  . MET A 1 4   ? -1.810  17.754  16.813  1.00 21.85 ? 1   MET A CE  1 
ATOM   29   N N   . SER A 1 5   ? -2.002  12.018  13.042  1.00 19.86 ? 2   SER A N   1 
ATOM   30   C CA  . SER A 1 5   ? -2.472  10.966  12.083  1.00 18.15 ? 2   SER A CA  1 
ATOM   31   C C   . SER A 1 5   ? -2.840  11.548  10.779  1.00 16.40 ? 2   SER A C   1 
ATOM   32   O O   . SER A 1 5   ? -3.546  10.885  9.984   1.00 16.98 ? 2   SER A O   1 
ATOM   33   C CB  . SER A 1 5   ? -3.649  10.143  12.631  1.00 18.79 ? 2   SER A CB  1 
ATOM   34   O OG  . SER A 1 5   ? -3.205  9.409   13.798  1.00 28.75 ? 2   SER A OG  1 
ATOM   35   N N   . ASN A 1 6   ? -2.323  12.741  10.467  1.00 15.87 ? 3   ASN A N   1 
ATOM   36   C CA  . ASN A 1 6   ? -2.386  13.158  9.060   1.00 13.48 ? 3   ASN A CA  1 
ATOM   37   C C   . ASN A 1 6   ? -1.389  12.228  8.321   1.00 15.18 ? 3   ASN A C   1 
ATOM   38   O O   . ASN A 1 6   ? -0.150  12.248  8.584   1.00 19.68 ? 3   ASN A O   1 
ATOM   39   C CB  . ASN A 1 6   ? -1.909  14.598  8.860   1.00 13.79 ? 3   ASN A CB  1 
ATOM   40   C CG  . ASN A 1 6   ? -2.930  15.677  9.410   1.00 19.65 ? 3   ASN A CG  1 
ATOM   41   O OD1 . ASN A 1 6   ? -2.723  16.863  9.178   1.00 32.16 ? 3   ASN A OD1 1 
ATOM   42   N ND2 . ASN A 1 6   ? -3.945  15.267  10.090  1.00 19.59 ? 3   ASN A ND2 1 
ATOM   43   N N   . ILE A 1 7   ? -1.909  11.495  7.338   1.00 11.34 ? 4   ILE A N   1 
ATOM   44   C CA  . ILE A 1 7   ? -0.990  10.539  6.599   1.00 10.01 ? 4   ILE A CA  1 
ATOM   45   C C   . ILE A 1 7   ? -0.035  11.422  5.814   1.00 10.08 ? 4   ILE A C   1 
ATOM   46   O O   . ILE A 1 7   ? -0.489  12.266  4.913   1.00 12.45 ? 4   ILE A O   1 
ATOM   47   C CB  . ILE A 1 7   ? -1.775  9.648   5.654   1.00 10.02 ? 4   ILE A CB  1 
ATOM   48   C CG1 . ILE A 1 7   ? -2.710  8.707   6.303   1.00 13.20 ? 4   ILE A CG1 1 
ATOM   49   C CG2 . ILE A 1 7   ? -0.828  8.825   4.626   1.00 10.75 ? 4   ILE A CG2 1 
ATOM   50   C CD1 . ILE A 1 7   ? -2.124  8.055   7.372   1.00 18.83 ? 4   ILE A CD1 1 
ATOM   51   N N   . SER A 1 8   ? 1.236   11.202  6.021   1.00 9.96  ? 5   SER A N   1 
ATOM   52   C CA  . SER A 1 8   ? 2.216   11.877  5.154   1.00 10.88 ? 5   SER A CA  1 
ATOM   53   C C   . SER A 1 8   ? 3.254   11.000  4.458   1.00 8.53  ? 5   SER A C   1 
ATOM   54   O O   . SER A 1 8   ? 4.133   11.520  3.804   1.00 10.49 ? 5   SER A O   1 
ATOM   55   C CB  . SER A 1 8   ? 2.903   12.997  5.872   1.00 14.09 ? 5   SER A CB  1 
ATOM   56   O OG  . SER A 1 8   ? 3.533   12.485  6.979   1.00 15.41 ? 5   SER A OG  1 
ATOM   57   N N   . LEU A 1 9   ? 3.152   9.688   4.645   1.00 7.85  ? 6   LEU A N   1 
ATOM   58   C CA  . LEU A 1 9   ? 3.956   8.767   3.832   1.00 6.94  ? 6   LEU A CA  1 
ATOM   59   C C   . LEU A 1 9   ? 3.014   7.667   3.417   1.00 6.95  ? 6   LEU A C   1 
ATOM   60   O O   . LEU A 1 9   ? 2.322   7.026   4.267   1.00 7.08  ? 6   LEU A O   1 
ATOM   61   C CB  . LEU A 1 9   ? 5.056   8.127   4.704   1.00 6.45  ? 6   LEU A CB  1 
ATOM   62   C CG  . LEU A 1 9   ? 5.789   7.016   3.982   1.00 5.40  ? 6   LEU A CG  1 
ATOM   63   C CD1 . LEU A 1 9   ? 6.441   7.375   2.643   1.00 8.13  ? 6   LEU A CD1 1 
ATOM   64   C CD2 . LEU A 1 9   ? 6.873   6.470   4.907   1.00 9.86  ? 6   LEU A CD2 1 
ATOM   65   N N   . ILE A 1 10  ? 2.956   7.442   2.105   1.00 6.45  ? 7   ILE A N   1 
ATOM   66   C CA  . ILE A 1 10  ? 2.149   6.366   1.511   1.00 4.89  ? 7   ILE A CA  1 
ATOM   67   C C   . ILE A 1 10  ? 3.092   5.403   0.814   1.00 6.98  ? 7   ILE A C   1 
ATOM   68   O O   . ILE A 1 10  ? 3.828   5.801   -0.087  1.00 7.62  ? 7   ILE A O   1 
ATOM   69   C CB  . ILE A 1 10  ? 1.071   6.956   0.567   1.00 6.42  ? 7   ILE A CB  1 
ATOM   70   C CG1 . ILE A 1 10  ? 0.228   7.919   1.405   1.00 8.92  ? 7   ILE A CG1 1 
ATOM   71   C CG2 . ILE A 1 10  ? 0.253   5.702   0.017   1.00 8.45  ? 7   ILE A CG2 1 
ATOM   72   C CD1 . ILE A 1 10  ? -0.901  8.590   0.508   1.00 10.28 ? 7   ILE A CD1 1 
ATOM   73   N N   . VAL A 1 11  ? 3.155   4.153   1.285   1.00 5.87  ? 8   VAL A N   1 
ATOM   74   C CA  . VAL A 1 11  ? 4.038   3.116   0.787   1.00 6.11  ? 8   VAL A CA  1 
ATOM   75   C C   . VAL A 1 11  ? 3.227   2.132   0.000   1.00 7.13  ? 8   VAL A C   1 
ATOM   76   O O   . VAL A 1 11  ? 2.106   1.760   0.436   1.00 7.56  ? 8   VAL A O   1 
ATOM   77   C CB  . VAL A 1 11  ? 4.712   2.376   1.965   1.00 6.73  ? 8   VAL A CB  1 
ATOM   78   C CG1 . VAL A 1 11  ? 5.659   1.353   1.469   1.00 8.23  ? 8   VAL A CG1 1 
ATOM   79   C CG2 . VAL A 1 11  ? 5.457   3.330   2.881   1.00 9.11  ? 8   VAL A CG2 1 
ATOM   80   N N   . GLY A 1 12  ? 3.759   1.732   -1.149  1.00 6.63  ? 9   GLY A N   1 
ATOM   81   C CA  . GLY A 1 12  ? 3.139   0.593   -1.823  1.00 7.46  ? 9   GLY A CA  1 
ATOM   82   C C   . GLY A 1 12  ? 4.082   -0.565  -1.960  1.00 7.10  ? 9   GLY A C   1 
ATOM   83   O O   . GLY A 1 12  ? 5.259   -0.408  -2.344  1.00 8.72  ? 9   GLY A O   1 
ATOM   84   N N   . LEU A 1 13  ? 3.588   -1.726  -1.482  1.00 7.50  ? 10  LEU A N   1 
ATOM   85   C CA  . LEU A 1 13  ? 4.399   -2.941  -1.516  1.00 7.08  ? 10  LEU A CA  1 
ATOM   86   C C   . LEU A 1 13  ? 4.327   -3.670  -2.853  1.00 7.83  ? 10  LEU A C   1 
ATOM   87   O O   . LEU A 1 13  ? 3.283   -3.708  -3.486  1.00 8.19  ? 10  LEU A O   1 
ATOM   88   C CB  . LEU A 1 13  ? 4.030   -3.850  -0.317  1.00 7.43  ? 10  LEU A CB  1 
ATOM   89   C CG  . LEU A 1 13  ? 4.226   -3.222  1.076   1.00 7.35  ? 10  LEU A CG  1 
ATOM   90   C CD1 . LEU A 1 13  ? 3.906   -4.177  2.190   1.00 9.63  ? 10  LEU A CD1 1 
ATOM   91   C CD2 . LEU A 1 13  ? 5.546   -2.548  1.326   1.00 7.42  ? 10  LEU A CD2 1 
ATOM   92   N N   . GLY A 1 14  ? 5.461   -4.280  -3.186  1.00 8.52  ? 11  GLY A N   1 
ATOM   93   C CA  . GLY A 1 14  ? 5.485   -5.087  -4.363  1.00 8.66  ? 11  GLY A CA  1 
ATOM   94   C C   . GLY A 1 14  ? 6.908   -5.548  -4.644  1.00 8.26  ? 11  GLY A C   1 
ATOM   95   O O   . GLY A 1 14  ? 7.852   -5.307  -3.887  1.00 10.24 ? 11  GLY A O   1 
ATOM   96   N N   . ASN A 1 15  ? 7.067   -6.188  -5.846  1.00 9.15  ? 12  ASN A N   1 
ATOM   97   C CA  . ASN A 1 15  ? 8.391   -6.537  -6.359  1.00 10.26 ? 12  ASN A CA  1 
ATOM   98   C C   . ASN A 1 15  ? 8.761   -5.698  -7.602  1.00 9.97  ? 12  ASN A C   1 
ATOM   99   O O   . ASN A 1 15  ? 7.915   -5.409  -8.430  1.00 11.23 ? 12  ASN A O   1 
ATOM   100  C CB  . ASN A 1 15  ? 8.340   -8.038  -6.759  1.00 9.56  ? 12  ASN A CB  1 
ATOM   101  C CG  . ASN A 1 15  ? 8.398   -8.918  -5.572  1.00 10.00 ? 12  ASN A CG  1 
ATOM   102  O OD1 . ASN A 1 15  ? 9.327   -8.826  -4.796  1.00 13.90 ? 12  ASN A OD1 1 
ATOM   103  N ND2 . ASN A 1 15  ? 7.439   -9.855  -5.410  1.00 11.88 ? 12  ASN A ND2 1 
ATOM   104  N N   . PRO A 1 16  ? 10.106  -5.505  -7.803  1.00 13.42 ? 13  PRO A N   1 
ATOM   105  C CA  . PRO A 1 16  ? 10.566  -4.802  -8.969  1.00 15.67 ? 13  PRO A CA  1 
ATOM   106  C C   . PRO A 1 16  ? 10.599  -5.697  -10.209 1.00 15.87 ? 13  PRO A C   1 
ATOM   107  O O   . PRO A 1 16  ? 10.674  -6.937  -10.084 1.00 18.13 ? 13  PRO A O   1 
ATOM   108  C CB  . PRO A 1 16  ? 12.018  -4.385  -8.558  1.00 14.43 ? 13  PRO A CB  1 
ATOM   109  C CG  . PRO A 1 16  ? 12.490  -5.541  -7.803  1.00 16.81 ? 13  PRO A CG  1 
ATOM   110  C CD  . PRO A 1 16  ? 11.217  -5.910  -6.926  1.00 14.40 ? 13  PRO A CD  1 
ATOM   111  N N   . GLY A 1 17  ? 10.570  -5.059  -11.362 1.00 17.00 ? 14  GLY A N   1 
ATOM   112  C CA  . GLY A 1 17  ? 10.768  -5.894  -12.542 1.00 19.04 ? 14  GLY A CA  1 
ATOM   113  C C   . GLY A 1 17  ? 9.521   -6.034  -13.361 1.00 20.58 ? 14  GLY A C   1 
ATOM   114  O O   . GLY A 1 17  ? 8.395   -6.136  -12.826 1.00 19.43 ? 14  GLY A O   1 
ATOM   115  N N   . SER A 1 18  ? 9.665   -6.047  -14.698 1.00 21.88 ? 15  SER A N   1 
ATOM   116  C CA  . SER A 1 18  ? 8.425   -6.078  -15.496 1.00 23.16 ? 15  SER A CA  1 
ATOM   117  C C   . SER A 1 18  ? 7.760   -7.440  -15.257 1.00 21.19 ? 15  SER A C   1 
ATOM   118  O O   . SER A 1 18  ? 6.542   -7.583  -15.452 1.00 21.25 ? 15  SER A O   1 
ATOM   119  C CB  . SER A 1 18  ? 8.696   -5.919  -16.997 1.00 24.12 ? 15  SER A CB  1 
ATOM   120  O OG  . SER A 1 18  ? 9.617   -6.957  -17.338 1.00 31.30 ? 15  SER A OG  1 
ATOM   121  N N   . GLU A 1 19  ? 8.537   -8.455  -14.840 1.00 22.17 ? 16  GLU A N   1 
ATOM   122  C CA  . GLU A 1 19  ? 7.976   -9.770  -14.666 1.00 21.77 ? 16  GLU A CA  1 
ATOM   123  C C   . GLU A 1 19  ? 7.025   -9.905  -13.443 1.00 21.37 ? 16  GLU A C   1 
ATOM   124  O O   . GLU A 1 19  ? 6.238   -10.843 -13.322 1.00 21.56 ? 16  GLU A O   1 
ATOM   125  C CB  . GLU A 1 19  ? 9.090   -10.834 -14.652 1.00 25.58 ? 16  GLU A CB  1 
ATOM   126  C CG  . GLU A 1 19  ? 9.963   -10.797 -13.452 1.00 27.35 ? 16  GLU A CG  1 
ATOM   127  C CD  . GLU A 1 19  ? 11.166  -9.847  -13.475 1.00 32.97 ? 16  GLU A CD  1 
ATOM   128  O OE1 . GLU A 1 19  ? 11.132  -8.769  -14.117 1.00 30.34 ? 16  GLU A OE1 1 
ATOM   129  O OE2 . GLU A 1 19  ? 12.175  -10.193 -12.767 1.00 32.60 ? 16  GLU A OE2 1 
ATOM   130  N N   . TYR A 1 20  ? 7.070   -8.906  -12.552 1.00 16.26 ? 17  TYR A N   1 
ATOM   131  C CA  . TYR A 1 20  ? 6.200   -8.956  -11.436 1.00 13.85 ? 17  TYR A CA  1 
ATOM   132  C C   . TYR A 1 20  ? 5.196   -7.864  -11.473 1.00 12.45 ? 17  TYR A C   1 
ATOM   133  O O   . TYR A 1 20  ? 4.288   -7.882  -10.658 1.00 10.76 ? 17  TYR A O   1 
ATOM   134  C CB  . TYR A 1 20  ? 7.033   -8.756  -10.100 1.00 12.19 ? 17  TYR A CB  1 
ATOM   135  C CG  . TYR A 1 20  ? 7.923   -9.921  -9.809  1.00 15.51 ? 17  TYR A CG  1 
ATOM   136  C CD1 . TYR A 1 20  ? 7.483   -10.996 -9.112  1.00 19.70 ? 17  TYR A CD1 1 
ATOM   137  C CD2 . TYR A 1 20  ? 9.230   -9.840  -10.131 1.00 18.95 ? 17  TYR A CD2 1 
ATOM   138  C CE1 . TYR A 1 20  ? 8.319   -12.049 -8.816  1.00 26.39 ? 17  TYR A CE1 1 
ATOM   139  C CE2 . TYR A 1 20  ? 10.082  -10.865 -9.844  1.00 24.86 ? 17  TYR A CE2 1 
ATOM   140  C CZ  . TYR A 1 20  ? 9.617   -11.959 -9.195  1.00 24.66 ? 17  TYR A CZ  1 
ATOM   141  O OH  . TYR A 1 20  ? 10.538  -12.974 -8.921  1.00 28.50 ? 17  TYR A OH  1 
ATOM   142  N N   . ALA A 1 21  ? 5.309   -6.917  -12.376 1.00 12.85 ? 18  ALA A N   1 
ATOM   143  C CA  . ALA A 1 21  ? 4.426   -5.775  -12.325 1.00 14.47 ? 18  ALA A CA  1 
ATOM   144  C C   . ALA A 1 21  ? 2.948   -6.068  -12.353 1.00 13.07 ? 18  ALA A C   1 
ATOM   145  O O   . ALA A 1 21  ? 2.173   -5.253  -11.799 1.00 13.61 ? 18  ALA A O   1 
ATOM   146  C CB  . ALA A 1 21  ? 4.818   -4.755  -13.447 1.00 14.30 ? 18  ALA A CB  1 
ATOM   147  N N   . GLN A 1 22  ? 2.519   -7.084  -13.118 1.00 13.48 ? 19  GLN A N   1 
ATOM   148  C CA  . GLN A 1 22  ? 1.086   -7.385  -13.203 1.00 12.94 ? 19  GLN A CA  1 
ATOM   149  C C   . GLN A 1 22  ? 0.627   -8.447  -12.245 1.00 12.57 ? 19  GLN A C   1 
ATOM   150  O O   . GLN A 1 22  ? -0.553  -8.815  -12.266 1.00 13.67 ? 19  GLN A O   1 
ATOM   151  C CB  . GLN A 1 22  ? 0.665   -7.774  -14.627 1.00 15.51 ? 19  GLN A CB  1 
ATOM   152  C CG  . GLN A 1 22  ? 1.100   -6.807  -15.652 1.00 18.37 ? 19  GLN A CG  1 
ATOM   153  C CD  . GLN A 1 22  ? 0.862   -7.306  -17.051 1.00 27.65 ? 19  GLN A CD  1 
ATOM   154  O OE1 . GLN A 1 22  ? -0.237  -7.713  -17.364 1.00 27.39 ? 19  GLN A OE1 1 
ATOM   155  N NE2 . GLN A 1 22  ? 1.887   -7.217  -17.925 1.00 32.05 ? 19  GLN A NE2 1 
ATOM   156  N N   . THR A 1 23  ? 1.483   -8.819  -11.293 1.00 10.80 ? 20  THR A N   1 
ATOM   157  C CA  . THR A 1 23  ? 1.080   -9.897  -10.355 1.00 11.18 ? 20  THR A CA  1 
ATOM   158  C C   . THR A 1 23  ? 0.359   -9.344  -9.139  1.00 10.13 ? 20  THR A C   1 
ATOM   159  O O   . THR A 1 23  ? 0.502   -8.164  -8.802  1.00 10.74 ? 20  THR A O   1 
ATOM   160  C CB  . THR A 1 23  ? 2.350   -10.719 -9.870  1.00 12.06 ? 20  THR A CB  1 
ATOM   161  O OG1 . THR A 1 23  ? 3.257   -9.959  -9.033  1.00 11.98 ? 20  THR A OG1 1 
ATOM   162  C CG2 . THR A 1 23  ? 3.139   -11.259 -11.146 1.00 12.65 ? 20  THR A CG2 1 
ATOM   163  N N   . ARG A 1 24  ? -0.475  -10.190 -8.537  1.00 9.49  ? 21  ARG A N   1 
ATOM   164  C CA  . ARG A 1 24  ? -1.314  -9.766  -7.397  1.00 9.31  ? 21  ARG A CA  1 
ATOM   165  C C   . ARG A 1 24  ? -0.515  -9.108  -6.265  1.00 8.65  ? 21  ARG A C   1 
ATOM   166  O O   . ARG A 1 24  ? -1.008  -8.205  -5.601  1.00 9.87  ? 21  ARG A O   1 
ATOM   167  C CB  . ARG A 1 24  ? -2.123  -10.956 -6.895  1.00 8.73  ? 21  ARG A CB  1 
ATOM   168  C CG  . ARG A 1 24  ? -3.102  -11.509 -7.869  1.00 8.91  ? 21  ARG A CG  1 
ATOM   169  C CD  . ARG A 1 24  ? -3.720  -12.824 -7.286  1.00 11.59 ? 21  ARG A CD  1 
ATOM   170  N NE  . ARG A 1 24  ? -4.891  -13.302 -8.093  1.00 11.48 ? 21  ARG A NE  1 
ATOM   171  C CZ  . ARG A 1 24  ? -4.809  -14.469 -8.756  1.00 11.29 ? 21  ARG A CZ  1 
ATOM   172  N NH1 . ARG A 1 24  ? -3.644  -15.136 -8.871  1.00 15.44 ? 21  ARG A NH1 1 
ATOM   173  N NH2 . ARG A 1 24  ? -5.899  -14.918 -9.326  1.00 13.17 ? 21  ARG A NH2 1 
ATOM   174  N N   . HIS A 1 25  ? 0.673   -9.652  -6.033  1.00 8.47  ? 22  HIS A N   1 
ATOM   175  C CA  . HIS A 1 25  ? 1.547   -9.178  -4.934  1.00 9.78  ? 22  HIS A CA  1 
ATOM   176  C C   . HIS A 1 25  ? 2.027   -7.796  -5.143  1.00 9.21  ? 22  HIS A C   1 
ATOM   177  O O   . HIS A 1 25  ? 2.582   -7.200  -4.210  1.00 10.49 ? 22  HIS A O   1 
ATOM   178  C CB  . HIS A 1 25  ? 2.693   -10.145 -4.763  1.00 9.95  ? 22  HIS A CB  1 
ATOM   179  C CG  . HIS A 1 25  ? 3.114   -10.479 -3.356  1.00 8.90  ? 22  HIS A CG  1 
ATOM   180  N ND1 . HIS A 1 25  ? 2.311   -10.441 -2.252  1.00 10.57 ? 22  HIS A ND1 1 
ATOM   181  C CD2 . HIS A 1 25  ? 4.323   -10.923 -2.935  1.00 11.85 ? 22  HIS A CD2 1 
ATOM   182  C CE1 . HIS A 1 25  ? 3.006   -10.810 -1.189  1.00 12.96 ? 22  HIS A CE1 1 
ATOM   183  N NE2 . HIS A 1 25  ? 4.226   -11.127 -1.581  1.00 13.83 ? 22  HIS A NE2 1 
ATOM   184  N N   . ASN A 1 26  ? 1.760   -7.221  -6.319  1.00 8.76  ? 23  ASN A N   1 
ATOM   185  C CA  . ASN A 1 26  ? 2.109   -5.808  -6.570  1.00 8.52  ? 23  ASN A CA  1 
ATOM   186  C C   . ASN A 1 26  ? 0.897   -4.901  -6.450  1.00 7.62  ? 23  ASN A C   1 
ATOM   187  O O   . ASN A 1 26  ? 0.969   -3.704  -6.943  1.00 7.97  ? 23  ASN A O   1 
ATOM   188  C CB  . ASN A 1 26  ? 2.753   -5.677  -7.952  1.00 7.92  ? 23  ASN A CB  1 
ATOM   189  C CG  . ASN A 1 26  ? 4.206   -5.892  -7.933  1.00 7.77  ? 23  ASN A CG  1 
ATOM   190  O OD1 . ASN A 1 26  ? 4.736   -6.746  -7.196  1.00 10.49 ? 23  ASN A OD1 1 
ATOM   191  N ND2 . ASN A 1 26  ? 4.937   -5.018  -8.652  1.00 10.89 ? 23  ASN A ND2 1 
ATOM   192  N N   . ALA A 1 27  ? -0.227  -5.353  -5.851  1.00 7.28  ? 24  ALA A N   1 
ATOM   193  C CA  . ALA A 1 27  ? -1.417  -4.495  -5.710  1.00 6.06  ? 24  ALA A CA  1 
ATOM   194  C C   . ALA A 1 27  ? -1.066  -3.116  -5.074  1.00 6.81  ? 24  ALA A C   1 
ATOM   195  O O   . ALA A 1 27  ? -1.616  -2.100  -5.492  1.00 7.54  ? 24  ALA A O   1 
ATOM   196  C CB  . ALA A 1 27  ? -2.573  -5.190  -4.932  1.00 8.14  ? 24  ALA A CB  1 
ATOM   197  N N   . GLY A 1 28  ? -0.169  -3.100  -4.098  1.00 7.39  ? 25  GLY A N   1 
ATOM   198  C CA  . GLY A 1 28  ? 0.220   -1.865  -3.472  1.00 7.78  ? 25  GLY A CA  1 
ATOM   199  C C   . GLY A 1 28  ? 0.916   -0.955  -4.424  1.00 8.02  ? 25  GLY A C   1 
ATOM   200  O O   . GLY A 1 28  ? 0.656   0.271   -4.377  1.00 7.47  ? 25  GLY A O   1 
ATOM   201  N N   . PHE A 1 29  ? 1.835   -1.460  -5.231  1.00 7.17  ? 26  PHE A N   1 
ATOM   202  C CA  . PHE A 1 29  ? 2.403   -0.630  -6.328  1.00 8.57  ? 26  PHE A CA  1 
ATOM   203  C C   . PHE A 1 29  ? 1.340   -0.052  -7.235  1.00 7.36  ? 26  PHE A C   1 
ATOM   204  O O   . PHE A 1 29  ? 1.449   1.144   -7.591  1.00 9.55  ? 26  PHE A O   1 
ATOM   205  C CB  . PHE A 1 29  ? 3.344   -1.408  -7.230  1.00 7.85  ? 26  PHE A CB  1 
ATOM   206  C CG  . PHE A 1 29  ? 4.761   -1.589  -6.715  1.00 7.75  ? 26  PHE A CG  1 
ATOM   207  C CD1 . PHE A 1 29  ? 5.160   -1.534  -5.338  1.00 9.34  ? 26  PHE A CD1 1 
ATOM   208  C CD2 . PHE A 1 29  ? 5.757   -1.930  -7.655  1.00 9.78  ? 26  PHE A CD2 1 
ATOM   209  C CE1 . PHE A 1 29  ? 6.435   -1.756  -4.975  1.00 7.39  ? 26  PHE A CE1 1 
ATOM   210  C CE2 . PHE A 1 29  ? 7.090   -2.162  -7.277  1.00 9.82  ? 26  PHE A CE2 1 
ATOM   211  C CZ  . PHE A 1 29  ? 7.452   -2.069  -5.910  1.00 8.66  ? 26  PHE A CZ  1 
ATOM   212  N N   . TRP A 1 30  ? 0.305   -0.811  -7.592  1.00 8.86  ? 27  TRP A N   1 
ATOM   213  C CA  . TRP A 1 30  ? -0.716  -0.275  -8.517  1.00 6.08  ? 27  TRP A CA  1 
ATOM   214  C C   . TRP A 1 30  ? -1.346  0.904   -7.887  1.00 6.73  ? 27  TRP A C   1 
ATOM   215  O O   . TRP A 1 30  ? -1.509  1.993   -8.547  1.00 8.64  ? 27  TRP A O   1 
ATOM   216  C CB  . TRP A 1 30  ? -1.783  -1.285  -8.814  1.00 9.89  ? 27  TRP A CB  1 
ATOM   217  C CG  . TRP A 1 30  ? -1.331  -2.625  -9.345  1.00 8.57  ? 27  TRP A CG  1 
ATOM   218  C CD1 . TRP A 1 30  ? -0.131  -2.941  -9.984  1.00 10.31 ? 27  TRP A CD1 1 
ATOM   219  C CD2 . TRP A 1 30  ? -2.070  -3.817  -9.231  1.00 10.56 ? 27  TRP A CD2 1 
ATOM   220  N NE1 . TRP A 1 30  ? -0.107  -4.348  -10.257 1.00 12.37 ? 27  TRP A NE1 1 
ATOM   221  C CE2 . TRP A 1 30  ? -1.267  -4.879  -9.767  1.00 9.47  ? 27  TRP A CE2 1 
ATOM   222  C CE3 . TRP A 1 30  ? -3.303  -4.115  -8.657  1.00 9.43  ? 27  TRP A CE3 1 
ATOM   223  C CZ2 . TRP A 1 30  ? -1.740  -6.173  -9.837  1.00 10.29 ? 27  TRP A CZ2 1 
ATOM   224  C CZ3 . TRP A 1 30  ? -3.734  -5.418  -8.701  1.00 9.51  ? 27  TRP A CZ3 1 
ATOM   225  C CH2 . TRP A 1 30  ? -2.933  -6.427  -9.254  1.00 10.79 ? 27  TRP A CH2 1 
ATOM   226  N N   . PHE A 1 31  ? -1.740  0.817   -6.592  1.00 7.45  ? 28  PHE A N   1 
ATOM   227  C CA  . PHE A 1 31  ? -2.414  1.921   -5.920  1.00 6.66  ? 28  PHE A CA  1 
ATOM   228  C C   . PHE A 1 31  ? -1.494  3.150   -5.870  1.00 7.01  ? 28  PHE A C   1 
ATOM   229  O O   . PHE A 1 31  ? -1.965  4.262   -6.128  1.00 7.20  ? 28  PHE A O   1 
ATOM   230  C CB  . PHE A 1 31  ? -2.814  1.462   -4.476  1.00 6.09  ? 28  PHE A CB  1 
ATOM   231  C CG  . PHE A 1 31  ? -3.358  2.626   -3.659  1.00 7.95  ? 28  PHE A CG  1 
ATOM   232  C CD1 . PHE A 1 31  ? -4.676  3.116   -3.770  1.00 9.35  ? 28  PHE A CD1 1 
ATOM   233  C CD2 . PHE A 1 31  ? -2.506  3.195   -2.694  1.00 8.42  ? 28  PHE A CD2 1 
ATOM   234  C CE1 . PHE A 1 31  ? -5.087  4.194   -2.969  1.00 9.35  ? 28  PHE A CE1 1 
ATOM   235  C CE2 . PHE A 1 31  ? -2.951  4.266   -1.928  1.00 10.93 ? 28  PHE A CE2 1 
ATOM   236  C CZ  . PHE A 1 31  ? -4.228  4.763   -2.081  1.00 9.33  ? 28  PHE A CZ  1 
ATOM   237  N N   . VAL A 1 32  ? -0.210  2.968   -5.465  1.00 6.10  ? 29  VAL A N   1 
ATOM   238  C CA  . VAL A 1 32  ? 0.656   4.184   -5.286  1.00 5.55  ? 29  VAL A CA  1 
ATOM   239  C C   . VAL A 1 32  ? 0.982   4.743   -6.599  1.00 8.74  ? 29  VAL A C   1 
ATOM   240  O O   . VAL A 1 32  ? 1.031   5.988   -6.704  1.00 8.19  ? 29  VAL A O   1 
ATOM   241  C CB  . VAL A 1 32  ? 1.835   3.827   -4.377  1.00 6.12  ? 29  VAL A CB  1 
ATOM   242  C CG1 . VAL A 1 32  ? 2.748   5.021   -4.297  1.00 8.74  ? 29  VAL A CG1 1 
ATOM   243  C CG2 . VAL A 1 32  ? 1.364   3.390   -3.010  1.00 9.20  ? 29  VAL A CG2 1 
ATOM   244  N N   . GLU A 1 33  ? 1.154   3.866   -7.640  1.00 8.76  ? 30  GLU A N   1 
ATOM   245  C CA  . GLU A 1 33  ? 1.472   4.504   -8.991  1.00 10.33 ? 30  GLU A CA  1 
ATOM   246  C C   . GLU A 1 33  ? 0.288   5.310   -9.451  1.00 11.07 ? 30  GLU A C   1 
ATOM   247  O O   . GLU A 1 33  ? 0.428   6.425   -10.060 1.00 10.35 ? 30  GLU A O   1 
ATOM   248  C CB  . GLU A 1 33  ? 1.789   3.406   -10.003 1.00 11.24 ? 30  GLU A CB  1 
ATOM   249  C CG  . GLU A 1 33  ? 3.102   2.808   -9.726  1.00 12.40 ? 30  GLU A CG  1 
ATOM   250  C CD  . GLU A 1 33  ? 3.411   1.512   -10.481 1.00 17.40 ? 30  GLU A CD  1 
ATOM   251  O OE1 . GLU A 1 33  ? 2.534   1.086   -11.218 1.00 26.19 ? 30  GLU A OE1 1 
ATOM   252  O OE2 . GLU A 1 33  ? 4.528   0.933   -10.265 1.00 21.16 ? 30  GLU A OE2 1 
ATOM   253  N N   . GLN A 1 34  ? -0.923  4.793   -9.250  1.00 9.69  ? 31  GLN A N   1 
ATOM   254  C CA  . GLN A 1 34  ? -2.142  5.462   -9.733  1.00 9.29  ? 31  GLN A CA  1 
ATOM   255  C C   . GLN A 1 34  ? -2.246  6.716   -8.888  1.00 8.42  ? 31  GLN A C   1 
ATOM   256  O O   . GLN A 1 34  ? -2.694  7.747   -9.455  1.00 8.29  ? 31  GLN A O   1 
ATOM   257  C CB  . GLN A 1 34  ? -3.394  4.629   -9.686  1.00 10.28 ? 31  GLN A CB  1 
ATOM   258  C CG  . GLN A 1 34  ? -3.296  3.519   -10.756 1.00 10.51 ? 31  GLN A CG  1 
ATOM   259  C CD  . GLN A 1 34  ? -4.396  2.555   -10.596 1.00 14.43 ? 31  GLN A CD  1 
ATOM   260  O OE1 . GLN A 1 34  ? -5.553  2.912   -10.395 1.00 23.92 ? 31  GLN A OE1 1 
ATOM   261  N NE2 . GLN A 1 34  ? -4.047  1.247   -10.705 1.00 21.80 ? 31  GLN A NE2 1 
ATOM   262  N N   . LEU A 1 35  ? -1.931  6.736   -7.579  1.00 8.72  ? 32  LEU A N   1 
ATOM   263  C CA  . LEU A 1 35  ? -2.131  7.942   -6.761  1.00 8.53  ? 32  LEU A CA  1 
ATOM   264  C C   . LEU A 1 35  ? -1.125  8.984   -7.219  1.00 8.98  ? 32  LEU A C   1 
ATOM   265  O O   . LEU A 1 35  ? -1.522  10.190  -7.304  1.00 9.92  ? 32  LEU A O   1 
ATOM   266  C CB  . LEU A 1 35  ? -1.815  7.578   -5.300  1.00 8.97  ? 32  LEU A CB  1 
ATOM   267  C CG  . LEU A 1 35  ? -2.064  8.696   -4.306  1.00 7.87  ? 32  LEU A CG  1 
ATOM   268  C CD1 . LEU A 1 35  ? -3.490  9.139   -4.331  1.00 10.56 ? 32  LEU A CD1 1 
ATOM   269  C CD2 . LEU A 1 35  ? -1.594  8.218   -2.919  1.00 10.80 ? 32  LEU A CD2 1 
ATOM   270  N N   . ALA A 1 36  ? 0.116   8.583   -7.448  1.00 8.85  ? 33  ALA A N   1 
ATOM   271  C CA  . ALA A 1 36  ? 1.107   9.492   -7.987  1.00 9.39  ? 33  ALA A CA  1 
ATOM   272  C C   . ALA A 1 36  ? 0.657   10.178  -9.290  1.00 10.05 ? 33  ALA A C   1 
ATOM   273  O O   . ALA A 1 36  ? 0.806   11.413  -9.396  1.00 11.22 ? 33  ALA A O   1 
ATOM   274  C CB  . ALA A 1 36  ? 2.394   8.782   -8.172  1.00 9.65  ? 33  ALA A CB  1 
ATOM   275  N N   . ASP A 1 37  ? 0.087   9.414   -10.214 1.00 10.30 ? 34  ASP A N   1 
ATOM   276  C CA  . ASP A 1 37  ? -0.356  10.050  -11.451 1.00 12.22 ? 34  ASP A CA  1 
ATOM   277  C C   . ASP A 1 37  ? -1.494  10.967  -11.145 1.00 11.56 ? 34  ASP A C   1 
ATOM   278  O O   . ASP A 1 37  ? -1.620  12.069  -11.767 1.00 13.29 ? 34  ASP A O   1 
ATOM   279  C CB  . ASP A 1 37  ? -0.761  8.995   -12.474 1.00 11.44 ? 34  ASP A CB  1 
ATOM   280  C CG  . ASP A 1 37  ? -1.015  9.625   -13.860 1.00 16.27 ? 34  ASP A CG  1 
ATOM   281  O OD1 . ASP A 1 37  ? -0.045  10.211  -14.330 1.00 17.55 ? 34  ASP A OD1 1 
ATOM   282  O OD2 . ASP A 1 37  ? -2.145  9.453   -14.298 1.00 24.51 ? 34  ASP A OD2 1 
ATOM   283  N N   . LYS A 1 38  ? -2.427  10.573  -10.279 1.00 10.58 ? 35  LYS A N   1 
ATOM   284  C CA  . LYS A 1 38  ? -3.570  11.419  -10.014 1.00 11.03 ? 35  LYS A CA  1 
ATOM   285  C C   . LYS A 1 38  ? -3.132  12.796  -9.532  1.00 11.17 ? 35  LYS A C   1 
ATOM   286  O O   . LYS A 1 38  ? -3.693  13.852  -10.028 1.00 11.71 ? 35  LYS A O   1 
ATOM   287  C CB  . LYS A 1 38  ? -4.532  10.786  -8.978  1.00 12.26 ? 35  LYS A CB  1 
ATOM   288  C CG  . LYS A 1 38  ? -5.683  11.650  -8.494  1.00 13.09 ? 35  LYS A CG  1 
ATOM   289  C CD  . LYS A 1 38  ? -6.501  10.751  -7.545  1.00 15.51 ? 35  LYS A CD  1 
ATOM   290  C CE  . LYS A 1 38  ? -7.675  11.534  -6.925  1.00 21.04 ? 35  LYS A CE  1 
ATOM   291  N NZ  . LYS A 1 38  ? -8.794  11.738  -7.947  1.00 20.87 ? 35  LYS A NZ  1 
ATOM   292  N N   . TYR A 1 39  ? -2.210  12.849  -8.589  1.00 10.78 ? 36  TYR A N   1 
ATOM   293  C CA  . TYR A 1 39  ? -1.760  14.120  -7.999  1.00 10.59 ? 36  TYR A CA  1 
ATOM   294  C C   . TYR A 1 39  ? -0.528  14.721  -8.634  1.00 12.08 ? 36  TYR A C   1 
ATOM   295  O O   . TYR A 1 39  ? -0.017  15.776  -8.158  1.00 14.06 ? 36  TYR A O   1 
ATOM   296  C CB  . TYR A 1 39  ? -1.621  13.968  -6.451  1.00 10.02 ? 36  TYR A CB  1 
ATOM   297  C CG  . TYR A 1 39  ? -2.947  13.866  -5.829  1.00 7.84  ? 36  TYR A CG  1 
ATOM   298  C CD1 . TYR A 1 39  ? -3.699  14.986  -5.603  1.00 11.70 ? 36  TYR A CD1 1 
ATOM   299  C CD2 . TYR A 1 39  ? -3.448  12.649  -5.420  1.00 9.39  ? 36  TYR A CD2 1 
ATOM   300  C CE1 . TYR A 1 39  ? -4.952  14.907  -5.045  1.00 10.72 ? 36  TYR A CE1 1 
ATOM   301  C CE2 . TYR A 1 39  ? -4.673  12.569  -4.815  1.00 11.24 ? 36  TYR A CE2 1 
ATOM   302  C CZ  . TYR A 1 39  ? -5.444  13.719  -4.640  1.00 11.19 ? 36  TYR A CZ  1 
ATOM   303  O OH  . TYR A 1 39  ? -6.705  13.750  -4.066  1.00 15.71 ? 36  TYR A OH  1 
ATOM   304  N N   . GLY A 1 40  ? -0.035  14.146  -9.711  1.00 11.16 ? 37  GLY A N   1 
ATOM   305  C CA  . GLY A 1 40  ? 1.195   14.716  -10.333 1.00 11.95 ? 37  GLY A CA  1 
ATOM   306  C C   . GLY A 1 40  ? 2.433   14.687  -9.457  1.00 13.55 ? 37  GLY A C   1 
ATOM   307  O O   . GLY A 1 40  ? 3.302   15.622  -9.461  1.00 14.12 ? 37  GLY A O   1 
ATOM   308  N N   . ILE A 1 41  ? 2.583   13.577  -8.695  1.00 10.60 ? 38  ILE A N   1 
ATOM   309  C CA  . ILE A 1 41  ? 3.776   13.349  -7.906  1.00 11.56 ? 38  ILE A CA  1 
ATOM   310  C C   . ILE A 1 41  ? 4.759   12.498  -8.694  1.00 10.34 ? 38  ILE A C   1 
ATOM   311  O O   . ILE A 1 41  ? 4.318   11.434  -9.257  1.00 12.19 ? 38  ILE A O   1 
ATOM   312  C CB  . ILE A 1 41  ? 3.395   12.660  -6.548  1.00 11.01 ? 38  ILE A CB  1 
ATOM   313  C CG1 . ILE A 1 41  ? 2.367   13.546  -5.824  1.00 14.55 ? 38  ILE A CG1 1 
ATOM   314  C CG2 . ILE A 1 41  ? 4.654   12.393  -5.707  1.00 11.44 ? 38  ILE A CG2 1 
ATOM   315  C CD1 . ILE A 1 41  ? 1.877   12.999  -4.529  1.00 19.47 ? 38  ILE A CD1 1 
ATOM   316  N N   . THR A 1 42  ? 5.986   13.016  -8.837  1.00 13.28 ? 39  THR A N   1 
ATOM   317  C CA  . THR A 1 42  ? 6.992   12.257  -9.610  1.00 10.58 ? 39  THR A CA  1 
ATOM   318  C C   . THR A 1 42  ? 7.573   11.121  -8.725  1.00 12.00 ? 39  THR A C   1 
ATOM   319  O O   . THR A 1 42  ? 8.039   11.434  -7.648  1.00 13.61 ? 39  THR A O   1 
ATOM   320  C CB  . THR A 1 42  ? 8.123   13.162  -10.018 1.00 12.98 ? 39  THR A CB  1 
ATOM   321  O OG1 . THR A 1 42  ? 7.559   14.127  -10.969 1.00 12.63 ? 39  THR A OG1 1 
ATOM   322  C CG2 . THR A 1 42  ? 9.221   12.433  -10.720 1.00 11.57 ? 39  THR A CG2 1 
ATOM   323  N N   . LEU A 1 43  ? 7.558   9.889   -9.251  1.00 11.91 ? 40  LEU A N   1 
ATOM   324  C CA  . LEU A 1 43  ? 8.247   8.790   -8.617  1.00 12.57 ? 40  LEU A CA  1 
ATOM   325  C C   . LEU A 1 43  ? 9.578   8.654   -9.310  1.00 13.64 ? 40  LEU A C   1 
ATOM   326  O O   . LEU A 1 43  ? 9.593   8.242   -10.477 1.00 16.10 ? 40  LEU A O   1 
ATOM   327  C CB  . LEU A 1 43  ? 7.439   7.496   -8.761  1.00 11.60 ? 40  LEU A CB  1 
ATOM   328  C CG  . LEU A 1 43  ? 6.100   7.554   -7.986  1.00 11.57 ? 40  LEU A CG  1 
ATOM   329  C CD1 . LEU A 1 43  ? 5.247   6.277   -8.363  1.00 15.01 ? 40  LEU A CD1 1 
ATOM   330  C CD2 . LEU A 1 43  ? 6.355   7.605   -6.522  1.00 13.67 ? 40  LEU A CD2 1 
ATOM   331  N N   . LYS A 1 44  ? 10.643  8.879   -8.567  1.00 13.63 ? 41  LYS A N   1 
ATOM   332  C CA  . LYS A 1 44  ? 11.964  8.889   -9.119  1.00 13.16 ? 41  LYS A CA  1 
ATOM   333  C C   . LYS A 1 44  ? 12.838  7.925   -8.373  1.00 12.27 ? 41  LYS A C   1 
ATOM   334  O O   . LYS A 1 44  ? 12.616  7.449   -7.268  1.00 12.22 ? 41  LYS A O   1 
ATOM   335  C CB  . LYS A 1 44  ? 12.517  10.345  -9.061  1.00 16.62 ? 41  LYS A CB  1 
ATOM   336  C CG  . LYS A 1 44  ? 12.823  10.912  -7.772  1.00 19.55 ? 41  LYS A CG  1 
ATOM   337  C CD  . LYS A 1 44  ? 11.934  11.969  -7.266  1.00 28.07 ? 41  LYS A CD  1 
ATOM   338  C CE  . LYS A 1 44  ? 12.310  12.300  -5.775  1.00 25.28 ? 41  LYS A CE  1 
ATOM   339  N NZ  . LYS A 1 44  ? 12.626  11.160  -4.745  1.00 29.38 ? 41  LYS A NZ  1 
ATOM   340  N N   . ASN A 1 45  ? 13.866  7.494   -9.054  1.00 13.27 ? 42  ASN A N   1 
ATOM   341  C CA  . ASN A 1 45  ? 14.812  6.627   -8.418  1.00 13.16 ? 42  ASN A CA  1 
ATOM   342  C C   . ASN A 1 45  ? 15.369  7.156   -7.058  1.00 12.62 ? 42  ASN A C   1 
ATOM   343  O O   . ASN A 1 45  ? 15.775  8.335   -6.936  1.00 14.22 ? 42  ASN A O   1 
ATOM   344  C CB  . ASN A 1 45  ? 15.970  6.591   -9.443  1.00 16.38 ? 42  ASN A CB  1 
ATOM   345  C CG  . ASN A 1 45  ? 17.044  5.576   -9.111  1.00 23.08 ? 42  ASN A CG  1 
ATOM   346  O OD1 . ASN A 1 45  ? 16.870  4.669   -8.283  1.00 26.85 ? 42  ASN A OD1 1 
ATOM   347  N ND2 . ASN A 1 45  ? 18.239  5.703   -9.852  1.00 25.47 ? 42  ASN A ND2 1 
ATOM   348  N N   . ASP A 1 46  ? 15.350  6.341   -6.007  1.00 11.40 ? 43  ASP A N   1 
ATOM   349  C CA  . ASP A 1 46  ? 15.851  6.713   -4.717  1.00 11.17 ? 43  ASP A CA  1 
ATOM   350  C C   . ASP A 1 46  ? 16.816  5.655   -4.174  1.00 13.56 ? 43  ASP A C   1 
ATOM   351  O O   . ASP A 1 46  ? 16.496  4.819   -3.362  1.00 14.72 ? 43  ASP A O   1 
ATOM   352  C CB  . ASP A 1 46  ? 14.673  6.825   -3.722  1.00 11.18 ? 43  ASP A CB  1 
ATOM   353  C CG  . ASP A 1 46  ? 15.041  7.479   -2.459  1.00 15.21 ? 43  ASP A CG  1 
ATOM   354  O OD1 . ASP A 1 46  ? 16.231  7.605   -2.092  1.00 16.40 ? 43  ASP A OD1 1 
ATOM   355  O OD2 . ASP A 1 46  ? 14.091  8.046   -1.807  1.00 14.57 ? 43  ASP A OD2 1 
ATOM   356  N N   . PRO A 1 47  ? 18.074  5.652   -4.648  1.00 12.61 ? 44  PRO A N   1 
ATOM   357  C CA  . PRO A 1 47  ? 19.004  4.617   -4.294  1.00 13.84 ? 44  PRO A CA  1 
ATOM   358  C C   . PRO A 1 47  ? 19.340  4.629   -2.853  1.00 13.28 ? 44  PRO A C   1 
ATOM   359  O O   . PRO A 1 47  ? 19.587  3.538   -2.270  1.00 14.75 ? 44  PRO A O   1 
ATOM   360  C CB  . PRO A 1 47  ? 20.254  4.976   -5.099  1.00 15.57 ? 44  PRO A CB  1 
ATOM   361  C CG  . PRO A 1 47  ? 19.943  6.142   -5.781  1.00 14.82 ? 44  PRO A CG  1 
ATOM   362  C CD  . PRO A 1 47  ? 18.549  6.624   -5.620  1.00 15.10 ? 44  PRO A CD  1 
ATOM   363  N N   . LYS A 1 48  ? 19.334  5.800   -2.257  1.00 13.99 ? 45  LYS A N   1 
ATOM   364  C CA  . LYS A 1 48  ? 19.700  5.891   -0.867  1.00 14.43 ? 45  LYS A CA  1 
ATOM   365  C C   . LYS A 1 48  ? 18.748  5.036   0.014   1.00 13.83 ? 45  LYS A C   1 
ATOM   366  O O   . LYS A 1 48  ? 19.183  4.429   0.984   1.00 16.44 ? 45  LYS A O   1 
ATOM   367  C CB  . LYS A 1 48  ? 19.688  7.367   -0.358  1.00 16.38 ? 45  LYS A CB  1 
ATOM   368  C CG  . LYS A 1 48  ? 19.847  7.468   1.140   1.00 22.34 ? 45  LYS A CG  1 
ATOM   369  C CD  . LYS A 1 48  ? 19.905  8.887   1.595   1.00 27.62 ? 45  LYS A CD  1 
ATOM   370  C CE  . LYS A 1 48  ? 20.182  8.950   3.118   1.00 30.77 ? 45  LYS A CE  1 
ATOM   371  N NZ  . LYS A 1 48  ? 21.632  9.116   3.480   1.00 32.96 ? 45  LYS A NZ  1 
ATOM   372  N N   . PHE A 1 49  ? 17.462  4.994   -0.400  1.00 12.69 ? 46  PHE A N   1 
ATOM   373  C CA  . PHE A 1 49  ? 16.476  4.213   0.373   1.00 11.43 ? 46  PHE A CA  1 
ATOM   374  C C   . PHE A 1 49  ? 15.989  3.012   -0.339  1.00 11.08 ? 46  PHE A C   1 
ATOM   375  O O   . PHE A 1 49  ? 14.914  2.439   -0.041  1.00 11.41 ? 46  PHE A O   1 
ATOM   376  C CB  . PHE A 1 49  ? 15.314  5.142   0.757   1.00 10.58 ? 46  PHE A CB  1 
ATOM   377  C CG  . PHE A 1 49  ? 15.757  6.225   1.678   1.00 11.06 ? 46  PHE A CG  1 
ATOM   378  C CD1 . PHE A 1 49  ? 16.310  5.944   2.938   1.00 12.52 ? 46  PHE A CD1 1 
ATOM   379  C CD2 . PHE A 1 49  ? 15.765  7.505   1.267   1.00 10.56 ? 46  PHE A CD2 1 
ATOM   380  C CE1 . PHE A 1 49  ? 16.811  6.928   3.794   1.00 14.70 ? 46  PHE A CE1 1 
ATOM   381  C CE2 . PHE A 1 49  ? 16.238  8.512   2.151   1.00 13.71 ? 46  PHE A CE2 1 
ATOM   382  C CZ  . PHE A 1 49  ? 16.738  8.243   3.391   1.00 12.20 ? 46  PHE A CZ  1 
ATOM   383  N N   . HIS A 1 50  ? 16.787  2.549   -1.272  1.00 12.21 ? 47  HIS A N   1 
ATOM   384  C CA  . HIS A 1 50  ? 16.500  1.313   -1.946  1.00 11.76 ? 47  HIS A CA  1 
ATOM   385  C C   . HIS A 1 50  ? 15.100  1.253   -2.468  1.00 11.93 ? 47  HIS A C   1 
ATOM   386  O O   . HIS A 1 50  ? 14.457  0.295   -2.310  1.00 12.48 ? 47  HIS A O   1 
ATOM   387  C CB  . HIS A 1 50  ? 16.768  0.115   -1.069  1.00 13.45 ? 47  HIS A CB  1 
ATOM   388  C CG  . HIS A 1 50  ? 18.107  0.175   -0.455  1.00 18.41 ? 47  HIS A CG  1 
ATOM   389  N ND1 . HIS A 1 50  ? 18.323  0.550   0.842   1.00 22.35 ? 47  HIS A ND1 1 
ATOM   390  C CD2 . HIS A 1 50  ? 19.312  0.024   -1.013  1.00 19.33 ? 47  HIS A CD2 1 
ATOM   391  C CE1 . HIS A 1 50  ? 19.615  0.581   1.071   1.00 25.55 ? 47  HIS A CE1 1 
ATOM   392  N NE2 . HIS A 1 50  ? 20.234  0.274   -0.041  1.00 25.53 ? 47  HIS A NE2 1 
ATOM   393  N N   . GLY A 1 51  ? 14.729  2.292   -3.170  1.00 10.90 ? 48  GLY A N   1 
ATOM   394  C CA  . GLY A 1 51  ? 13.341  2.406   -3.636  1.00 12.71 ? 48  GLY A CA  1 
ATOM   395  C C   . GLY A 1 51  ? 13.157  3.394   -4.759  1.00 10.81 ? 48  GLY A C   1 
ATOM   396  O O   . GLY A 1 51  ? 14.144  3.866   -5.383  1.00 11.38 ? 48  GLY A O   1 
ATOM   397  N N   . ILE A 1 52  ? 11.892  3.624   -5.109  1.00 11.07 ? 49  ILE A N   1 
ATOM   398  C CA  . ILE A 1 52  ? 11.463  4.649   -5.955  1.00 10.66 ? 49  ILE A CA  1 
ATOM   399  C C   . ILE A 1 52  ? 10.592  5.520   -5.040  1.00 10.42 ? 49  ILE A C   1 
ATOM   400  O O   . ILE A 1 52  ? 9.700   5.002   -4.321  1.00 10.39 ? 49  ILE A O   1 
ATOM   401  C CB  . ILE A 1 52  ? 10.691  4.088   -7.135  1.00 15.00 ? 49  ILE A CB  1 
ATOM   402  C CG1 . ILE A 1 52  ? 11.717  3.588   -8.171  1.00 15.98 ? 49  ILE A CG1 1 
ATOM   403  C CG2 . ILE A 1 52  ? 9.850   5.078   -7.769  1.00 17.28 ? 49  ILE A CG2 1 
ATOM   404  C CD1 . ILE A 1 52  ? 11.141  2.636   -9.289  1.00 25.04 ? 49  ILE A CD1 1 
ATOM   405  N N   . SER A 1 53  ? 10.785  6.836   -5.084  1.00 10.71 ? 50  SER A N   1 
ATOM   406  C CA  . SER A 1 53  ? 10.034  7.677   -4.142  1.00 9.60  ? 50  SER A CA  1 
ATOM   407  C C   . SER A 1 53  ? 9.613   8.975   -4.753  1.00 11.18 ? 50  SER A C   1 
ATOM   408  O O   . SER A 1 53  ? 10.174  9.349   -5.818  1.00 11.35 ? 50  SER A O   1 
ATOM   409  C CB  . SER A 1 53  ? 10.789  7.911   -2.881  1.00 13.17 ? 50  SER A CB  1 
ATOM   410  O OG  . SER A 1 53  ? 11.927  8.764   -3.153  1.00 11.85 ? 50  SER A OG  1 
ATOM   411  N N   . GLY A 1 54  ? 8.709   9.694   -4.092  1.00 10.15 ? 51  GLY A N   1 
ATOM   412  C CA  . GLY A 1 54  ? 8.306   11.031  -4.598  1.00 11.29 ? 51  GLY A CA  1 
ATOM   413  C C   . GLY A 1 54  ? 7.762   11.836  -3.462  1.00 10.64 ? 51  GLY A C   1 
ATOM   414  O O   . GLY A 1 54  ? 7.601   11.330  -2.368  1.00 10.48 ? 51  GLY A O   1 
ATOM   415  N N   . ARG A 1 55  ? 7.636   13.140  -3.684  1.00 10.69 ? 52  ARG A N   1 
ATOM   416  C CA  . ARG A 1 55  ? 7.072   14.011  -2.715  1.00 11.31 ? 52  ARG A CA  1 
ATOM   417  C C   . ARG A 1 55  ? 6.215   15.028  -3.406  1.00 12.38 ? 52  ARG A C   1 
ATOM   418  O O   . ARG A 1 55  ? 6.638   15.587  -4.444  1.00 14.88 ? 52  ARG A O   1 
ATOM   419  C CB  . ARG A 1 55  ? 8.225   14.777  -2.034  1.00 13.18 ? 52  ARG A CB  1 
ATOM   420  C CG  . ARG A 1 55  ? 7.781   15.754  -0.992  1.00 12.59 ? 52  ARG A CG  1 
ATOM   421  C CD  . ARG A 1 55  ? 8.963   16.643  -0.572  1.00 13.93 ? 52  ARG A CD  1 
ATOM   422  N NE  . ARG A 1 55  ? 8.543   17.592  0.383   1.00 17.02 ? 52  ARG A NE  1 
ATOM   423  C CZ  . ARG A 1 55  ? 9.364   18.498  0.913   1.00 16.98 ? 52  ARG A CZ  1 
ATOM   424  N NH1 . ARG A 1 55  ? 10.657  18.570  0.515   1.00 21.24 ? 52  ARG A NH1 1 
ATOM   425  N NH2 . ARG A 1 55  ? 8.882   19.298  1.835   1.00 19.75 ? 52  ARG A NH2 1 
ATOM   426  N N   . GLY A 1 56  ? 5.048   15.329  -2.835  1.00 12.02 ? 53  GLY A N   1 
ATOM   427  C CA  . GLY A 1 56  ? 4.192   16.289  -3.630  1.00 13.38 ? 53  GLY A CA  1 
ATOM   428  C C   . GLY A 1 56  ? 3.018   16.679  -2.748  1.00 13.54 ? 53  GLY A C   1 
ATOM   429  O O   . GLY A 1 56  ? 2.828   16.242  -1.666  1.00 13.35 ? 53  GLY A O   1 
ATOM   430  N N   . ASN A 1 57  ? 2.234   17.600  -3.256  1.00 14.31 ? 54  ASN A N   1 
ATOM   431  C CA  . ASN A 1 57  ? 1.071   18.077  -2.536  1.00 13.14 ? 54  ASN A CA  1 
ATOM   432  C C   . ASN A 1 57  ? -0.148  17.227  -2.911  1.00 12.92 ? 54  ASN A C   1 
ATOM   433  O O   . ASN A 1 57  ? -0.480  17.045  -4.095  1.00 14.64 ? 54  ASN A O   1 
ATOM   434  C CB  . ASN A 1 57  ? 0.916   19.558  -2.977  1.00 14.34 ? 54  ASN A CB  1 
ATOM   435  C CG  . ASN A 1 57  ? -0.137  20.297  -2.209  1.00 17.37 ? 54  ASN A CG  1 
ATOM   436  O OD1 . ASN A 1 57  ? -1.230  19.849  -2.053  1.00 17.91 ? 54  ASN A OD1 1 
ATOM   437  N ND2 . ASN A 1 57  ? 0.182   21.517  -1.795  1.00 17.58 ? 54  ASN A ND2 1 
ATOM   438  N N   . ILE A 1 58  ? -0.780  16.703  -1.857  1.00 11.57 ? 55  ILE A N   1 
ATOM   439  C CA  . ILE A 1 58  ? -2.069  16.121  -1.936  1.00 13.30 ? 55  ILE A CA  1 
ATOM   440  C C   . ILE A 1 58  ? -3.031  16.908  -1.132  1.00 11.91 ? 55  ILE A C   1 
ATOM   441  O O   . ILE A 1 58  ? -2.956  16.928  0.100   1.00 12.77 ? 55  ILE A O   1 
ATOM   442  C CB  . ILE A 1 58  ? -2.043  14.634  -1.533  1.00 13.79 ? 55  ILE A CB  1 
ATOM   443  C CG1 . ILE A 1 58  ? -1.093  13.873  -2.451  1.00 13.36 ? 55  ILE A CG1 1 
ATOM   444  C CG2 . ILE A 1 58  ? -3.486  14.005  -1.668  1.00 14.47 ? 55  ILE A CG2 1 
ATOM   445  C CD1 . ILE A 1 58  ? -1.003  12.272  -2.134  1.00 13.88 ? 55  ILE A CD1 1 
ATOM   446  N N   . GLU A 1 59  ? -3.930  17.621  -1.786  1.00 14.52 ? 56  GLU A N   1 
ATOM   447  C CA  . GLU A 1 59  ? -4.975  18.358  -1.102  1.00 14.45 ? 56  GLU A CA  1 
ATOM   448  C C   . GLU A 1 59  ? -4.452  19.294  -0.034  1.00 13.27 ? 56  GLU A C   1 
ATOM   449  O O   . GLU A 1 59  ? -5.072  19.446  0.986   1.00 17.35 ? 56  GLU A O   1 
ATOM   450  C CB  . GLU A 1 59  ? -6.000  17.387  -0.508  1.00 15.99 ? 56  GLU A CB  1 
ATOM   451  C CG  . GLU A 1 59  ? -6.468  16.373  -1.567  1.00 18.11 ? 56  GLU A CG  1 
ATOM   452  C CD  . GLU A 1 59  ? -7.457  16.916  -2.599  1.00 21.51 ? 56  GLU A CD  1 
ATOM   453  O OE1 . GLU A 1 59  ? -7.851  18.138  -2.460  1.00 20.39 ? 56  GLU A OE1 1 
ATOM   454  O OE2 . GLU A 1 59  ? -7.809  16.102  -3.560  1.00 20.11 ? 56  GLU A OE2 1 
ATOM   455  N N   . GLY A 1 60  ? -3.358  19.981  -0.337  1.00 10.82 ? 57  GLY A N   1 
ATOM   456  C CA  . GLY A 1 60  ? -2.759  21.010  0.552   1.00 12.39 ? 57  GLY A CA  1 
ATOM   457  C C   . GLY A 1 60  ? -1.832  20.426  1.602   1.00 11.81 ? 57  GLY A C   1 
ATOM   458  O O   . GLY A 1 60  ? -1.522  21.101  2.539   1.00 13.01 ? 57  GLY A O   1 
ATOM   459  N N   . HIS A 1 61  ? -1.434  19.161  1.479   1.00 12.33 ? 58  HIS A N   1 
ATOM   460  C CA  . HIS A 1 61  ? -0.594  18.524  2.476   1.00 10.46 ? 58  HIS A CA  1 
ATOM   461  C C   . HIS A 1 61  ? 0.637   17.984  1.749   1.00 10.64 ? 58  HIS A C   1 
ATOM   462  O O   . HIS A 1 61  ? 0.476   17.449  0.652   1.00 12.17 ? 58  HIS A O   1 
ATOM   463  C CB  . HIS A 1 61  ? -1.307  17.376  3.121   1.00 12.28 ? 58  HIS A CB  1 
ATOM   464  C CG  . HIS A 1 61  ? -2.500  17.822  3.883   1.00 15.16 ? 58  HIS A CG  1 
ATOM   465  N ND1 . HIS A 1 61  ? -2.397  18.154  5.219   1.00 20.68 ? 58  HIS A ND1 1 
ATOM   466  C CD2 . HIS A 1 61  ? -3.739  18.143  3.491   1.00 16.33 ? 58  HIS A CD2 1 
ATOM   467  C CE1 . HIS A 1 61  ? -3.577  18.590  5.623   1.00 20.11 ? 58  HIS A CE1 1 
ATOM   468  N NE2 . HIS A 1 61  ? -4.400  18.594  4.600   1.00 19.57 ? 58  HIS A NE2 1 
ATOM   469  N N   . ASP A 1 62  ? 1.773   18.053  2.417   1.00 11.89 ? 59  ASP A N   1 
ATOM   470  C CA  . ASP A 1 62  ? 3.031   17.552  1.875   1.00 11.75 ? 59  ASP A CA  1 
ATOM   471  C C   . ASP A 1 62  ? 3.109   16.075  2.174   1.00 11.28 ? 59  ASP A C   1 
ATOM   472  O O   . ASP A 1 62  ? 3.150   15.645  3.364   1.00 14.32 ? 59  ASP A O   1 
ATOM   473  C CB  . ASP A 1 62  ? 4.231   18.333  2.505   1.00 12.93 ? 59  ASP A CB  1 
ATOM   474  C CG  . ASP A 1 62  ? 5.593   18.010  1.934   1.00 16.96 ? 59  ASP A CG  1 
ATOM   475  O OD1 . ASP A 1 62  ? 5.691   17.862  0.714   1.00 19.01 ? 59  ASP A OD1 1 
ATOM   476  O OD2 . ASP A 1 62  ? 6.536   18.103  2.788   1.00 25.80 ? 59  ASP A OD2 1 
ATOM   477  N N   . VAL A 1 63  ? 3.087   15.271  1.129   1.00 9.75  ? 60  VAL A N   1 
ATOM   478  C CA  . VAL A 1 63  ? 3.063   13.762  1.294   1.00 11.42 ? 60  VAL A CA  1 
ATOM   479  C C   . VAL A 1 63  ? 4.173   13.139  0.477   1.00 9.02  ? 60  VAL A C   1 
ATOM   480  O O   . VAL A 1 63  ? 4.466   13.550  -0.630  1.00 11.68 ? 60  VAL A O   1 
ATOM   481  C CB  . VAL A 1 63  ? 1.726   13.218  0.752   1.00 11.49 ? 60  VAL A CB  1 
ATOM   482  C CG1 . VAL A 1 63  ? 1.648   11.675  0.837   1.00 13.96 ? 60  VAL A CG1 1 
ATOM   483  C CG2 . VAL A 1 63  ? 0.627   13.855  1.524   1.00 14.38 ? 60  VAL A CG2 1 
ATOM   484  N N   . ARG A 1 64  ? 4.817   12.164  1.071   1.00 7.09  ? 61  ARG A N   1 
ATOM   485  C CA  . ARG A 1 64  ? 5.849   11.387  0.386   1.00 7.98  ? 61  ARG A CA  1 
ATOM   486  C C   . ARG A 1 64  ? 5.263   10.041  -0.043  1.00 8.45  ? 61  ARG A C   1 
ATOM   487  O O   . ARG A 1 64  ? 4.429   9.460   0.664   1.00 7.67  ? 61  ARG A O   1 
ATOM   488  C CB  . ARG A 1 64  ? 7.031   11.115  1.299   1.00 10.13 ? 61  ARG A CB  1 
ATOM   489  C CG  . ARG A 1 64  ? 7.794   12.470  1.467   1.00 12.63 ? 61  ARG A CG  1 
ATOM   490  C CD  . ARG A 1 64  ? 8.922   12.340  2.466   1.00 14.84 ? 61  ARG A CD  1 
ATOM   491  N NE  . ARG A 1 64  ? 9.566   13.660  2.735   1.00 17.57 ? 61  ARG A NE  1 
ATOM   492  C CZ  . ARG A 1 64  ? 10.452  14.267  2.012   1.00 24.34 ? 61  ARG A CZ  1 
ATOM   493  N NH1 . ARG A 1 64  ? 10.929  13.709  0.884   1.00 23.09 ? 61  ARG A NH1 1 
ATOM   494  N NH2 . ARG A 1 64  ? 10.871  15.464  2.516   1.00 24.82 ? 61  ARG A NH2 1 
ATOM   495  N N   . LEU A 1 65  ? 5.721   9.500   -1.171  1.00 9.25  ? 62  LEU A N   1 
ATOM   496  C CA  . LEU A 1 65  ? 5.300   8.191   -1.695  1.00 9.22  ? 62  LEU A CA  1 
ATOM   497  C C   . LEU A 1 65  ? 6.501   7.316   -1.800  1.00 9.11  ? 62  LEU A C   1 
ATOM   498  O O   . LEU A 1 65  ? 7.567   7.784   -2.179  1.00 9.42  ? 62  LEU A O   1 
ATOM   499  C CB  . LEU A 1 65  ? 4.766   8.323   -3.103  1.00 7.64  ? 62  LEU A CB  1 
ATOM   500  C CG  . LEU A 1 65  ? 3.576   9.256   -3.172  1.00 12.75 ? 62  LEU A CG  1 
ATOM   501  C CD1 . LEU A 1 65  ? 2.987   9.331   -4.573  1.00 15.25 ? 62  LEU A CD1 1 
ATOM   502  C CD2 . LEU A 1 65  ? 2.445   8.963   -2.198  1.00 9.96  ? 62  LEU A CD2 1 
ATOM   503  N N   . LEU A 1 66  ? 6.426   6.009   -1.493  1.00 6.50  ? 63  LEU A N   1 
ATOM   504  C CA  . LEU A 1 66  ? 7.585   5.134   -1.504  1.00 5.29  ? 63  LEU A CA  1 
ATOM   505  C C   . LEU A 1 66  ? 7.181   3.817   -2.095  1.00 7.84  ? 63  LEU A C   1 
ATOM   506  O O   . LEU A 1 66  ? 6.187   3.182   -1.562  1.00 7.73  ? 63  LEU A O   1 
ATOM   507  C CB  . LEU A 1 66  ? 8.123   4.962   -0.099  1.00 6.29  ? 63  LEU A CB  1 
ATOM   508  C CG  . LEU A 1 66  ? 9.275   4.026   0.004   1.00 5.98  ? 63  LEU A CG  1 
ATOM   509  C CD1 . LEU A 1 66  ? 10.609  4.463   -0.747  1.00 10.92 ? 63  LEU A CD1 1 
ATOM   510  C CD2 . LEU A 1 66  ? 9.708   3.806   1.437   1.00 7.02  ? 63  LEU A CD2 1 
ATOM   511  N N   . LEU A 1 67  ? 7.925   3.306   -3.074  1.00 7.50  ? 64  LEU A N   1 
ATOM   512  C CA  . LEU A 1 67  ? 7.850   1.906   -3.583  1.00 8.00  ? 64  LEU A CA  1 
ATOM   513  C C   . LEU A 1 67  ? 9.196   1.241   -3.263  1.00 8.42  ? 64  LEU A C   1 
ATOM   514  O O   . LEU A 1 67  ? 10.206  1.550   -3.922  1.00 10.16 ? 64  LEU A O   1 
ATOM   515  C CB  . LEU A 1 67  ? 7.592   1.816   -5.108  1.00 7.37  ? 64  LEU A CB  1 
ATOM   516  C CG  . LEU A 1 67  ? 6.422   2.684   -5.574  1.00 9.67  ? 64  LEU A CG  1 
ATOM   517  C CD1 . LEU A 1 67  ? 6.384   2.665   -7.126  1.00 15.07 ? 64  LEU A CD1 1 
ATOM   518  C CD2 . LEU A 1 67  ? 5.169   2.143   -4.989  1.00 12.28 ? 64  LEU A CD2 1 
ATOM   519  N N   . PRO A 1 68  ? 9.314   0.351   -2.307  1.00 8.23  ? 65  PRO A N   1 
ATOM   520  C CA  . PRO A 1 68  ? 10.603  -0.299  -2.080  1.00 8.67  ? 65  PRO A CA  1 
ATOM   521  C C   . PRO A 1 68  ? 10.958  -1.107  -3.357  1.00 10.88 ? 65  PRO A C   1 
ATOM   522  O O   . PRO A 1 68  ? 10.084  -1.757  -3.967  1.00 12.37 ? 65  PRO A O   1 
ATOM   523  C CB  . PRO A 1 68  ? 10.299  -1.317  -0.951  1.00 9.39  ? 65  PRO A CB  1 
ATOM   524  C CG  . PRO A 1 68  ? 9.125   -0.515  -0.128  1.00 8.20  ? 65  PRO A CG  1 
ATOM   525  C CD  . PRO A 1 68  ? 8.315   -0.029  -1.289  1.00 7.63  ? 65  PRO A CD  1 
ATOM   526  N N   . MET A 1 69  ? 12.241  -1.146  -3.673  1.00 10.91 ? 66  MET A N   1 
ATOM   527  C CA  . MET A 1 69  ? 12.786  -1.903  -4.817  1.00 12.26 ? 66  MET A CA  1 
ATOM   528  C C   . MET A 1 69  ? 13.722  -2.988  -4.293  1.00 12.68 ? 66  MET A C   1 
ATOM   529  O O   . MET A 1 69  ? 14.651  -3.396  -5.002  1.00 16.82 ? 66  MET A O   1 
ATOM   530  C CB  . MET A 1 69  ? 13.537  -0.940  -5.755  1.00 13.60 ? 66  MET A CB  1 
ATOM   531  C CG  . MET A 1 69  ? 12.500  0.040   -6.402  1.00 15.80 ? 66  MET A CG  1 
ATOM   532  S SD  . MET A 1 69  ? 11.398  -0.844  -7.581  1.00 20.45 ? 66  MET A SD  1 
ATOM   533  C CE  . MET A 1 69  ? 9.802   -0.137  -7.355  1.00 23.98 ? 66  MET A CE  1 
ATOM   534  N N   . THR A 1 70  ? 13.430  -3.474  -3.107  1.00 11.35 ? 67  THR A N   1 
ATOM   535  C CA  . THR A 1 70  ? 14.242  -4.408  -2.352  1.00 11.83 ? 67  THR A CA  1 
ATOM   536  C C   . THR A 1 70  ? 13.844  -5.847  -2.655  1.00 12.53 ? 67  THR A C   1 
ATOM   537  O O   . THR A 1 70  ? 14.531  -6.774  -2.129  1.00 13.50 ? 67  THR A O   1 
ATOM   538  C CB  . THR A 1 70  ? 13.956  -4.188  -0.841  1.00 12.28 ? 67  THR A CB  1 
ATOM   539  O OG1 . THR A 1 70  ? 12.526  -4.201  -0.642  1.00 11.11 ? 67  THR A OG1 1 
ATOM   540  C CG2 . THR A 1 70  ? 14.542  -2.948  -0.243  1.00 12.86 ? 67  THR A CG2 1 
ATOM   541  N N   . TYR A 1 71  ? 12.739  -6.090  -3.379  1.00 11.91 ? 68  TYR A N   1 
ATOM   542  C CA  . TYR A 1 71  ? 11.943  -7.344  -3.346  1.00 10.78 ? 68  TYR A CA  1 
ATOM   543  C C   . TYR A 1 71  ? 11.087  -7.420  -2.116  1.00 10.22 ? 68  TYR A C   1 
ATOM   544  O O   . TYR A 1 71  ? 11.449  -6.876  -1.069  1.00 10.10 ? 68  TYR A O   1 
ATOM   545  C CB  . TYR A 1 71  ? 12.767  -8.674  -3.522  1.00 12.78 ? 68  TYR A CB  1 
ATOM   546  C CG  . TYR A 1 71  ? 13.289  -8.776  -4.940  1.00 15.44 ? 68  TYR A CG  1 
ATOM   547  C CD1 . TYR A 1 71  ? 12.483  -9.191  -6.014  1.00 17.91 ? 68  TYR A CD1 1 
ATOM   548  C CD2 . TYR A 1 71  ? 14.490  -8.187  -5.269  1.00 21.31 ? 68  TYR A CD2 1 
ATOM   549  C CE1 . TYR A 1 71  ? 12.963  -9.228  -7.356  1.00 22.02 ? 68  TYR A CE1 1 
ATOM   550  C CE2 . TYR A 1 71  ? 14.993  -8.235  -6.596  1.00 22.30 ? 68  TYR A CE2 1 
ATOM   551  C CZ  . TYR A 1 71  ? 14.222  -8.740  -7.620  1.00 25.09 ? 68  TYR A CZ  1 
ATOM   552  O OH  . TYR A 1 71  ? 14.706  -8.677  -8.928  1.00 25.37 ? 68  TYR A OH  1 
ATOM   553  N N   . MET A 1 72  ? 9.884   -7.978  -2.237  1.00 10.88 ? 69  MET A N   1 
ATOM   554  C CA  . MET A 1 72  ? 8.886   -7.812  -1.184  1.00 10.76 ? 69  MET A CA  1 
ATOM   555  C C   . MET A 1 72  ? 9.362   -8.217  0.236   1.00 10.55 ? 69  MET A C   1 
ATOM   556  O O   . MET A 1 72  ? 9.080   -7.527  1.183   1.00 10.84 ? 69  MET A O   1 
ATOM   557  C CB  . MET A 1 72  ? 7.676   -8.724  -1.551  1.00 10.99 ? 69  MET A CB  1 
ATOM   558  C CG  . MET A 1 72  ? 6.595   -8.643  -0.527  1.00 9.68  ? 69  MET A CG  1 
ATOM   559  S SD  . MET A 1 72  ? 5.780   -7.042  -0.555  1.00 9.87  ? 69  MET A SD  1 
ATOM   560  C CE  . MET A 1 72  ? 4.480   -7.391  -1.814  1.00 10.16 ? 69  MET A CE  1 
ATOM   561  N N   . ASN A 1 73  ? 10.099  -9.352  0.339   1.00 11.59 ? 70  ASN A N   1 
ATOM   562  C CA  . ASN A 1 73  ? 10.421  -9.839  1.687   1.00 11.74 ? 70  ASN A CA  1 
ATOM   563  C C   . ASN A 1 73  ? 11.513  -9.066  2.327   1.00 11.95 ? 70  ASN A C   1 
ATOM   564  O O   . ASN A 1 73  ? 11.783  -9.316  3.549   1.00 14.48 ? 70  ASN A O   1 
ATOM   565  C CB  . ASN A 1 73  ? 10.789  -11.349 1.664   1.00 15.40 ? 70  ASN A CB  1 
ATOM   566  C CG  . ASN A 1 73  ? 12.046  -11.625 0.944   1.00 21.32 ? 70  ASN A CG  1 
ATOM   567  O OD1 . ASN A 1 73  ? 12.756  -10.729 0.489   1.00 34.39 ? 70  ASN A OD1 1 
ATOM   568  N ND2 . ASN A 1 73  ? 12.344  -12.929 0.791   1.00 31.84 ? 70  ASN A ND2 1 
ATOM   569  N N   . ARG A 1 74  ? 12.033  -8.019  1.656   1.00 11.85 ? 71  ARG A N   1 
ATOM   570  C CA  . ARG A 1 74  ? 13.086  -7.174  2.223   1.00 10.99 ? 71  ARG A CA  1 
ATOM   571  C C   . ARG A 1 74  ? 12.548  -5.715  2.284   1.00 11.39 ? 71  ARG A C   1 
ATOM   572  O O   . ARG A 1 74  ? 13.347  -4.799  2.410   1.00 11.48 ? 71  ARG A O   1 
ATOM   573  C CB  . ARG A 1 74  ? 14.376  -7.185  1.387   1.00 12.72 ? 71  ARG A CB  1 
ATOM   574  C CG  . ARG A 1 74  ? 15.070  -8.595  1.427   1.00 13.86 ? 71  ARG A CG  1 
ATOM   575  C CD  . ARG A 1 74  ? 16.447  -8.447  0.650   1.00 17.10 ? 71  ARG A CD  1 
ATOM   576  N NE  . ARG A 1 74  ? 17.332  -9.540  1.065   1.00 24.87 ? 71  ARG A NE  1 
ATOM   577  C CZ  . ARG A 1 74  ? 18.612  -9.649  0.697   1.00 29.18 ? 71  ARG A CZ  1 
ATOM   578  N NH1 . ARG A 1 74  ? 19.358  -10.681 1.134   1.00 26.67 ? 71  ARG A NH1 1 
ATOM   579  N NH2 . ARG A 1 74  ? 19.154  -8.704  -0.090  1.00 32.81 ? 71  ARG A NH2 1 
ATOM   580  N N   . SER A 1 75  ? 11.227  -5.548  2.184   1.00 11.14 ? 72  SER A N   1 
ATOM   581  C CA  . SER A 1 75  ? 10.623  -4.168  2.099   1.00 8.67  ? 72  SER A CA  1 
ATOM   582  C C   . SER A 1 75  ? 11.060  -3.267  3.200   1.00 10.99 ? 72  SER A C   1 
ATOM   583  O O   . SER A 1 75  ? 11.110  -2.029  3.042   1.00 9.00  ? 72  SER A O   1 
ATOM   584  C CB  . SER A 1 75  ? 9.081   -4.206  2.103   1.00 10.01 ? 72  SER A CB  1 
ATOM   585  O OG  . SER A 1 75  ? 8.564   -4.860  0.929   1.00 10.70 ? 72  SER A OG  1 
ATOM   586  N N   . GLY A 1 76  ? 11.276  -3.833  4.389   1.00 11.09 ? 73  GLY A N   1 
ATOM   587  C CA  . GLY A 1 76  ? 11.710  -3.003  5.549   1.00 9.45  ? 73  GLY A CA  1 
ATOM   588  C C   . GLY A 1 76  ? 13.050  -2.338  5.339   1.00 8.71  ? 73  GLY A C   1 
ATOM   589  O O   . GLY A 1 76  ? 13.320  -1.278  6.015   1.00 9.79  ? 73  GLY A O   1 
ATOM   590  N N   . GLN A 1 77  ? 13.900  -2.915  4.490   1.00 10.87 ? 74  GLN A N   1 
ATOM   591  C CA  . GLN A 1 77  ? 15.161  -2.294  4.188   1.00 11.80 ? 74  GLN A CA  1 
ATOM   592  C C   . GLN A 1 77  ? 15.036  -0.951  3.437   1.00 10.15 ? 74  GLN A C   1 
ATOM   593  O O   . GLN A 1 77  ? 16.030  -0.172  3.401   1.00 12.65 ? 74  GLN A O   1 
ATOM   594  C CB  . GLN A 1 77  ? 16.018  -3.321  3.440   1.00 12.63 ? 74  GLN A CB  1 
ATOM   595  C CG  . GLN A 1 77  ? 16.026  -4.659  4.398   1.00 23.07 ? 74  GLN A CG  1 
ATOM   596  C CD  . GLN A 1 77  ? 17.208  -5.649  4.187   1.00 30.74 ? 74  GLN A CD  1 
ATOM   597  O OE1 . GLN A 1 77  ? 17.040  -6.888  4.290   1.00 31.73 ? 74  GLN A OE1 1 
ATOM   598  N NE2 . GLN A 1 77  ? 18.396  -5.114  3.957   1.00 32.00 ? 74  GLN A NE2 1 
ATOM   599  N N   . SER A 1 78  ? 13.872  -0.651  2.872   1.00 9.74  ? 75  SER A N   1 
ATOM   600  C CA  . SER A 1 78  ? 13.520  0.676   2.349   1.00 10.27 ? 75  SER A CA  1 
ATOM   601  C C   . SER A 1 78  ? 12.640  1.464   3.303   1.00 7.02  ? 75  SER A C   1 
ATOM   602  O O   . SER A 1 78  ? 13.002  2.585   3.644   1.00 7.78  ? 75  SER A O   1 
ATOM   603  C CB  . SER A 1 78  ? 12.810  0.465   1.031   1.00 9.66  ? 75  SER A CB  1 
ATOM   604  O OG  . SER A 1 78  ? 12.380  1.680   0.458   1.00 10.64 ? 75  SER A OG  1 
ATOM   605  N N   . VAL A 1 79  ? 11.520  0.852   3.771   1.00 9.03  ? 76  VAL A N   1 
ATOM   606  C CA  . VAL A 1 79  ? 10.531  1.641   4.552   1.00 7.23  ? 76  VAL A CA  1 
ATOM   607  C C   . VAL A 1 79  ? 11.138  2.175   5.839   1.00 7.64  ? 76  VAL A C   1 
ATOM   608  O O   . VAL A 1 79  ? 10.865  3.316   6.235   1.00 9.19  ? 76  VAL A O   1 
ATOM   609  C CB  . VAL A 1 79  ? 9.306   0.753   4.789   1.00 6.91  ? 76  VAL A CB  1 
ATOM   610  C CG1 . VAL A 1 79  ? 8.377   1.496   5.766   1.00 9.37  ? 76  VAL A CG1 1 
ATOM   611  C CG2 . VAL A 1 79  ? 8.636   0.358   3.527   1.00 10.20 ? 76  VAL A CG2 1 
ATOM   612  N N   . VAL A 1 80  ? 11.906  1.344   6.537   1.00 8.23  ? 77  VAL A N   1 
ATOM   613  C CA  . VAL A 1 80  ? 12.343  1.732   7.893   1.00 9.20  ? 77  VAL A CA  1 
ATOM   614  C C   . VAL A 1 80  ? 13.343  2.941   7.862   1.00 8.24  ? 77  VAL A C   1 
ATOM   615  O O   . VAL A 1 80  ? 13.087  3.963   8.456   1.00 11.30 ? 77  VAL A O   1 
ATOM   616  C CB  . VAL A 1 80  ? 12.930  0.457   8.621   1.00 9.36  ? 77  VAL A CB  1 
ATOM   617  C CG1 . VAL A 1 80  ? 13.358  0.872   9.974   1.00 9.41  ? 77  VAL A CG1 1 
ATOM   618  C CG2 . VAL A 1 80  ? 11.805  -0.551  8.734   1.00 11.23 ? 77  VAL A CG2 1 
ATOM   619  N N   . PRO A 1 81  ? 14.436  2.837   7.071   1.00 9.45  ? 78  PRO A N   1 
ATOM   620  C CA  . PRO A 1 81  ? 15.321  4.005   7.035   1.00 10.10 ? 78  PRO A CA  1 
ATOM   621  C C   . PRO A 1 81  ? 14.694  5.213   6.425   1.00 9.79  ? 78  PRO A C   1 
ATOM   622  O O   . PRO A 1 81  ? 14.961  6.337   6.874   1.00 11.34 ? 78  PRO A O   1 
ATOM   623  C CB  . PRO A 1 81  ? 16.522  3.454   6.196   1.00 9.59  ? 78  PRO A CB  1 
ATOM   624  C CG  . PRO A 1 81  ? 15.938  2.315   5.357   1.00 10.80 ? 78  PRO A CG  1 
ATOM   625  C CD  . PRO A 1 81  ? 15.015  1.654   6.365   1.00 10.06 ? 78  PRO A CD  1 
ATOM   626  N N   . PHE A 1 82  ? 13.819  5.042   5.424   1.00 9.42  ? 79  PHE A N   1 
ATOM   627  C CA  . PHE A 1 82  ? 13.135  6.198   4.857   1.00 7.80  ? 79  PHE A CA  1 
ATOM   628  C C   . PHE A 1 82  ? 12.299  6.929   5.912   1.00 8.41  ? 79  PHE A C   1 
ATOM   629  O O   . PHE A 1 82  ? 12.427  8.137   6.099   1.00 10.39 ? 79  PHE A O   1 
ATOM   630  C CB  . PHE A 1 82  ? 12.266  5.691   3.686   1.00 9.88  ? 79  PHE A CB  1 
ATOM   631  C CG  . PHE A 1 82  ? 11.670  6.769   2.889   1.00 6.83  ? 79  PHE A CG  1 
ATOM   632  C CD1 . PHE A 1 82  ? 10.508  7.512   3.366   1.00 9.25  ? 79  PHE A CD1 1 
ATOM   633  C CD2 . PHE A 1 82  ? 12.209  7.070   1.618   1.00 9.24  ? 79  PHE A CD2 1 
ATOM   634  C CE1 . PHE A 1 82  ? 9.942   8.491   2.569   1.00 9.65  ? 79  PHE A CE1 1 
ATOM   635  C CE2 . PHE A 1 82  ? 11.615  8.123   0.854   1.00 9.60  ? 79  PHE A CE2 1 
ATOM   636  C CZ  . PHE A 1 82  ? 10.458  8.776   1.289   1.00 9.35  ? 79  PHE A CZ  1 
ATOM   637  N N   . SER A 1 83  ? 11.481  6.172   6.648   1.00 8.78  ? 80  SER A N   1 
ATOM   638  C CA  . SER A 1 83  ? 10.642  6.827   7.632   1.00 10.84 ? 80  SER A CA  1 
ATOM   639  C C   . SER A 1 83  ? 11.476  7.435   8.770   1.00 13.59 ? 80  SER A C   1 
ATOM   640  O O   . SER A 1 83  ? 11.157  8.506   9.281   1.00 13.82 ? 80  SER A O   1 
ATOM   641  C CB  . SER A 1 83  ? 9.586   5.818   8.212   1.00 12.08 ? 80  SER A CB  1 
ATOM   642  O OG  . SER A 1 83  ? 10.209  4.787   8.940   1.00 14.65 ? 80  SER A OG  1 
ATOM   643  N N   . LYS A 1 84  ? 12.544  6.778   9.157   1.00 14.20 ? 81  LYS A N   1 
ATOM   644  C CA  . LYS A 1 84  ? 13.432  7.330   10.164  1.00 15.17 ? 81  LYS A CA  1 
ATOM   645  C C   . LYS A 1 84  ? 14.115  8.639   9.705   1.00 15.32 ? 81  LYS A C   1 
ATOM   646  O O   . LYS A 1 84  ? 14.200  9.582   10.409  1.00 15.40 ? 81  LYS A O   1 
ATOM   647  C CB  . LYS A 1 84  ? 14.486  6.323   10.602  1.00 15.83 ? 81  LYS A CB  1 
ATOM   648  C CG  . LYS A 1 84  ? 14.158  5.459   11.762  1.00 24.79 ? 81  LYS A CG  1 
ATOM   649  C CD  . LYS A 1 84  ? 15.399  5.332   12.745  1.00 34.77 ? 81  LYS A CD  1 
ATOM   650  C CE  . LYS A 1 84  ? 15.938  3.881   12.744  1.00 38.93 ? 81  LYS A CE  1 
ATOM   651  N NZ  . LYS A 1 84  ? 17.110  3.599   13.637  1.00 39.81 ? 81  LYS A NZ  1 
ATOM   652  N N   . PHE A 1 85  ? 14.644  8.622   8.503   1.00 13.46 ? 82  PHE A N   1 
ATOM   653  C CA  . PHE A 1 85  ? 15.325  9.845   7.961   1.00 14.85 ? 82  PHE A CA  1 
ATOM   654  C C   . PHE A 1 85  ? 14.454  11.072  7.945   1.00 15.82 ? 82  PHE A C   1 
ATOM   655  O O   . PHE A 1 85  ? 14.850  12.173  8.398   1.00 15.81 ? 82  PHE A O   1 
ATOM   656  C CB  . PHE A 1 85  ? 15.872  9.510   6.560   1.00 15.94 ? 82  PHE A CB  1 
ATOM   657  C CG  . PHE A 1 85  ? 16.653  10.651  5.918   1.00 15.28 ? 82  PHE A CG  1 
ATOM   658  C CD1 . PHE A 1 85  ? 16.032  11.622  5.195   1.00 17.49 ? 82  PHE A CD1 1 
ATOM   659  C CD2 . PHE A 1 85  ? 18.026  10.737  6.157   1.00 22.41 ? 82  PHE A CD2 1 
ATOM   660  C CE1 . PHE A 1 85  ? 16.767  12.681  4.596   1.00 20.76 ? 82  PHE A CE1 1 
ATOM   661  C CE2 . PHE A 1 85  ? 18.774  11.774  5.609   1.00 22.33 ? 82  PHE A CE2 1 
ATOM   662  C CZ  . PHE A 1 85  ? 18.174  12.733  4.883   1.00 21.37 ? 82  PHE A CZ  1 
ATOM   663  N N   . TYR A 1 86  ? 13.215  10.886  7.543   1.00 12.39 ? 83  TYR A N   1 
ATOM   664  C CA  . TYR A 1 86  ? 12.245  11.973  7.448   1.00 12.49 ? 83  TYR A CA  1 
ATOM   665  C C   . TYR A 1 86  ? 11.401  12.215  8.698   1.00 11.67 ? 83  TYR A C   1 
ATOM   666  O O   . TYR A 1 86  ? 10.495  13.073  8.632   1.00 13.07 ? 83  TYR A O   1 
ATOM   667  C CB  . TYR A 1 86  ? 11.361  11.797  6.230   1.00 14.30 ? 83  TYR A CB  1 
ATOM   668  C CG  . TYR A 1 86  ? 12.137  11.888  4.916   1.00 13.77 ? 83  TYR A CG  1 
ATOM   669  C CD1 . TYR A 1 86  ? 12.695  13.093  4.506   1.00 14.44 ? 83  TYR A CD1 1 
ATOM   670  C CD2 . TYR A 1 86  ? 12.360  10.760  4.143   1.00 14.41 ? 83  TYR A CD2 1 
ATOM   671  C CE1 . TYR A 1 86  ? 13.428  13.188  3.305   1.00 12.28 ? 83  TYR A CE1 1 
ATOM   672  C CE2 . TYR A 1 86  ? 13.083  10.835  2.933   1.00 11.45 ? 83  TYR A CE2 1 
ATOM   673  C CZ  . TYR A 1 86  ? 13.655  12.061  2.555   1.00 12.94 ? 83  TYR A CZ  1 
ATOM   674  O OH  . TYR A 1 86  ? 14.408  12.134  1.331   1.00 15.40 ? 83  TYR A OH  1 
ATOM   675  N N   . GLN A 1 87  ? 11.701  11.409  9.700   1.00 13.19 ? 84  GLN A N   1 
ATOM   676  C CA  . GLN A 1 87  ? 11.033  11.554  11.026  1.00 13.52 ? 84  GLN A CA  1 
ATOM   677  C C   . GLN A 1 87  ? 9.543   11.402  10.926  1.00 10.84 ? 84  GLN A C   1 
ATOM   678  O O   . GLN A 1 87  ? 8.731   12.218  11.393  1.00 11.96 ? 84  GLN A O   1 
ATOM   679  C CB  . GLN A 1 87  ? 11.413  12.891  11.683  1.00 15.13 ? 84  GLN A CB  1 
ATOM   680  C CG  . GLN A 1 87  ? 12.877  12.904  11.966  1.00 19.59 ? 84  GLN A CG  1 
ATOM   681  C CD  . GLN A 1 87  ? 13.276  13.817  13.151  1.00 29.50 ? 84  GLN A CD  1 
ATOM   682  O OE1 . GLN A 1 87  ? 12.781  14.926  13.287  1.00 32.11 ? 84  GLN A OE1 1 
ATOM   683  N NE2 . GLN A 1 87  ? 14.136  13.301  14.006  1.00 32.08 ? 84  GLN A NE2 1 
ATOM   684  N N   . ILE A 1 88  ? 9.173   10.352  10.209  1.00 11.14 ? 85  ILE A N   1 
ATOM   685  C CA  . ILE A 1 88  ? 7.773   10.000  9.999   1.00 9.33  ? 85  ILE A CA  1 
ATOM   686  C C   . ILE A 1 88  ? 7.383   8.847   10.931  1.00 8.26  ? 85  ILE A C   1 
ATOM   687  O O   . ILE A 1 88  ? 7.928   7.728   10.844  1.00 11.89 ? 85  ILE A O   1 
ATOM   688  C CB  . ILE A 1 88  ? 7.442   9.685   8.489   1.00 10.47 ? 85  ILE A CB  1 
ATOM   689  C CG1 . ILE A 1 88  ? 7.862   10.884  7.599   1.00 13.74 ? 85  ILE A CG1 1 
ATOM   690  C CG2 . ILE A 1 88  ? 5.933   9.410   8.293   1.00 13.06 ? 85  ILE A CG2 1 
ATOM   691  C CD1 . ILE A 1 88  ? 7.904   10.489  6.054   1.00 18.03 ? 85  ILE A CD1 1 
ATOM   692  N N   . ALA A 1 89  ? 6.463   9.192   11.821  1.00 9.76  ? 86  ALA A N   1 
ATOM   693  C CA  . ALA A 1 89  ? 6.019   8.198   12.813  1.00 9.23  ? 86  ALA A CA  1 
ATOM   694  C C   . ALA A 1 89  ? 5.083   7.213   12.150  1.00 9.00  ? 86  ALA A C   1 
ATOM   695  O O   . ALA A 1 89  ? 4.403   7.584   11.169  1.00 9.91  ? 86  ALA A O   1 
ATOM   696  C CB  . ALA A 1 89  ? 5.271   8.874   13.944  1.00 9.42  ? 86  ALA A CB  1 
ATOM   697  N N   . PRO A 1 90  ? 4.971   6.003   12.732  1.00 9.80  ? 87  PRO A N   1 
ATOM   698  C CA  . PRO A 1 90  ? 4.091   5.020   12.099  1.00 8.59  ? 87  PRO A CA  1 
ATOM   699  C C   . PRO A 1 90  ? 2.666   5.449   11.961  1.00 9.54  ? 87  PRO A C   1 
ATOM   700  O O   . PRO A 1 90  ? 1.976   5.092   10.964  1.00 9.38  ? 87  PRO A O   1 
ATOM   701  C CB  . PRO A 1 90  ? 4.224   3.755   12.980  1.00 12.10 ? 87  PRO A CB  1 
ATOM   702  C CG  . PRO A 1 90  ? 5.134   4.167   14.068  1.00 13.93 ? 87  PRO A CG  1 
ATOM   703  C CD  . PRO A 1 90  ? 5.892   5.391   13.674  1.00 10.29 ? 87  PRO A CD  1 
ATOM   704  N N   . GLU A 1 91  ? 2.171   6.285   12.892  1.00 8.63  ? 88  GLU A N   1 
ATOM   705  C CA  . GLU A 1 91  ? 0.831   6.771   12.892  1.00 10.57 ? 88  GLU A CA  1 
ATOM   706  C C   . GLU A 1 91  ? 0.466   7.601   11.681  1.00 9.36  ? 88  GLU A C   1 
ATOM   707  O O   . GLU A 1 91  ? -0.680  7.911   11.407  1.00 10.95 ? 88  GLU A O   1 
ATOM   708  C CB  . GLU A 1 91  ? 0.516   7.543   14.219  1.00 10.41 ? 88  GLU A CB  1 
ATOM   709  C CG  . GLU A 1 91  ? 0.557   6.571   15.397  1.00 14.49 ? 88  GLU A CG  1 
ATOM   710  C CD  . GLU A 1 91  ? 1.911   6.247   15.994  1.00 11.73 ? 88  GLU A CD  1 
ATOM   711  O OE1 . GLU A 1 91  ? 2.975   6.646   15.567  1.00 11.50 ? 88  GLU A OE1 1 
ATOM   712  O OE2 . GLU A 1 91  ? 1.943   5.508   17.055  1.00 16.43 ? 88  GLU A OE2 1 
ATOM   713  N N   . ALA A 1 92  ? 1.532   8.124   11.017  1.00 8.96  ? 89  ALA A N   1 
ATOM   714  C CA  . ALA A 1 92  ? 1.352   8.945   9.810   1.00 8.92  ? 89  ALA A CA  1 
ATOM   715  C C   . ALA A 1 92  ? 1.674   8.150   8.517   1.00 9.20  ? 89  ALA A C   1 
ATOM   716  O O   . ALA A 1 92  ? 1.778   8.774   7.457   1.00 10.55 ? 89  ALA A O   1 
ATOM   717  C CB  . ALA A 1 92  ? 2.319   10.171  9.912   1.00 8.64  ? 89  ALA A CB  1 
ATOM   718  N N   . ILE A 1 93  ? 1.831   6.831   8.605   1.00 8.99  ? 90  ILE A N   1 
ATOM   719  C CA  . ILE A 1 93  ? 2.176   6.037   7.442   1.00 7.44  ? 90  ILE A CA  1 
ATOM   720  C C   . ILE A 1 93  ? 0.988   5.205   7.026   1.00 7.11  ? 90  ILE A C   1 
ATOM   721  O O   . ILE A 1 93  ? 0.258   4.596   7.883   1.00 7.99  ? 90  ILE A O   1 
ATOM   722  C CB  . ILE A 1 93  ? 3.292   5.092   7.797   1.00 8.50  ? 90  ILE A CB  1 
ATOM   723  C CG1 . ILE A 1 93  ? 4.550   5.912   8.203   1.00 9.31  ? 90  ILE A CG1 1 
ATOM   724  C CG2 . ILE A 1 93  ? 3.695   4.232   6.553   1.00 9.82  ? 90  ILE A CG2 1 
ATOM   725  C CD1 . ILE A 1 93  ? 5.773   5.022   8.541   1.00 10.87 ? 90  ILE A CD1 1 
ATOM   726  N N   . LEU A 1 94  ? 0.700   5.226   5.756   1.00 6.35  ? 91  LEU A N   1 
ATOM   727  C CA  . LEU A 1 94  ? -0.228  4.279   5.095   1.00 6.30  ? 91  LEU A CA  1 
ATOM   728  C C   . LEU A 1 94  ? 0.544   3.283   4.224   1.00 4.93  ? 91  LEU A C   1 
ATOM   729  O O   . LEU A 1 94  ? 1.255   3.740   3.384   1.00 7.26  ? 91  LEU A O   1 
ATOM   730  C CB  . LEU A 1 94  ? -1.256  5.069   4.273   1.00 7.99  ? 91  LEU A CB  1 
ATOM   731  C CG  . LEU A 1 94  ? -2.248  4.192   3.507   1.00 8.10  ? 91  LEU A CG  1 
ATOM   732  C CD1 . LEU A 1 94  ? -3.211  3.469   4.496   1.00 9.69  ? 91  LEU A CD1 1 
ATOM   733  C CD2 . LEU A 1 94  ? -3.043  5.095   2.479   1.00 10.66 ? 91  LEU A CD2 1 
ATOM   734  N N   . ILE A 1 95  ? 0.352   1.963   4.444   1.00 6.07  ? 92  ILE A N   1 
ATOM   735  C CA  . ILE A 1 95  ? 1.004   0.980   3.596   1.00 5.70  ? 92  ILE A CA  1 
ATOM   736  C C   . ILE A 1 95  ? -0.072  0.263   2.826   1.00 6.11  ? 92  ILE A C   1 
ATOM   737  O O   . ILE A 1 95  ? -0.933  -0.393  3.437   1.00 7.28  ? 92  ILE A O   1 
ATOM   738  C CB  . ILE A 1 95  ? 1.859   -0.006  4.418   1.00 7.23  ? 92  ILE A CB  1 
ATOM   739  C CG1 . ILE A 1 95  ? 2.836   0.829   5.263   1.00 7.11  ? 92  ILE A CG1 1 
ATOM   740  C CG2 . ILE A 1 95  ? 2.561   -0.917  3.377   1.00 7.19  ? 92  ILE A CG2 1 
ATOM   741  C CD1 . ILE A 1 95  ? 4.043   0.008   5.847   1.00 10.65 ? 92  ILE A CD1 1 
ATOM   742  N N   . ALA A 1 96  ? -0.054  0.391   1.479   1.00 5.18  ? 93  ALA A N   1 
ATOM   743  C CA  . ALA A 1 96  ? -0.981  -0.337  0.662   1.00 6.17  ? 93  ALA A CA  1 
ATOM   744  C C   . ALA A 1 96  ? -0.389  -1.672  0.248   1.00 7.77  ? 93  ALA A C   1 
ATOM   745  O O   . ALA A 1 96  ? 0.778   -1.759  -0.157  1.00 6.90  ? 93  ALA A O   1 
ATOM   746  C CB  . ALA A 1 96  ? -1.252  0.477   -0.601  1.00 7.81  ? 93  ALA A CB  1 
ATOM   747  N N   . HIS A 1 97  ? -1.217  -2.736  0.376   1.00 7.46  ? 94  HIS A N   1 
ATOM   748  C CA  . HIS A 1 97  ? -0.686  -4.050  0.042   1.00 5.39  ? 94  HIS A CA  1 
ATOM   749  C C   . HIS A 1 97  ? -1.819  -4.974  -0.313  1.00 5.70  ? 94  HIS A C   1 
ATOM   750  O O   . HIS A 1 97  ? -2.956  -4.739  0.091   1.00 8.96  ? 94  HIS A O   1 
ATOM   751  C CB  . HIS A 1 97  ? 0.058   -4.658  1.303   1.00 7.71  ? 94  HIS A CB  1 
ATOM   752  C CG  . HIS A 1 97  ? -0.838  -4.872  2.527   1.00 7.32  ? 94  HIS A CG  1 
ATOM   753  N ND1 . HIS A 1 97  ? -1.528  -6.067  2.713   1.00 8.46  ? 94  HIS A ND1 1 
ATOM   754  C CD2 . HIS A 1 97  ? -1.213  -4.060  3.577   1.00 6.31  ? 94  HIS A CD2 1 
ATOM   755  C CE1 . HIS A 1 97  ? -2.277  -5.969  3.796   1.00 9.16  ? 94  HIS A CE1 1 
ATOM   756  N NE2 . HIS A 1 97  ? -2.103  -4.777  4.348   1.00 9.10  ? 94  HIS A NE2 1 
ATOM   757  N N   . ASP A 1 98  ? -1.454  -6.067  -1.014  1.00 8.04  ? 95  ASP A N   1 
ATOM   758  C CA  . ASP A 1 98  ? -2.395  -7.145  -1.291  1.00 7.30  ? 95  ASP A CA  1 
ATOM   759  C C   . ASP A 1 98  ? -2.783  -7.900  -0.047  1.00 8.03  ? 95  ASP A C   1 
ATOM   760  O O   . ASP A 1 98  ? -1.926  -8.150  0.832   1.00 8.67  ? 95  ASP A O   1 
ATOM   761  C CB  . ASP A 1 98  ? -1.763  -8.117  -2.310  1.00 8.99  ? 95  ASP A CB  1 
ATOM   762  C CG  . ASP A 1 98  ? -0.395  -8.630  -1.880  1.00 7.61  ? 95  ASP A CG  1 
ATOM   763  O OD1 . ASP A 1 98  ? 0.537   -7.825  -1.606  1.00 9.46  ? 95  ASP A OD1 1 
ATOM   764  O OD2 . ASP A 1 98  ? -0.178  -9.902  -1.908  1.00 11.73 ? 95  ASP A OD2 1 
ATOM   765  N N   . GLU A 1 99  ? -4.041  -8.315  -0.055  1.00 9.41  ? 96  GLU A N   1 
ATOM   766  C CA  . GLU A 1 99  ? -4.563  -9.011  1.146   1.00 10.75 ? 96  GLU A CA  1 
ATOM   767  C C   . GLU A 1 99  ? -5.193  -10.276 0.677   1.00 12.12 ? 96  GLU A C   1 
ATOM   768  O O   . GLU A 1 99  ? -6.232  -10.256 0.046   1.00 11.14 ? 96  GLU A O   1 
ATOM   769  C CB  . GLU A 1 99  ? -5.549  -8.119  1.880   1.00 9.33  ? 96  GLU A CB  1 
ATOM   770  C CG  . GLU A 1 99  ? -6.286  -8.724  3.031   1.00 11.87 ? 96  GLU A CG  1 
ATOM   771  C CD  . GLU A 1 99  ? -5.298  -9.303  3.990   1.00 13.39 ? 96  GLU A CD  1 
ATOM   772  O OE1 . GLU A 1 99  ? -4.572  -8.517  4.677   1.00 14.00 ? 96  GLU A OE1 1 
ATOM   773  O OE2 . GLU A 1 99  ? -5.157  -10.556 4.109   1.00 16.51 ? 96  GLU A OE2 1 
ATOM   774  N N   . LEU A 1 100 ? -4.553  -11.402 1.093   1.00 13.14 ? 97  LEU A N   1 
ATOM   775  C CA  . LEU A 1 100 ? -5.146  -12.731 0.712   1.00 13.72 ? 97  LEU A CA  1 
ATOM   776  C C   . LEU A 1 100 ? -6.507  -12.958 1.408   1.00 14.39 ? 97  LEU A C   1 
ATOM   777  O O   . LEU A 1 100 ? -7.340  -13.729 0.885   1.00 15.94 ? 97  LEU A O   1 
ATOM   778  C CB  . LEU A 1 100 ? -4.192  -13.845 1.178   1.00 15.82 ? 97  LEU A CB  1 
ATOM   779  C CG  . LEU A 1 100 ? -3.028  -14.319 0.395   1.00 20.93 ? 97  LEU A CG  1 
ATOM   780  C CD1 . LEU A 1 100 ? -2.553  -15.523 1.260   1.00 27.86 ? 97  LEU A CD1 1 
ATOM   781  C CD2 . LEU A 1 100 ? -3.426  -14.807 -0.982  1.00 22.26 ? 97  LEU A CD2 1 
ATOM   782  N N   . ASP A 1 101 ? -6.778  -12.413 2.606   1.00 14.40 ? 98  ASP A N   1 
ATOM   783  C CA  . ASP A 1 101 ? -8.007  -12.745 3.302   1.00 18.92 ? 98  ASP A CA  1 
ATOM   784  C C   . ASP A 1 101 ? -9.216  -11.908 2.873   1.00 17.51 ? 98  ASP A C   1 
ATOM   785  O O   . ASP A 1 101 ? -10.213 -11.804 3.610   1.00 20.03 ? 98  ASP A O   1 
ATOM   786  C CB  . ASP A 1 101 ? -7.815  -12.534 4.809   1.00 21.46 ? 98  ASP A CB  1 
ATOM   787  C CG  . ASP A 1 101 ? -9.063  -13.030 5.702   1.00 30.02 ? 98  ASP A CG  1 
ATOM   788  O OD1 . ASP A 1 101 ? -9.717  -14.084 5.414   1.00 36.77 ? 98  ASP A OD1 1 
ATOM   789  O OD2 . ASP A 1 101 ? -9.384  -12.322 6.721   1.00 32.69 ? 98  ASP A OD2 1 
ATOM   790  N N   . MET A 1 102 ? -9.209  -11.276 1.686   1.00 12.35 ? 99  MET A N   1 
ATOM   791  C CA  . MET A 1 102 ? -10.294 -10.480 1.264   1.00 12.51 ? 99  MET A CA  1 
ATOM   792  C C   . MET A 1 102 ? -10.454 -10.741 -0.228  1.00 10.14 ? 99  MET A C   1 
ATOM   793  O O   . MET A 1 102 ? -9.539  -10.999 -0.973  1.00 12.91 ? 99  MET A O   1 
ATOM   794  C CB  . MET A 1 102 ? -10.074 -8.961  1.514   1.00 13.57 ? 99  MET A CB  1 
ATOM   795  C CG  . MET A 1 102 ? -10.083 -8.722  3.027   1.00 16.51 ? 99  MET A CG  1 
ATOM   796  S SD  . MET A 1 102 ? -9.673  -6.965  3.336   1.00 23.31 ? 99  MET A SD  1 
ATOM   797  C CE  . MET A 1 102 ? -9.442  -6.618  1.739   1.00 16.47 ? 99  MET A CE  1 
ATOM   798  N N   . ASN A 1 103 ? -11.705 -10.686 -0.626  1.00 12.33 ? 100 ASN A N   1 
ATOM   799  C CA  . ASN A 1 103 ? -11.976 -10.980 -2.042  1.00 11.26 ? 100 ASN A CA  1 
ATOM   800  C C   . ASN A 1 103 ? -11.517 -9.873  -2.975  1.00 11.75 ? 100 ASN A C   1 
ATOM   801  O O   . ASN A 1 103 ? -11.440 -8.725  -2.577  1.00 10.98 ? 100 ASN A O   1 
ATOM   802  C CB  . ASN A 1 103 ? -13.493 -11.087 -2.254  1.00 10.53 ? 100 ASN A CB  1 
ATOM   803  C CG  . ASN A 1 103 ? -14.075 -12.348 -1.705  1.00 8.97  ? 100 ASN A CG  1 
ATOM   804  O OD1 . ASN A 1 103 ? -13.379 -13.356 -1.549  1.00 13.79 ? 100 ASN A OD1 1 
ATOM   805  N ND2 . ASN A 1 103 ? -15.360 -12.251 -1.287  1.00 11.22 ? 100 ASN A ND2 1 
ATOM   806  N N   . PRO A 1 104 ? -11.241 -10.175 -4.265  1.00 11.84 ? 101 PRO A N   1 
ATOM   807  C CA  . PRO A 1 104 ? -10.990 -9.096  -5.236  1.00 10.73 ? 101 PRO A CA  1 
ATOM   808  C C   . PRO A 1 104 ? -12.173 -8.155  -5.290  1.00 11.10 ? 101 PRO A C   1 
ATOM   809  O O   . PRO A 1 104 ? -13.342 -8.618  -5.305  1.00 13.70 ? 101 PRO A O   1 
ATOM   810  C CB  . PRO A 1 104 ? -10.793 -9.839  -6.566  1.00 11.38 ? 101 PRO A CB  1 
ATOM   811  C CG  . PRO A 1 104 ? -10.375 -11.139 -6.137  1.00 12.60 ? 101 PRO A CG  1 
ATOM   812  C CD  . PRO A 1 104 ? -11.150 -11.489 -4.891  1.00 12.22 ? 101 PRO A CD  1 
ATOM   813  N N   . GLY A 1 105 ? -11.918 -6.844  -5.238  1.00 12.46 ? 102 GLY A N   1 
ATOM   814  C CA  . GLY A 1 105 ? -13.002 -5.849  -5.217  1.00 11.99 ? 102 GLY A CA  1 
ATOM   815  C C   . GLY A 1 105 ? -13.390 -5.420  -3.800  1.00 11.70 ? 102 GLY A C   1 
ATOM   816  O O   . GLY A 1 105 ? -14.101 -4.396  -3.638  1.00 15.82 ? 102 GLY A O   1 
ATOM   817  N N   . VAL A 1 106 ? -12.855 -6.113  -2.776  1.00 9.87  ? 103 VAL A N   1 
ATOM   818  C CA  . VAL A 1 106 ? -12.970 -5.685  -1.327  1.00 11.53 ? 103 VAL A CA  1 
ATOM   819  C C   . VAL A 1 106 ? -11.676 -4.886  -1.010  1.00 9.78  ? 103 VAL A C   1 
ATOM   820  O O   . VAL A 1 106 ? -10.582 -5.279  -1.405  1.00 10.87 ? 103 VAL A O   1 
ATOM   821  C CB  . VAL A 1 106 ? -13.060 -6.906  -0.395  1.00 12.00 ? 103 VAL A CB  1 
ATOM   822  C CG1 . VAL A 1 106 ? -13.188 -6.543  1.055   1.00 14.54 ? 103 VAL A CG1 1 
ATOM   823  C CG2 . VAL A 1 106 ? -14.328 -7.761  -0.771  1.00 15.21 ? 103 VAL A CG2 1 
ATOM   824  N N   . ILE A 1 107 ? -11.870 -3.782  -0.303  1.00 11.29 ? 104 ILE A N   1 
ATOM   825  C CA  . ILE A 1 107 ? -10.704 -2.921  0.118   1.00 11.39 ? 104 ILE A CA  1 
ATOM   826  C C   . ILE A 1 107 ? -11.063 -2.440  1.503   1.00 12.90 ? 104 ILE A C   1 
ATOM   827  O O   . ILE A 1 107 ? -12.233 -2.117  1.773   1.00 16.09 ? 104 ILE A O   1 
ATOM   828  C CB  . ILE A 1 107 ? -10.427 -1.823  -0.927  1.00 13.96 ? 104 ILE A CB  1 
ATOM   829  C CG1 . ILE A 1 107 ? -9.143  -1.058  -0.660  1.00 16.37 ? 104 ILE A CG1 1 
ATOM   830  C CG2 . ILE A 1 107 ? -11.759 -0.945  -1.217  1.00 16.75 ? 104 ILE A CG2 1 
ATOM   831  C CD1 . ILE A 1 107 ? -8.555  -0.591  -2.060  1.00 18.98 ? 104 ILE A CD1 1 
ATOM   832  N N   . ARG A 1 108 ? -10.107 -2.484  2.407   1.00 10.92 ? 105 ARG A N   1 
ATOM   833  C CA  . ARG A 1 108 ? -10.347 -2.037  3.790   1.00 12.25 ? 105 ARG A CA  1 
ATOM   834  C C   . ARG A 1 108 ? -9.159  -1.258  4.323   1.00 12.34 ? 105 ARG A C   1 
ATOM   835  O O   . ARG A 1 108 ? -8.005  -1.537  3.984   1.00 12.20 ? 105 ARG A O   1 
ATOM   836  C CB  . ARG A 1 108 ? -10.686 -3.163  4.773   1.00 14.08 ? 105 ARG A CB  1 
ATOM   837  C CG  . ARG A 1 108 ? -12.035 -3.853  4.475   1.00 19.32 ? 105 ARG A CG  1 
ATOM   838  C CD  . ARG A 1 108 ? -12.804 -4.145  5.797   1.00 28.71 ? 105 ARG A CD  1 
ATOM   839  N NE  . ARG A 1 108 ? -12.841 -5.551  6.146   1.00 40.21 ? 105 ARG A NE  1 
ATOM   840  C CZ  . ARG A 1 108 ? -13.749 -6.381  5.621   1.00 41.61 ? 105 ARG A CZ  1 
ATOM   841  N NH1 . ARG A 1 108 ? -13.750 -7.660  5.955   1.00 44.73 ? 105 ARG A NH1 1 
ATOM   842  N NH2 . ARG A 1 108 ? -14.643 -5.910  4.742   1.00 41.30 ? 105 ARG A NH2 1 
ATOM   843  N N   . LEU A 1 109 ? -9.458  -0.205  5.049   1.00 11.66 ? 106 LEU A N   1 
ATOM   844  C CA  . LEU A 1 109 ? -8.458  0.551   5.794   1.00 10.91 ? 106 LEU A CA  1 
ATOM   845  C C   . LEU A 1 109 ? -8.381  0.010   7.204   1.00 13.23 ? 106 LEU A C   1 
ATOM   846  O O   . LEU A 1 109 ? -9.429  -0.095  7.881   1.00 15.77 ? 106 LEU A O   1 
ATOM   847  C CB  . LEU A 1 109 ? -8.884  1.980   5.835   1.00 13.62 ? 106 LEU A CB  1 
ATOM   848  C CG  . LEU A 1 109 ? -7.852  2.937   6.460   1.00 16.07 ? 106 LEU A CG  1 
ATOM   849  C CD1 . LEU A 1 109 ? -6.622  3.134   5.522   1.00 17.62 ? 106 LEU A CD1 1 
ATOM   850  C CD2 . LEU A 1 109 ? -8.477  4.322   6.745   1.00 15.30 ? 106 LEU A CD2 1 
ATOM   851  N N   . LYS A 1 110 ? -7.185  -0.400  7.641   1.00 9.18  ? 107 LYS A N   1 
ATOM   852  C CA  . LYS A 1 110 ? -6.968  -1.047  8.977   1.00 9.95  ? 107 LYS A CA  1 
ATOM   853  C C   . LYS A 1 110 ? -5.900  -0.255  9.671   1.00 11.85 ? 107 LYS A C   1 
ATOM   854  O O   . LYS A 1 110 ? -4.917  0.187   9.045   1.00 12.01 ? 107 LYS A O   1 
ATOM   855  C CB  . LYS A 1 110 ? -6.493  -2.472  8.850   1.00 11.63 ? 107 LYS A CB  1 
ATOM   856  C CG  . LYS A 1 110 ? -6.176  -3.161  10.166  1.00 14.46 ? 107 LYS A CG  1 
ATOM   857  C CD  . LYS A 1 110 ? -5.929  -4.647  9.994   1.00 23.57 ? 107 LYS A CD  1 
ATOM   858  C CE  . LYS A 1 110 ? -5.896  -5.300  11.508  1.00 22.97 ? 107 LYS A CE  1 
ATOM   859  N NZ  . LYS A 1 110 ? -5.720  -6.780  11.389  1.00 31.29 ? 107 LYS A NZ  1 
ATOM   860  N N   . THR A 1 111 ? -6.008  -0.121  10.971  1.00 11.10 ? 108 THR A N   1 
ATOM   861  C CA  . THR A 1 111 ? -4.940  0.486   11.769  1.00 13.56 ? 108 THR A CA  1 
ATOM   862  C C   . THR A 1 111 ? -4.485  -0.558  12.732  1.00 11.94 ? 108 THR A C   1 
ATOM   863  O O   . THR A 1 111 ? -5.320  -1.130  13.482  1.00 13.44 ? 108 THR A O   1 
ATOM   864  C CB  . THR A 1 111 ? -5.455  1.689   12.503  1.00 14.89 ? 108 THR A CB  1 
ATOM   865  O OG1 . THR A 1 111 ? -5.941  2.674   11.545  1.00 16.45 ? 108 THR A OG1 1 
ATOM   866  C CG2 . THR A 1 111 ? -4.332  2.305   13.390  1.00 18.31 ? 108 THR A CG2 1 
ATOM   867  N N   . GLY A 1 112 ? -3.200  -0.825  12.734  1.00 12.31 ? 109 GLY A N   1 
ATOM   868  C CA  . GLY A 1 112 ? -2.655  -1.824  13.638  1.00 12.67 ? 109 GLY A CA  1 
ATOM   869  C C   . GLY A 1 112 ? -2.743  -3.246  13.211  1.00 14.20 ? 109 GLY A C   1 
ATOM   870  O O   . GLY A 1 112 ? -3.207  -3.530  12.103  1.00 14.17 ? 109 GLY A O   1 
ATOM   871  N N   . GLY A 1 113 ? -2.461  -4.162  14.154  1.00 15.58 ? 110 GLY A N   1 
ATOM   872  C CA  . GLY A 1 113 ? -2.556  -5.608  13.846  1.00 15.64 ? 110 GLY A CA  1 
ATOM   873  C C   . GLY A 1 113 ? -1.308  -6.174  13.267  1.00 13.72 ? 110 GLY A C   1 
ATOM   874  O O   . GLY A 1 113 ? -0.282  -5.483  13.185  1.00 13.36 ? 110 GLY A O   1 
ATOM   875  N N   . GLY A 1 114 ? -1.314  -7.474  12.892  1.00 15.23 ? 111 GLY A N   1 
ATOM   876  C CA  . GLY A 1 114 ? -0.123  -8.123  12.487  1.00 15.00 ? 111 GLY A CA  1 
ATOM   877  C C   . GLY A 1 114 ? 0.054   -8.100  10.982  1.00 15.58 ? 111 GLY A C   1 
ATOM   878  O O   . GLY A 1 114 ? -0.604  -7.343  10.248  1.00 16.04 ? 111 GLY A O   1 
ATOM   879  N N   . HIS A 1 115 ? 0.941   -8.950  10.548  1.00 14.17 ? 112 HIS A N   1 
ATOM   880  C CA  . HIS A 1 115 ? 1.216   -9.042  9.104   1.00 15.51 ? 112 HIS A CA  1 
ATOM   881  C C   . HIS A 1 115 ? 0.259   -9.999  8.406   1.00 17.09 ? 112 HIS A C   1 
ATOM   882  O O   . HIS A 1 115 ? 0.168   -9.896  7.171   1.00 15.41 ? 112 HIS A O   1 
ATOM   883  C CB  . HIS A 1 115 ? 2.636   -9.440  8.836   1.00 15.30 ? 112 HIS A CB  1 
ATOM   884  C CG  . HIS A 1 115 ? 3.109   -10.711 9.532   1.00 18.83 ? 112 HIS A CG  1 
ATOM   885  N ND1 . HIS A 1 115 ? 2.627   -11.968 9.222   1.00 18.25 ? 112 HIS A ND1 1 
ATOM   886  C CD2 . HIS A 1 115 ? 4.129   -10.905 10.394  1.00 22.69 ? 112 HIS A CD2 1 
ATOM   887  C CE1 . HIS A 1 115 ? 3.260   -12.871 9.949   1.00 20.93 ? 112 HIS A CE1 1 
ATOM   888  N NE2 . HIS A 1 115 ? 4.199   -12.260 10.645  1.00 21.74 ? 112 HIS A NE2 1 
ATOM   889  N N   . GLY A 1 116 ? -0.450  -10.885 9.108   1.00 14.18 ? 113 GLY A N   1 
ATOM   890  C CA  . GLY A 1 116 ? -1.480  -11.738 8.517   1.00 15.18 ? 113 GLY A CA  1 
ATOM   891  C C   . GLY A 1 116 ? -0.837  -12.613 7.472   1.00 14.91 ? 113 GLY A C   1 
ATOM   892  O O   . GLY A 1 116 ? -1.602  -13.063 6.474   1.00 17.59 ? 113 GLY A O   1 
ATOM   893  N N   . GLY A 1 117 ? 0.435   -12.930 7.632   1.00 14.59 ? 114 GLY A N   1 
ATOM   894  C CA  . GLY A 1 117 ? 1.222   -13.793 6.705   1.00 15.56 ? 114 GLY A CA  1 
ATOM   895  C C   . GLY A 1 117 ? 1.865   -13.099 5.519   1.00 14.87 ? 114 GLY A C   1 
ATOM   896  O O   . GLY A 1 117 ? 2.608   -13.735 4.741   1.00 17.08 ? 114 GLY A O   1 
ATOM   897  N N   . HIS A 1 118 ? 1.615   -11.771 5.448   1.00 13.35 ? 115 HIS A N   1 
ATOM   898  C CA  . HIS A 1 118 ? 2.190   -11.028 4.303   1.00 11.21 ? 115 HIS A CA  1 
ATOM   899  C C   . HIS A 1 118 ? 3.684   -10.829 4.507   1.00 10.38 ? 115 HIS A C   1 
ATOM   900  O O   . HIS A 1 118 ? 4.109   -10.191 5.504   1.00 12.86 ? 115 HIS A O   1 
ATOM   901  C CB  . HIS A 1 118 ? 1.427   -9.713  4.170   1.00 11.19 ? 115 HIS A CB  1 
ATOM   902  C CG  . HIS A 1 118 ? 1.738   -8.979  2.909   1.00 10.49 ? 115 HIS A CG  1 
ATOM   903  N ND1 . HIS A 1 118 ? 2.931   -8.336  2.683   1.00 10.71 ? 115 HIS A ND1 1 
ATOM   904  C CD2 . HIS A 1 118 ? 1.023   -8.897  1.767   1.00 9.36  ? 115 HIS A CD2 1 
ATOM   905  C CE1 . HIS A 1 118 ? 2.913   -7.862  1.432   1.00 12.44 ? 115 HIS A CE1 1 
ATOM   906  N NE2 . HIS A 1 118 ? 1.755   -8.180  0.871   1.00 9.95  ? 115 HIS A NE2 1 
ATOM   907  N N   . ASN A 1 119 ? 4.499   -11.297 3.587   1.00 10.56 ? 116 ASN A N   1 
ATOM   908  C CA  . ASN A 1 119 ? 5.938   -11.245 3.795   1.00 11.72 ? 116 ASN A CA  1 
ATOM   909  C C   . ASN A 1 119 ? 6.601   -9.876  3.658   1.00 12.60 ? 116 ASN A C   1 
ATOM   910  O O   . ASN A 1 119 ? 7.675   -9.706  4.091   1.00 13.69 ? 116 ASN A O   1 
ATOM   911  C CB  . ASN A 1 119 ? 6.668   -12.325 3.016   1.00 14.03 ? 116 ASN A CB  1 
ATOM   912  C CG  A ASN A 1 119 ? 6.496   -13.714 3.650   0.40 16.23 ? 116 ASN A CG  1 
ATOM   913  C CG  B ASN A 1 119 ? 6.701   -12.225 1.429   0.60 12.36 ? 116 ASN A CG  1 
ATOM   914  O OD1 A ASN A 1 119 ? 6.351   -14.681 2.944   0.40 23.37 ? 116 ASN A OD1 1 
ATOM   915  O OD1 B ASN A 1 119 ? 7.572   -12.841 0.763   0.60 20.43 ? 116 ASN A OD1 1 
ATOM   916  N ND2 A ASN A 1 119 ? 6.475   -13.793 4.942   0.40 21.38 ? 116 ASN A ND2 1 
ATOM   917  N ND2 B ASN A 1 119 ? 5.750   -11.494 0.825   0.60 13.04 ? 116 ASN A ND2 1 
ATOM   918  N N   . GLY A 1 120 ? 5.907   -8.924  3.048   1.00 9.87  ? 117 GLY A N   1 
ATOM   919  C CA  . GLY A 1 120 ? 6.351   -7.590  3.040   1.00 10.17 ? 117 GLY A CA  1 
ATOM   920  C C   . GLY A 1 120 ? 6.127   -6.949  4.420   1.00 7.72  ? 117 GLY A C   1 
ATOM   921  O O   . GLY A 1 120 ? 7.035   -6.331  4.997   1.00 9.40  ? 117 GLY A O   1 
ATOM   922  N N   . LEU A 1 121 ? 4.892   -7.073  4.929   1.00 9.25  ? 118 LEU A N   1 
ATOM   923  C CA  . LEU A 1 121 ? 4.538   -6.486  6.211   1.00 8.68  ? 118 LEU A CA  1 
ATOM   924  C C   . LEU A 1 121 ? 5.430   -7.154  7.303   1.00 9.32  ? 118 LEU A C   1 
ATOM   925  O O   . LEU A 1 121 ? 5.836   -6.498  8.231   1.00 10.50 ? 118 LEU A O   1 
ATOM   926  C CB  . LEU A 1 121 ? 3.068   -6.630  6.566   1.00 9.50  ? 118 LEU A CB  1 
ATOM   927  C CG  . LEU A 1 121 ? 2.128   -5.881  5.610   1.00 8.69  ? 118 LEU A CG  1 
ATOM   928  C CD1 . LEU A 1 121 ? 0.725   -6.250  6.082   1.00 12.44 ? 118 LEU A CD1 1 
ATOM   929  C CD2 . LEU A 1 121 ? 2.370   -4.401  5.753   1.00 9.09  ? 118 LEU A CD2 1 
ATOM   930  N N   . GLN A 1 122 ? 5.757   -8.415  7.105   1.00 10.68 ? 119 GLN A N   1 
ATOM   931  C CA  . GLN A 1 122 ? 6.558   -9.168  8.087   1.00 10.94 ? 119 GLN A CA  1 
ATOM   932  C C   . GLN A 1 122 ? 7.945   -8.578  8.256   1.00 10.49 ? 119 GLN A C   1 
ATOM   933  O O   . GLN A 1 122 ? 8.499   -8.676  9.285   1.00 11.14 ? 119 GLN A O   1 
ATOM   934  C CB  . GLN A 1 122 ? 6.680   -10.636 7.657   1.00 12.34 ? 119 GLN A CB  1 
ATOM   935  C CG  . GLN A 1 122 ? 7.512   -11.542 8.624   1.00 17.90 ? 119 GLN A CG  1 
ATOM   936  C CD  . GLN A 1 122 ? 7.588   -13.009 8.244   1.00 21.73 ? 119 GLN A CD  1 
ATOM   937  O OE1 . GLN A 1 122 ? 7.348   -13.377 7.178   1.00 34.58 ? 119 GLN A OE1 1 
ATOM   938  N NE2 . GLN A 1 122 ? 7.963   -13.827 9.180   1.00 30.77 ? 119 GLN A NE2 1 
ATOM   939  N N   . ASP A 1 123 ? 8.446   -7.943  7.211   1.00 9.48  ? 120 ASP A N   1 
ATOM   940  C CA  . ASP A 1 123 ? 9.708   -7.270  7.263   1.00 9.40  ? 120 ASP A CA  1 
ATOM   941  C C   . ASP A 1 123 ? 9.650   -5.839  7.815   1.00 10.32 ? 120 ASP A C   1 
ATOM   942  O O   . ASP A 1 123 ? 10.709  -5.219  7.943   1.00 10.86 ? 120 ASP A O   1 
ATOM   943  C CB  . ASP A 1 123 ? 10.350  -7.229  5.878   1.00 11.07 ? 120 ASP A CB  1 
ATOM   944  C CG  . ASP A 1 123 ? 11.838  -7.063  5.942   1.00 12.85 ? 120 ASP A CG  1 
ATOM   945  O OD1 . ASP A 1 123 ? 12.503  -7.845  6.725   1.00 15.08 ? 120 ASP A OD1 1 
ATOM   946  O OD2 . ASP A 1 123 ? 12.417  -6.160  5.284   1.00 14.29 ? 120 ASP A OD2 1 
ATOM   947  N N   . ILE A 1 124 ? 8.450   -5.326  8.133   1.00 8.34  ? 121 ILE A N   1 
ATOM   948  C CA  . ILE A 1 124 ? 8.300   -3.893  8.538   1.00 9.45  ? 121 ILE A CA  1 
ATOM   949  C C   . ILE A 1 124 ? 7.884   -3.795  10.021  1.00 10.93 ? 121 ILE A C   1 
ATOM   950  O O   . ILE A 1 124 ? 8.452   -3.030  10.789  1.00 10.96 ? 121 ILE A O   1 
ATOM   951  C CB  . ILE A 1 124 ? 7.279   -3.240  7.622   1.00 9.01  ? 121 ILE A CB  1 
ATOM   952  C CG1 . ILE A 1 124 ? 7.907   -3.094  6.209   1.00 10.53 ? 121 ILE A CG1 1 
ATOM   953  C CG2 . ILE A 1 124 ? 6.911   -1.876  8.147   1.00 11.21 ? 121 ILE A CG2 1 
ATOM   954  C CD1 . ILE A 1 124 ? 6.866   -2.746  5.121   1.00 10.65 ? 121 ILE A CD1 1 
ATOM   955  N N   . VAL A 1 125 ? 6.871   -4.572  10.377  1.00 10.35 ? 122 VAL A N   1 
ATOM   956  C CA  . VAL A 1 125 ? 6.348   -4.454  11.769  1.00 10.96 ? 122 VAL A CA  1 
ATOM   957  C C   . VAL A 1 125 ? 7.416   -4.668  12.885  1.00 10.80 ? 122 VAL A C   1 
ATOM   958  O O   . VAL A 1 125 ? 7.340   -4.040  13.890  1.00 10.99 ? 122 VAL A O   1 
ATOM   959  C CB  . VAL A 1 125 ? 5.188   -5.484  11.966  1.00 10.92 ? 122 VAL A CB  1 
ATOM   960  C CG1 . VAL A 1 125 ? 4.671   -5.432  13.391  1.00 13.56 ? 122 VAL A CG1 1 
ATOM   961  C CG2 . VAL A 1 125 ? 4.044   -5.157  11.001  1.00 12.82 ? 122 VAL A CG2 1 
ATOM   962  N N   . PRO A 1 126 ? 8.426   -5.554  12.708  1.00 10.49 ? 123 PRO A N   1 
ATOM   963  C CA  . PRO A 1 126 ? 9.365   -5.723  13.783  1.00 11.18 ? 123 PRO A CA  1 
ATOM   964  C C   . PRO A 1 126 ? 10.126  -4.449  14.121  1.00 11.09 ? 123 PRO A C   1 
ATOM   965  O O   . PRO A 1 126 ? 10.662  -4.346  15.210  1.00 15.19 ? 123 PRO A O   1 
ATOM   966  C CB  . PRO A 1 126 ? 10.348  -6.801  13.208  1.00 10.99 ? 123 PRO A CB  1 
ATOM   967  C CG  . PRO A 1 126 ? 9.440   -7.689  12.345  1.00 12.47 ? 123 PRO A CG  1 
ATOM   968  C CD  . PRO A 1 126 ? 8.653   -6.569  11.671  1.00 9.83  ? 123 PRO A CD  1 
ATOM   969  N N   . HIS A 1 127 ? 10.226  -3.511  13.177  1.00 10.65 ? 124 HIS A N   1 
ATOM   970  C CA  . HIS A 1 127 ? 11.038  -2.343  13.303  1.00 11.92 ? 124 HIS A CA  1 
ATOM   971  C C   . HIS A 1 127 ? 10.330  -1.153  13.707  1.00 14.43 ? 124 HIS A C   1 
ATOM   972  O O   . HIS A 1 127 ? 10.803  -0.363  14.570  1.00 19.16 ? 124 HIS A O   1 
ATOM   973  C CB  . HIS A 1 127 ? 11.754  -2.050  11.994  1.00 12.42 ? 124 HIS A CB  1 
ATOM   974  C CG  . HIS A 1 127 ? 12.534  -3.208  11.507  1.00 10.58 ? 124 HIS A CG  1 
ATOM   975  N ND1 . HIS A 1 127 ? 13.701  -3.648  12.168  1.00 12.80 ? 124 HIS A ND1 1 
ATOM   976  C CD2 . HIS A 1 127 ? 12.282  -4.119  10.534  1.00 11.16 ? 124 HIS A CD2 1 
ATOM   977  C CE1 . HIS A 1 127 ? 14.115  -4.745  11.572  1.00 13.13 ? 124 HIS A CE1 1 
ATOM   978  N NE2 . HIS A 1 127 ? 13.285  -5.085  10.584  1.00 13.38 ? 124 HIS A NE2 1 
ATOM   979  N N   . ILE A 1 128 ? 9.180   -0.909  13.078  1.00 12.36 ? 125 ILE A N   1 
ATOM   980  C CA  . ILE A 1 128 ? 8.446   0.288   13.412  1.00 13.85 ? 125 ILE A CA  1 
ATOM   981  C C   . ILE A 1 128 ? 7.187   0.010   14.267  1.00 12.06 ? 125 ILE A C   1 
ATOM   982  O O   . ILE A 1 128 ? 6.486   0.996   14.682  1.00 13.35 ? 125 ILE A O   1 
ATOM   983  C CB  . ILE A 1 128 ? 8.066   1.135   12.192  1.00 12.01 ? 125 ILE A CB  1 
ATOM   984  C CG1 . ILE A 1 128 ? 7.137   0.360   11.254  1.00 11.13 ? 125 ILE A CG1 1 
ATOM   985  C CG2 . ILE A 1 128 ? 9.295   1.596   11.408  1.00 15.26 ? 125 ILE A CG2 1 
ATOM   986  C CD1 . ILE A 1 128 ? 6.652   1.291   10.147  1.00 12.11 ? 125 ILE A CD1 1 
ATOM   987  N N   . GLY A 1 129 ? 6.938   -1.270  14.526  1.00 10.13 ? 126 GLY A N   1 
ATOM   988  C CA  . GLY A 1 129 ? 5.787   -1.671  15.314  1.00 9.62  ? 126 GLY A CA  1 
ATOM   989  C C   . GLY A 1 129 ? 4.536   -1.659  14.420  1.00 10.10 ? 126 GLY A C   1 
ATOM   990  O O   . GLY A 1 129 ? 4.615   -1.409  13.206  1.00 11.20 ? 126 GLY A O   1 
ATOM   991  N N   . PRO A 1 130 ? 3.407   -1.985  14.993  1.00 9.01  ? 127 PRO A N   1 
ATOM   992  C CA  . PRO A 1 130 ? 2.238   -2.207  14.165  1.00 8.85  ? 127 PRO A CA  1 
ATOM   993  C C   . PRO A 1 130 ? 1.335   -1.012  13.953  1.00 9.43  ? 127 PRO A C   1 
ATOM   994  O O   . PRO A 1 130 ? 0.353   -1.164  13.173  1.00 9.69  ? 127 PRO A O   1 
ATOM   995  C CB  . PRO A 1 130 ? 1.501   -3.325  14.977  1.00 8.91  ? 127 PRO A CB  1 
ATOM   996  C CG  . PRO A 1 130 ? 1.756   -2.750  16.449  1.00 11.21 ? 127 PRO A CG  1 
ATOM   997  C CD  . PRO A 1 130 ? 3.195   -2.436  16.413  1.00 11.41 ? 127 PRO A CD  1 
ATOM   998  N N   . ASN A 1 131 ? 1.593   0.159   14.532  1.00 9.15  ? 128 ASN A N   1 
ATOM   999  C CA  . ASN A 1 131 ? 0.593   1.188   14.544  1.00 9.79  ? 128 ASN A CA  1 
ATOM   1000 C C   . ASN A 1 131 ? 0.644   2.095   13.354  1.00 10.56 ? 128 ASN A C   1 
ATOM   1001 O O   . ASN A 1 131 ? 0.376   3.291   13.523  1.00 14.88 ? 128 ASN A O   1 
ATOM   1002 C CB  . ASN A 1 131 ? 0.791   1.997   15.847  1.00 10.59 ? 128 ASN A CB  1 
ATOM   1003 C CG  . ASN A 1 131 ? 0.568   1.141   17.070  1.00 14.06 ? 128 ASN A CG  1 
ATOM   1004 O OD1 . ASN A 1 131 ? -0.315  0.290   17.101  1.00 20.30 ? 128 ASN A OD1 1 
ATOM   1005 N ND2 . ASN A 1 131 ? 1.534   1.239   18.014  1.00 19.95 ? 128 ASN A ND2 1 
ATOM   1006 N N   . PHE A 1 132 ? 0.911   1.548   12.199  1.00 9.44  ? 129 PHE A N   1 
ATOM   1007 C CA  . PHE A 1 132 ? 0.717   2.212   10.924  1.00 9.58  ? 129 PHE A CA  1 
ATOM   1008 C C   . PHE A 1 132 ? -0.648  1.785   10.386  1.00 8.90  ? 129 PHE A C   1 
ATOM   1009 O O   . PHE A 1 132 ? -1.247  0.721   10.739  1.00 8.34  ? 129 PHE A O   1 
ATOM   1010 C CB  . PHE A 1 132 ? 1.902   2.018   9.990   1.00 7.96  ? 129 PHE A CB  1 
ATOM   1011 C CG  . PHE A 1 132 ? 2.213   0.586   9.705   1.00 8.88  ? 129 PHE A CG  1 
ATOM   1012 C CD1 . PHE A 1 132 ? 1.596   -0.085  8.651   1.00 7.07  ? 129 PHE A CD1 1 
ATOM   1013 C CD2 . PHE A 1 132 ? 3.091   -0.139  10.543  1.00 9.19  ? 129 PHE A CD2 1 
ATOM   1014 C CE1 . PHE A 1 132 ? 1.892   -1.394  8.379   1.00 9.15  ? 129 PHE A CE1 1 
ATOM   1015 C CE2 . PHE A 1 132 ? 3.414   -1.453  10.249  1.00 8.09  ? 129 PHE A CE2 1 
ATOM   1016 C CZ  . PHE A 1 132 ? 2.811   -2.108  9.193   1.00 9.66  ? 129 PHE A CZ  1 
ATOM   1017 N N   . HIS A 1 133 ? -1.096  2.538   9.375   1.00 7.60  ? 130 HIS A N   1 
ATOM   1018 C CA  . HIS A 1 133 ? -2.344  2.275   8.707   1.00 6.82  ? 130 HIS A CA  1 
ATOM   1019 C C   . HIS A 1 133 ? -2.076  1.396   7.478   1.00 7.54  ? 130 HIS A C   1 
ATOM   1020 O O   . HIS A 1 133 ? -1.018  1.550   6.839   1.00 7.44  ? 130 HIS A O   1 
ATOM   1021 C CB  . HIS A 1 133 ? -3.040  3.518   8.323   1.00 8.06  ? 130 HIS A CB  1 
ATOM   1022 C CG  . HIS A 1 133 ? -3.095  4.491   9.439   1.00 10.54 ? 130 HIS A CG  1 
ATOM   1023 N ND1 . HIS A 1 133 ? -4.009  4.364   10.479  1.00 12.12 ? 130 HIS A ND1 1 
ATOM   1024 C CD2 . HIS A 1 133 ? -2.257  5.502   9.770   1.00 10.81 ? 130 HIS A CD2 1 
ATOM   1025 C CE1 . HIS A 1 133 ? -3.785  5.342   11.351  1.00 15.38 ? 130 HIS A CE1 1 
ATOM   1026 N NE2 . HIS A 1 133 ? -2.745  6.053   10.935  1.00 13.25 ? 130 HIS A NE2 1 
ATOM   1027 N N   . ARG A 1 134 ? -3.052  0.617   7.115   1.00 7.15  ? 131 ARG A N   1 
ATOM   1028 C CA  . ARG A 1 134 ? -2.898  -0.312  5.964   1.00 6.94  ? 131 ARG A CA  1 
ATOM   1029 C C   . ARG A 1 134 ? -4.098  -0.191  5.045   1.00 7.12  ? 131 ARG A C   1 
ATOM   1030 O O   . ARG A 1 134 ? -5.242  -0.118  5.497   1.00 7.54  ? 131 ARG A O   1 
ATOM   1031 C CB  . ARG A 1 134 ? -2.760  -1.798  6.366   1.00 7.92  ? 131 ARG A CB  1 
ATOM   1032 C CG  . ARG A 1 134 ? -1.608  -1.945  7.385   1.00 9.25  ? 131 ARG A CG  1 
ATOM   1033 C CD  . ARG A 1 134 ? -2.252  -1.938  8.793   1.00 7.04  ? 131 ARG A CD  1 
ATOM   1034 N NE  . ARG A 1 134 ? -1.174  -2.145  9.838   1.00 7.88  ? 131 ARG A NE  1 
ATOM   1035 C CZ  . ARG A 1 134 ? -0.741  -3.318  10.311  1.00 10.51 ? 131 ARG A CZ  1 
ATOM   1036 N NH1 . ARG A 1 134 ? -1.042  -4.462  9.748   1.00 9.97  ? 131 ARG A NH1 1 
ATOM   1037 N NH2 . ARG A 1 134 ? 0.161   -3.340  11.303  1.00 8.72  ? 131 ARG A NH2 1 
ATOM   1038 N N   . LEU A 1 135 ? -3.811  -0.130  3.728   1.00 6.53  ? 132 LEU A N   1 
ATOM   1039 C CA  . LEU A 1 135 ? -4.913  -0.185  2.734   1.00 6.00  ? 132 LEU A CA  1 
ATOM   1040 C C   . LEU A 1 135 ? -4.840  -1.601  2.215   1.00 7.36  ? 132 LEU A C   1 
ATOM   1041 O O   . LEU A 1 135 ? -3.904  -1.973  1.462   1.00 7.78  ? 132 LEU A O   1 
ATOM   1042 C CB  . LEU A 1 135 ? -4.668  0.844   1.641   1.00 6.09  ? 132 LEU A CB  1 
ATOM   1043 C CG  . LEU A 1 135 ? -5.847  0.818   0.661   1.00 7.60  ? 132 LEU A CG  1 
ATOM   1044 C CD1 . LEU A 1 135 ? -7.105  1.479   1.308   1.00 11.93 ? 132 LEU A CD1 1 
ATOM   1045 C CD2 . LEU A 1 135 ? -5.469  1.598   -0.572  1.00 10.58 ? 132 LEU A CD2 1 
ATOM   1046 N N   . ARG A 1 136 ? -5.776  -2.445  2.684   1.00 7.89  ? 133 ARG A N   1 
ATOM   1047 C CA  . ARG A 1 136 ? -5.675  -3.919  2.425   1.00 6.40  ? 133 ARG A CA  1 
ATOM   1048 C C   . ARG A 1 136 ? -6.520  -4.121  1.154   1.00 7.12  ? 133 ARG A C   1 
ATOM   1049 O O   . ARG A 1 136 ? -7.719  -3.848  1.101   1.00 9.25  ? 133 ARG A O   1 
ATOM   1050 C CB  . ARG A 1 136 ? -6.406  -4.640  3.599   1.00 9.18  ? 133 ARG A CB  1 
ATOM   1051 C CG  . ARG A 1 136 ? -5.686  -4.367  4.934   1.00 8.80  ? 133 ARG A CG  1 
ATOM   1052 C CD  . ARG A 1 136 ? -6.429  -5.061  6.092   1.00 12.43 ? 133 ARG A CD  1 
ATOM   1053 N NE  . ARG A 1 136 ? -6.353  -6.498  6.064   1.00 16.00 ? 133 ARG A NE  1 
ATOM   1054 C CZ  . ARG A 1 136 ? -7.209  -7.271  6.747   1.00 24.98 ? 133 ARG A CZ  1 
ATOM   1055 N NH1 . ARG A 1 136 ? -8.236  -6.684  7.396   1.00 26.93 ? 133 ARG A NH1 1 
ATOM   1056 N NH2 . ARG A 1 136 ? -7.038  -8.595  6.762   1.00 24.41 ? 133 ARG A NH2 1 
ATOM   1057 N N   . ILE A 1 137 ? -5.836  -4.438  0.083   1.00 6.22  ? 134 ILE A N   1 
ATOM   1058 C CA  . ILE A 1 137 ? -6.489  -4.573  -1.264  1.00 7.21  ? 134 ILE A CA  1 
ATOM   1059 C C   . ILE A 1 137 ? -6.697  -6.072  -1.520  1.00 7.36  ? 134 ILE A C   1 
ATOM   1060 O O   . ILE A 1 137 ? -5.744  -6.857  -1.728  1.00 7.95  ? 134 ILE A O   1 
ATOM   1061 C CB  . ILE A 1 137 ? -5.515  -4.000  -2.338  1.00 7.74  ? 134 ILE A CB  1 
ATOM   1062 C CG1 . ILE A 1 137 ? -5.211  -2.544  -1.995  1.00 6.59  ? 134 ILE A CG1 1 
ATOM   1063 C CG2 . ILE A 1 137 ? -6.161  -4.233  -3.766  1.00 8.30  ? 134 ILE A CG2 1 
ATOM   1064 C CD1 . ILE A 1 137 ? -3.970  -2.021  -2.799  1.00 9.13  ? 134 ILE A CD1 1 
ATOM   1065 N N   . GLY A 1 138 ? -7.977  -6.496  -1.352  1.00 7.84  ? 135 GLY A N   1 
ATOM   1066 C CA  . GLY A 1 138 ? -8.295  -7.946  -1.544  1.00 8.12  ? 135 GLY A CA  1 
ATOM   1067 C C   . GLY A 1 138 ? -7.770  -8.524  -2.838  1.00 6.54  ? 135 GLY A C   1 
ATOM   1068 O O   . GLY A 1 138 ? -8.043  -7.897  -3.969  1.00 9.91  ? 135 GLY A O   1 
ATOM   1069 N N   . ILE A 1 139 ? -7.168  -9.685  -2.744  1.00 9.77  ? 136 ILE A N   1 
ATOM   1070 C CA  . ILE A 1 139 ? -6.672  -10.382 -3.981  1.00 9.46  ? 136 ILE A CA  1 
ATOM   1071 C C   . ILE A 1 139 ? -7.269  -11.779 -4.051  1.00 13.31 ? 136 ILE A C   1 
ATOM   1072 O O   . ILE A 1 139 ? -6.962  -12.548 -5.000  1.00 14.74 ? 136 ILE A O   1 
ATOM   1073 C CB  . ILE A 1 139 ? -5.164  -10.400 -4.129  1.00 12.05 ? 136 ILE A CB  1 
ATOM   1074 C CG1 . ILE A 1 139 ? -4.469  -11.112 -2.937  1.00 12.01 ? 136 ILE A CG1 1 
ATOM   1075 C CG2 . ILE A 1 139 ? -4.652  -8.976  -4.228  1.00 11.07 ? 136 ILE A CG2 1 
ATOM   1076 C CD1 . ILE A 1 139 ? -3.077  -11.551 -3.185  1.00 11.33 ? 136 ILE A CD1 1 
ATOM   1077 N N   . GLY A 1 140 ? -8.064  -12.095 -3.042  1.00 13.71 ? 137 GLY A N   1 
ATOM   1078 C CA  . GLY A 1 140 ? -8.666  -13.425 -2.931  1.00 17.45 ? 137 GLY A CA  1 
ATOM   1079 C C   . GLY A 1 140 ? -7.714  -14.451 -2.455  1.00 19.49 ? 137 GLY A C   1 
ATOM   1080 O O   . GLY A 1 140 ? -6.518  -14.273 -2.411  1.00 17.78 ? 137 GLY A O   1 
ATOM   1081 N N   . HIS A 1 141 ? -8.269  -15.622 -2.069  1.00 27.63 ? 138 HIS A N   1 
ATOM   1082 C CA  . HIS A 1 141 ? -7.371  -16.658 -1.555  1.00 33.20 ? 138 HIS A CA  1 
ATOM   1083 C C   . HIS A 1 141 ? -7.095  -17.760 -2.604  1.00 36.04 ? 138 HIS A C   1 
ATOM   1084 O O   . HIS A 1 141 ? -7.865  -17.872 -3.546  1.00 36.66 ? 138 HIS A O   1 
ATOM   1085 C CB  . HIS A 1 141 ? -7.894  -17.227 -0.229  1.00 35.99 ? 138 HIS A CB  1 
ATOM   1086 C CG  . HIS A 1 141 ? -6.799  -17.586 0.729   1.00 42.43 ? 138 HIS A CG  1 
ATOM   1087 N ND1 . HIS A 1 141 ? -6.114  -18.788 0.667   1.00 48.64 ? 138 HIS A ND1 1 
ATOM   1088 C CD2 . HIS A 1 141 ? -6.235  -16.882 1.744   1.00 47.28 ? 138 HIS A CD2 1 
ATOM   1089 C CE1 . HIS A 1 141 ? -5.181  -18.810 1.609   1.00 50.53 ? 138 HIS A CE1 1 
ATOM   1090 N NE2 . HIS A 1 141 ? -5.232  -17.667 2.273   1.00 50.55 ? 138 HIS A NE2 1 
ATOM   1091 N N   . PRO A 1 142 ? -5.957  -18.493 -2.506  1.00 38.71 ? 139 PRO A N   1 
ATOM   1092 C CA  . PRO A 1 142 ? -5.865  -19.701 -3.378  1.00 40.94 ? 139 PRO A CA  1 
ATOM   1093 C C   . PRO A 1 142 ? -6.635  -20.917 -2.824  1.00 42.97 ? 139 PRO A C   1 
ATOM   1094 O O   . PRO A 1 142 ? -7.128  -20.874 -1.685  1.00 41.73 ? 139 PRO A O   1 
ATOM   1095 C CB  . PRO A 1 142 ? -4.367  -19.993 -3.412  1.00 41.47 ? 139 PRO A CB  1 
ATOM   1096 C CG  . PRO A 1 142 ? -3.828  -19.364 -2.154  1.00 40.25 ? 139 PRO A CG  1 
ATOM   1097 C CD  . PRO A 1 142 ? -4.647  -18.166 -1.898  1.00 39.29 ? 139 PRO A CD  1 
ATOM   1098 N N   . GLY A 1 143 ? -6.713  -21.986 -3.629  1.00 45.40 ? 140 GLY A N   1 
ATOM   1099 C CA  . GLY A 1 143 ? -7.381  -23.262 -3.245  1.00 48.45 ? 140 GLY A CA  1 
ATOM   1100 C C   . GLY A 1 143 ? -6.796  -24.134 -2.104  1.00 50.35 ? 140 GLY A C   1 
ATOM   1101 O O   . GLY A 1 143 ? -7.372  -25.210 -1.791  1.00 50.52 ? 140 GLY A O   1 
ATOM   1102 N N   . SER A 1 144 ? -5.688  -23.677 -1.484  1.00 51.45 ? 141 SER A N   1 
ATOM   1103 C CA  . SER A 1 144 ? -4.989  -24.395 -0.378  1.00 53.13 ? 141 SER A CA  1 
ATOM   1104 C C   . SER A 1 144 ? -3.860  -23.585 0.309   1.00 53.94 ? 141 SER A C   1 
ATOM   1105 O O   . SER A 1 144 ? -3.621  -22.419 -0.025  1.00 53.78 ? 141 SER A O   1 
ATOM   1106 C CB  . SER A 1 144 ? -4.426  -25.760 -0.837  1.00 53.39 ? 141 SER A CB  1 
ATOM   1107 O OG  . SER A 1 144 ? -5.432  -26.753 -0.902  1.00 53.09 ? 141 SER A OG  1 
ATOM   1108 N N   . LYS A 1 145 ? -3.171  -24.229 1.264   1.00 54.62 ? 142 LYS A N   1 
ATOM   1109 C CA  . LYS A 1 145 ? -2.067  -23.605 2.024   1.00 54.94 ? 142 LYS A CA  1 
ATOM   1110 C C   . LYS A 1 145 ? -0.790  -23.412 1.196   1.00 54.17 ? 142 LYS A C   1 
ATOM   1111 O O   . LYS A 1 145 ? -0.020  -22.473 1.448   1.00 54.48 ? 142 LYS A O   1 
ATOM   1112 C CB  . LYS A 1 145 ? -1.743  -24.386 3.332   1.00 55.62 ? 142 LYS A CB  1 
ATOM   1113 C CG  . LYS A 1 145 ? -2.952  -25.025 4.073   1.00 57.14 ? 142 LYS A CG  1 
ATOM   1114 C CD  . LYS A 1 145 ? -4.015  -23.998 4.553   1.00 59.27 ? 142 LYS A CD  1 
ATOM   1115 C CE  . LYS A 1 145 ? -5.040  -24.631 5.513   1.00 59.58 ? 142 LYS A CE  1 
ATOM   1116 N NZ  . LYS A 1 145 ? -5.166  -26.120 5.273   1.00 60.19 ? 142 LYS A NZ  1 
ATOM   1117 N N   . GLU A 1 146 ? -0.583  -24.314 0.225   1.00 53.42 ? 143 GLU A N   1 
ATOM   1118 C CA  . GLU A 1 146 ? 0.647   -24.381 -0.611  1.00 52.00 ? 143 GLU A CA  1 
ATOM   1119 C C   . GLU A 1 146 ? 0.534   -23.771 -2.025  1.00 49.71 ? 143 GLU A C   1 
ATOM   1120 O O   . GLU A 1 146 ? 1.503   -23.733 -2.790  1.00 48.71 ? 143 GLU A O   1 
ATOM   1121 C CB  . GLU A 1 146 ? 1.151   -25.838 -0.692  1.00 53.16 ? 143 GLU A CB  1 
ATOM   1122 C CG  . GLU A 1 146 ? 0.109   -26.846 -1.251  1.00 57.06 ? 143 GLU A CG  1 
ATOM   1123 C CD  . GLU A 1 146 ? 0.547   -28.311 -1.132  1.00 61.21 ? 143 GLU A CD  1 
ATOM   1124 O OE1 . GLU A 1 146 ? 1.641   -28.662 -1.661  1.00 61.81 ? 143 GLU A OE1 1 
ATOM   1125 O OE2 . GLU A 1 146 ? -0.214  -29.103 -0.520  1.00 61.59 ? 143 GLU A OE2 1 
ATOM   1126 N N   . ARG A 1 147 ? -0.634  -23.274 -2.387  1.00 46.32 ? 144 ARG A N   1 
ATOM   1127 C CA  . ARG A 1 147 ? -0.677  -22.575 -3.662  1.00 45.20 ? 144 ARG A CA  1 
ATOM   1128 C C   . ARG A 1 147 ? -0.408  -21.040 -3.479  1.00 42.02 ? 144 ARG A C   1 
ATOM   1129 O O   . ARG A 1 147 ? -0.697  -20.251 -4.377  1.00 42.09 ? 144 ARG A O   1 
ATOM   1130 C CB  . ARG A 1 147 ? -1.993  -22.897 -4.417  1.00 45.89 ? 144 ARG A CB  1 
ATOM   1131 C CG  . ARG A 1 147 ? -2.549  -24.275 -4.019  1.00 48.71 ? 144 ARG A CG  1 
ATOM   1132 C CD  . ARG A 1 147 ? -3.116  -25.117 -5.181  1.00 54.51 ? 144 ARG A CD  1 
ATOM   1133 N NE  . ARG A 1 147 ? -2.559  -26.491 -5.202  1.00 56.42 ? 144 ARG A NE  1 
ATOM   1134 C CZ  . ARG A 1 147 ? -2.302  -27.277 -4.141  1.00 55.83 ? 144 ARG A CZ  1 
ATOM   1135 N NH1 . ARG A 1 147 ? -2.593  -26.906 -2.900  1.00 53.64 ? 144 ARG A NH1 1 
ATOM   1136 N NH2 . ARG A 1 147 ? -1.764  -28.483 -4.334  1.00 56.73 ? 144 ARG A NH2 1 
ATOM   1137 N N   . VAL A 1 148 ? 0.146   -20.632 -2.325  1.00 37.59 ? 145 VAL A N   1 
ATOM   1138 C CA  . VAL A 1 148 ? 0.051   -19.205 -1.940  1.00 32.73 ? 145 VAL A CA  1 
ATOM   1139 C C   . VAL A 1 148 ? 1.005   -18.447 -2.838  1.00 30.02 ? 145 VAL A C   1 
ATOM   1140 O O   . VAL A 1 148 ? 0.618   -17.432 -3.430  1.00 25.71 ? 145 VAL A O   1 
ATOM   1141 C CB  . VAL A 1 148 ? 0.335   -18.930 -0.456  1.00 32.54 ? 145 VAL A CB  1 
ATOM   1142 C CG1 . VAL A 1 148 ? 0.565   -17.452 -0.215  1.00 31.40 ? 145 VAL A CG1 1 
ATOM   1143 C CG2 . VAL A 1 148 ? -0.830  -19.434 0.361   1.00 34.03 ? 145 VAL A CG2 1 
ATOM   1144 N N   . SER A 1 149 ? 2.239   -18.936 -2.927  1.00 28.17 ? 146 SER A N   1 
ATOM   1145 C CA  . SER A 1 149 ? 3.250   -18.349 -3.793  1.00 27.65 ? 146 SER A CA  1 
ATOM   1146 C C   . SER A 1 149 ? 2.689   -18.186 -5.204  1.00 25.05 ? 146 SER A C   1 
ATOM   1147 O O   . SER A 1 149 ? 2.789   -17.111 -5.843  1.00 22.17 ? 146 SER A O   1 
ATOM   1148 C CB  . SER A 1 149 ? 4.471   -19.290 -3.833  1.00 29.92 ? 146 SER A CB  1 
ATOM   1149 O OG  . SER A 1 149 ? 5.444   -18.741 -4.709  1.00 33.61 ? 146 SER A OG  1 
ATOM   1150 N N   . GLY A 1 150 ? 2.148   -19.256 -5.743  1.00 23.16 ? 147 GLY A N   1 
ATOM   1151 C CA  . GLY A 1 150 ? 1.645   -19.223 -7.105  1.00 23.22 ? 147 GLY A CA  1 
ATOM   1152 C C   . GLY A 1 150 ? 0.504   -18.261 -7.318  1.00 20.77 ? 147 GLY A C   1 
ATOM   1153 O O   . GLY A 1 150 ? 0.292   -17.774 -8.441  1.00 23.24 ? 147 GLY A O   1 
ATOM   1154 N N   . HIS A 1 151 ? -0.282  -18.063 -6.269  1.00 19.02 ? 148 HIS A N   1 
ATOM   1155 C CA  . HIS A 1 151 ? -1.398  -17.174 -6.357  1.00 15.61 ? 148 HIS A CA  1 
ATOM   1156 C C   . HIS A 1 151 ? -0.900  -15.709 -6.306  1.00 15.66 ? 148 HIS A C   1 
ATOM   1157 O O   . HIS A 1 151 ? -1.279  -14.913 -7.170  1.00 14.39 ? 148 HIS A O   1 
ATOM   1158 C CB  . HIS A 1 151 ? -2.321  -17.409 -5.178  1.00 17.17 ? 148 HIS A CB  1 
ATOM   1159 C CG  . HIS A 1 151 ? -3.545  -16.533 -5.185  1.00 17.42 ? 148 HIS A CG  1 
ATOM   1160 N ND1 . HIS A 1 151 ? -4.600  -16.729 -6.050  1.00 21.38 ? 148 HIS A ND1 1 
ATOM   1161 C CD2 . HIS A 1 151 ? -3.900  -15.489 -4.407  1.00 15.62 ? 148 HIS A CD2 1 
ATOM   1162 C CE1 . HIS A 1 151 ? -5.552  -15.839 -5.801  1.00 18.67 ? 148 HIS A CE1 1 
ATOM   1163 N NE2 . HIS A 1 151 ? -5.139  -15.055 -4.818  1.00 16.60 ? 148 HIS A NE2 1 
ATOM   1164 N N   . VAL A 1 152 ? -0.081  -15.363 -5.303  1.00 13.95 ? 149 VAL A N   1 
ATOM   1165 C CA  . VAL A 1 152 ? 0.399   -13.969 -5.225  1.00 14.19 ? 149 VAL A CA  1 
ATOM   1166 C C   . VAL A 1 152 ? 1.313   -13.548 -6.322  1.00 13.51 ? 149 VAL A C   1 
ATOM   1167 O O   . VAL A 1 152 ? 1.299   -12.351 -6.773  1.00 15.50 ? 149 VAL A O   1 
ATOM   1168 C CB  . VAL A 1 152 ? 0.952   -13.555 -3.804  1.00 11.02 ? 149 VAL A CB  1 
ATOM   1169 C CG1 . VAL A 1 152 ? -0.065  -14.011 -2.730  1.00 12.94 ? 149 VAL A CG1 1 
ATOM   1170 C CG2 . VAL A 1 152 ? 2.380   -14.069 -3.553  1.00 12.56 ? 149 VAL A CG2 1 
ATOM   1171 N N   . LEU A 1 153 ? 2.084   -14.494 -6.911  1.00 13.88 ? 150 LEU A N   1 
ATOM   1172 C CA  . LEU A 1 153 ? 2.927   -14.209 -8.062  1.00 14.10 ? 150 LEU A CA  1 
ATOM   1173 C C   . LEU A 1 153 ? 2.204   -14.515 -9.383  1.00 14.87 ? 150 LEU A C   1 
ATOM   1174 O O   . LEU A 1 153 ? 2.859   -14.531 -10.415 1.00 18.07 ? 150 LEU A O   1 
ATOM   1175 C CB  . LEU A 1 153 ? 4.223   -14.972 -7.929  1.00 16.87 ? 150 LEU A CB  1 
ATOM   1176 C CG  . LEU A 1 153 ? 4.952   -14.653 -6.628  1.00 14.25 ? 150 LEU A CG  1 
ATOM   1177 C CD1 . LEU A 1 153 ? 6.177   -15.494 -6.473  1.00 21.32 ? 150 LEU A CD1 1 
ATOM   1178 C CD2 . LEU A 1 153 ? 5.368   -13.098 -6.477  1.00 15.15 ? 150 LEU A CD2 1 
ATOM   1179 N N   . GLY A 1 154 ? 0.889   -14.734 -9.351  1.00 13.91 ? 151 GLY A N   1 
ATOM   1180 C CA  . GLY A 1 154 ? 0.128   -14.847 -10.565 1.00 14.68 ? 151 GLY A CA  1 
ATOM   1181 C C   . GLY A 1 154 ? -0.506  -13.532 -11.001 1.00 13.97 ? 151 GLY A C   1 
ATOM   1182 O O   . GLY A 1 154 ? -0.747  -12.580 -10.209 1.00 13.86 ? 151 GLY A O   1 
ATOM   1183 N N   . LYS A 1 155 ? -0.806  -13.525 -12.263 1.00 12.55 ? 152 LYS A N   1 
ATOM   1184 C CA  . LYS A 1 155 ? -1.569  -12.425 -12.855 1.00 12.09 ? 152 LYS A CA  1 
ATOM   1185 C C   . LYS A 1 155 ? -3.047  -12.776 -12.869 1.00 11.73 ? 152 LYS A C   1 
ATOM   1186 O O   . LYS A 1 155 ? -3.461  -13.831 -13.469 1.00 12.03 ? 152 LYS A O   1 
ATOM   1187 C CB  . LYS A 1 155 ? -1.107  -12.144 -14.271 1.00 13.60 ? 152 LYS A CB  1 
ATOM   1188 C CG  . LYS A 1 155 ? -2.018  -11.121 -15.039 1.00 10.26 ? 152 LYS A CG  1 
ATOM   1189 C CD  . LYS A 1 155 ? -1.486  -10.873 -16.518 1.00 15.09 ? 152 LYS A CD  1 
ATOM   1190 C CE  . LYS A 1 155 ? -2.551  -10.266 -17.400 1.00 17.37 ? 152 LYS A CE  1 
ATOM   1191 N NZ  . LYS A 1 155 ? -2.705  -8.831  -16.913 1.00 23.55 ? 152 LYS A NZ  1 
ATOM   1192 N N   . ALA A 1 156 ? -3.862  -11.964 -12.215 1.00 11.23 ? 153 ALA A N   1 
ATOM   1193 C CA  . ALA A 1 156 ? -5.282  -12.329 -11.980 1.00 11.73 ? 153 ALA A CA  1 
ATOM   1194 C C   . ALA A 1 156 ? -6.031  -12.358 -13.326 1.00 10.31 ? 153 ALA A C   1 
ATOM   1195 O O   . ALA A 1 156 ? -5.702  -11.668 -14.326 1.00 11.76 ? 153 ALA A O   1 
ATOM   1196 C CB  . ALA A 1 156 ? -5.901  -11.260 -11.100 1.00 10.81 ? 153 ALA A CB  1 
ATOM   1197 N N   . PRO A 1 157 ? -7.083  -13.219 -13.331 1.00 9.27  ? 154 PRO A N   1 
ATOM   1198 C CA  . PRO A 1 157 ? -7.951  -13.203 -14.542 1.00 11.76 ? 154 PRO A CA  1 
ATOM   1199 C C   . PRO A 1 157 ? -8.674  -11.893 -14.643 1.00 12.14 ? 154 PRO A C   1 
ATOM   1200 O O   . PRO A 1 157 ? -8.852  -11.162 -13.640 1.00 11.51 ? 154 PRO A O   1 
ATOM   1201 C CB  . PRO A 1 157 ? -8.906  -14.326 -14.245 1.00 14.62 ? 154 PRO A CB  1 
ATOM   1202 C CG  . PRO A 1 157 ? -8.983  -14.428 -12.744 1.00 11.70 ? 154 PRO A CG  1 
ATOM   1203 C CD  . PRO A 1 157 ? -7.582  -14.116 -12.275 1.00 11.64 ? 154 PRO A CD  1 
ATOM   1204 N N   . SER A 1 158 ? -9.137  -11.553 -15.859 1.00 13.20 ? 155 SER A N   1 
ATOM   1205 C CA  . SER A 1 158 ? -9.638  -10.215 -16.055 1.00 13.68 ? 155 SER A CA  1 
ATOM   1206 C C   . SER A 1 158 ? -10.800 -9.826  -15.149 1.00 14.30 ? 155 SER A C   1 
ATOM   1207 O O   . SER A 1 158 ? -10.894 -8.632  -14.808 1.00 15.64 ? 155 SER A O   1 
ATOM   1208 C CB  . SER A 1 158 ? -10.074 -10.038 -17.542 1.00 14.27 ? 155 SER A CB  1 
ATOM   1209 O OG  . SER A 1 158 ? -11.089 -10.930 -17.820 1.00 20.54 ? 155 SER A OG  1 
ATOM   1210 N N   . ASN A 1 159 ? -11.679 -10.723 -14.786 1.00 14.64 ? 156 ASN A N   1 
ATOM   1211 C CA  . ASN A 1 159 ? -12.761 -10.353 -13.916 1.00 14.52 ? 156 ASN A CA  1 
ATOM   1212 C C   . ASN A 1 159 ? -12.271 -9.881  -12.546 1.00 12.68 ? 156 ASN A C   1 
ATOM   1213 O O   . ASN A 1 159 ? -12.761 -8.874  -11.980 1.00 11.93 ? 156 ASN A O   1 
ATOM   1214 C CB  . ASN A 1 159 ? -13.766 -11.461 -13.750 1.00 15.94 ? 156 ASN A CB  1 
ATOM   1215 C CG  . ASN A 1 159 ? -15.029 -10.967 -12.940 1.00 19.59 ? 156 ASN A CG  1 
ATOM   1216 O OD1 . ASN A 1 159 ? -15.743 -10.014 -13.362 1.00 28.94 ? 156 ASN A OD1 1 
ATOM   1217 N ND2 . ASN A 1 159 ? -15.216 -11.509 -11.749 1.00 26.81 ? 156 ASN A ND2 1 
ATOM   1218 N N   . GLU A 1 160 ? -11.328 -10.646 -12.014 1.00 10.95 ? 157 GLU A N   1 
ATOM   1219 C CA  . GLU A 1 160 ? -10.718 -10.276 -10.740 1.00 10.58 ? 157 GLU A CA  1 
ATOM   1220 C C   . GLU A 1 160 ? -9.915  -9.046  -10.843 1.00 11.66 ? 157 GLU A C   1 
ATOM   1221 O O   . GLU A 1 160 ? -10.023 -8.180  -9.923  1.00 10.59 ? 157 GLU A O   1 
ATOM   1222 C CB  . GLU A 1 160 ? -9.858  -11.424 -10.225 1.00 12.38 ? 157 GLU A CB  1 
ATOM   1223 C CG  . GLU A 1 160 ? -10.655 -12.666 -9.807  1.00 14.33 ? 157 GLU A CG  1 
ATOM   1224 C CD  . GLU A 1 160 ? -9.749  -13.815 -9.359  1.00 16.79 ? 157 GLU A CD  1 
ATOM   1225 O OE1 . GLU A 1 160 ? -8.580  -13.579 -8.947  1.00 15.40 ? 157 GLU A OE1 1 
ATOM   1226 O OE2 . GLU A 1 160 ? -10.166 -15.052 -9.463  1.00 19.14 ? 157 GLU A OE2 1 
ATOM   1227 N N   . GLN A 1 161 ? -9.197  -8.858  -11.933 1.00 10.75 ? 158 GLN A N   1 
ATOM   1228 C CA  . GLN A 1 161 ? -8.454  -7.611  -12.076 1.00 9.38  ? 158 GLN A CA  1 
ATOM   1229 C C   . GLN A 1 161 ? -9.409  -6.393  -12.174 1.00 9.78  ? 158 GLN A C   1 
ATOM   1230 O O   . GLN A 1 161 ? -9.138  -5.382  -11.537 1.00 10.14 ? 158 GLN A O   1 
ATOM   1231 C CB  . GLN A 1 161 ? -7.643  -7.661  -13.351 1.00 8.05  ? 158 GLN A CB  1 
ATOM   1232 C CG  . GLN A 1 161 ? -6.651  -6.489  -13.405 1.00 9.58  ? 158 GLN A CG  1 
ATOM   1233 C CD  . GLN A 1 161 ? -5.599  -6.601  -12.408 1.00 8.25  ? 158 GLN A CD  1 
ATOM   1234 O OE1 . GLN A 1 161 ? -4.843  -7.599  -12.374 1.00 12.11 ? 158 GLN A OE1 1 
ATOM   1235 N NE2 . GLN A 1 161 ? -5.448  -5.513  -11.585 1.00 11.20 ? 158 GLN A NE2 1 
ATOM   1236 N N   . SER A 1 162 ? -10.500 -6.508  -12.919 1.00 8.87  ? 159 SER A N   1 
ATOM   1237 C CA  . SER A 1 162 ? -11.523 -5.436  -12.952 1.00 9.05  ? 159 SER A CA  1 
ATOM   1238 C C   . SER A 1 162 ? -12.087 -5.108  -11.587 1.00 10.03 ? 159 SER A C   1 
ATOM   1239 O O   . SER A 1 162 ? -12.212 -3.908  -11.233 1.00 11.17 ? 159 SER A O   1 
ATOM   1240 C CB  . SER A 1 162 ? -12.666 -5.885  -13.853 1.00 11.89 ? 159 SER A CB  1 
ATOM   1241 O OG  . SER A 1 162 ? -12.178 -5.730  -15.166 1.00 18.43 ? 159 SER A OG  1 
ATOM   1242 N N   . LEU A 1 163 ? -12.305 -6.117  -10.710 1.00 9.41  ? 160 LEU A N   1 
ATOM   1243 C CA  . LEU A 1 163 ? -12.858 -5.884  -9.386  1.00 9.82  ? 160 LEU A CA  1 
ATOM   1244 C C   . LEU A 1 163 ? -11.739 -5.120  -8.576  1.00 8.55  ? 160 LEU A C   1 
ATOM   1245 O O   . LEU A 1 163 ? -12.104 -4.087  -7.954  1.00 8.75  ? 160 LEU A O   1 
ATOM   1246 C CB  . LEU A 1 163 ? -13.236 -7.178  -8.720  1.00 11.58 ? 160 LEU A CB  1 
ATOM   1247 C CG  . LEU A 1 163 ? -14.512 -7.851  -9.346  1.00 11.97 ? 160 LEU A CG  1 
ATOM   1248 C CD1 . LEU A 1 163 ? -14.557 -9.257  -8.788  1.00 14.95 ? 160 LEU A CD1 1 
ATOM   1249 C CD2 . LEU A 1 163 ? -15.755 -6.998  -9.062  1.00 13.47 ? 160 LEU A CD2 1 
ATOM   1250 N N   . MET A 1 164 ? -10.487 -5.577  -8.630  1.00 8.58  ? 161 MET A N   1 
ATOM   1251 C CA  . MET A 1 164 ? -9.436  -4.912  -7.868  1.00 7.19  ? 161 MET A CA  1 
ATOM   1252 C C   . MET A 1 164 ? -9.259  -3.463  -8.400  1.00 10.24 ? 161 MET A C   1 
ATOM   1253 O O   . MET A 1 164 ? -9.085  -2.529  -7.571  1.00 10.32 ? 161 MET A O   1 
ATOM   1254 C CB  . MET A 1 164 ? -8.094  -5.667  -7.958  1.00 8.18  ? 161 MET A CB  1 
ATOM   1255 C CG  . MET A 1 164 ? -8.182  -7.007  -7.282  1.00 8.69  ? 161 MET A CG  1 
ATOM   1256 S SD  . MET A 1 164 ? -6.643  -7.886  -7.244  1.00 11.21 ? 161 MET A SD  1 
ATOM   1257 C CE  . MET A 1 164 ? -6.324  -8.300  -8.991  1.00 13.13 ? 161 MET A CE  1 
ATOM   1258 N N   . ASP A 1 165 ? -9.259  -3.260  -9.717  1.00 9.57  ? 162 ASP A N   1 
ATOM   1259 C CA  . ASP A 1 165 ? -9.025  -1.943  -10.270 1.00 7.83  ? 162 ASP A CA  1 
ATOM   1260 C C   . ASP A 1 165 ? -10.186 -1.036  -9.847  1.00 8.23  ? 162 ASP A C   1 
ATOM   1261 O O   . ASP A 1 165 ? -9.883  0.130   -9.554  1.00 9.05  ? 162 ASP A O   1 
ATOM   1262 C CB  . ASP A 1 165 ? -9.001  -2.023  -11.822 1.00 8.92  ? 162 ASP A CB  1 
ATOM   1263 C CG  . ASP A 1 165 ? -7.819  -2.726  -12.318 1.00 10.84 ? 162 ASP A CG  1 
ATOM   1264 O OD1 . ASP A 1 165 ? -6.815  -2.981  -11.616 1.00 12.05 ? 162 ASP A OD1 1 
ATOM   1265 O OD2 . ASP A 1 165 ? -7.799  -2.999  -13.534 1.00 14.16 ? 162 ASP A OD2 1 
ATOM   1266 N N   . GLY A 1 166 ? -11.412 -1.448  -9.761  1.00 9.47  ? 163 GLY A N   1 
ATOM   1267 C CA  . GLY A 1 166 ? -12.486 -0.550  -9.313  1.00 9.46  ? 163 GLY A CA  1 
ATOM   1268 C C   . GLY A 1 166 ? -12.323 -0.238  -7.822  1.00 9.31  ? 163 GLY A C   1 
ATOM   1269 O O   . GLY A 1 166 ? -12.539 0.951   -7.490  1.00 11.14 ? 163 GLY A O   1 
ATOM   1270 N N   . ALA A 1 167 ? -11.864 -1.142  -6.989  1.00 9.85  ? 164 ALA A N   1 
ATOM   1271 C CA  . ALA A 1 167 ? -11.694 -0.951  -5.567  1.00 9.68  ? 164 ALA A CA  1 
ATOM   1272 C C   . ALA A 1 167 ? -10.551 0.100   -5.368  1.00 11.65 ? 164 ALA A C   1 
ATOM   1273 O O   . ALA A 1 167 ? -10.671 1.054   -4.591  1.00 11.61 ? 164 ALA A O   1 
ATOM   1274 C CB  . ALA A 1 167 ? -11.366 -2.259  -4.823  1.00 12.31 ? 164 ALA A CB  1 
ATOM   1275 N N   . ILE A 1 168 ? -9.461  -0.106  -6.143  1.00 10.99 ? 165 ILE A N   1 
ATOM   1276 C CA  . ILE A 1 168 ? -8.321  0.798   -6.077  1.00 9.39  ? 165 ILE A CA  1 
ATOM   1277 C C   . ILE A 1 168 ? -8.694  2.221   -6.506  1.00 11.81 ? 165 ILE A C   1 
ATOM   1278 O O   . ILE A 1 168 ? -8.333  3.209   -5.816  1.00 10.07 ? 165 ILE A O   1 
ATOM   1279 C CB  . ILE A 1 168 ? -7.142  0.236   -6.889  1.00 8.00  ? 165 ILE A CB  1 
ATOM   1280 C CG1 . ILE A 1 168 ? -6.549  -0.848  -6.073  1.00 11.67 ? 165 ILE A CG1 1 
ATOM   1281 C CG2 . ILE A 1 168 ? -6.133  1.415   -7.238  1.00 10.06 ? 165 ILE A CG2 1 
ATOM   1282 C CD1 . ILE A 1 168 ? -5.580  -1.701  -6.957  1.00 11.17 ? 165 ILE A CD1 1 
ATOM   1283 N N   . ASP A 1 169 ? -9.486  2.385   -7.539  1.00 11.28 ? 166 ASP A N   1 
ATOM   1284 C CA  . ASP A 1 169 ? -9.950  3.684   -7.969  1.00 12.50 ? 166 ASP A CA  1 
ATOM   1285 C C   . ASP A 1 169 ? -10.779 4.320   -6.880  1.00 13.09 ? 166 ASP A C   1 
ATOM   1286 O O   . ASP A 1 169 ? -10.597 5.560   -6.636  1.00 12.28 ? 166 ASP A O   1 
ATOM   1287 C CB  . ASP A 1 169 ? -10.795 3.466   -9.270  1.00 13.57 ? 166 ASP A CB  1 
ATOM   1288 C CG  . ASP A 1 169 ? -11.486 4.751   -9.739  1.00 17.85 ? 166 ASP A CG  1 
ATOM   1289 O OD1 . ASP A 1 169 ? -10.741 5.528   -10.369 1.00 19.47 ? 166 ASP A OD1 1 
ATOM   1290 O OD2 . ASP A 1 169 ? -12.670 4.970   -9.353  1.00 23.62 ? 166 ASP A OD2 1 
ATOM   1291 N N   . HIS A 1 170 ? -11.644 3.557   -6.222  1.00 12.08 ? 167 HIS A N   1 
ATOM   1292 C CA  . HIS A 1 170 ? -12.436 4.101   -5.105  1.00 13.51 ? 167 HIS A CA  1 
ATOM   1293 C C   . HIS A 1 170 ? -11.489 4.642   -4.050  1.00 13.73 ? 167 HIS A C   1 
ATOM   1294 O O   . HIS A 1 170 ? -11.738 5.795   -3.529  1.00 14.94 ? 167 HIS A O   1 
ATOM   1295 C CB  . HIS A 1 170 ? -13.327 2.980   -4.479  1.00 15.48 ? 167 HIS A CB  1 
ATOM   1296 C CG  . HIS A 1 170 ? -14.164 3.422   -3.325  1.00 17.24 ? 167 HIS A CG  1 
ATOM   1297 N ND1 . HIS A 1 170 ? -15.229 4.294   -3.461  1.00 20.76 ? 167 HIS A ND1 1 
ATOM   1298 C CD2 . HIS A 1 170 ? -14.066 3.139   -2.009  1.00 18.45 ? 167 HIS A CD2 1 
ATOM   1299 C CE1 . HIS A 1 170 ? -15.777 4.482   -2.268  1.00 18.03 ? 167 HIS A CE1 1 
ATOM   1300 N NE2 . HIS A 1 170 ? -15.123 3.752   -1.382  1.00 21.20 ? 167 HIS A NE2 1 
ATOM   1301 N N   . ALA A 1 171 ? -10.537 3.817   -3.649  1.00 12.86 ? 168 ALA A N   1 
ATOM   1302 C CA  . ALA A 1 171 ? -9.651  4.236   -2.543  1.00 11.76 ? 168 ALA A CA  1 
ATOM   1303 C C   . ALA A 1 171 ? -8.936  5.511   -2.886  1.00 12.81 ? 168 ALA A C   1 
ATOM   1304 O O   . ALA A 1 171 ? -8.710  6.324   -1.982  1.00 11.67 ? 168 ALA A O   1 
ATOM   1305 C CB  . ALA A 1 171 ? -8.692  3.198   -2.221  1.00 13.07 ? 168 ALA A CB  1 
ATOM   1306 N N   . LEU A 1 172 ? -8.615  5.726   -4.172  1.00 12.03 ? 169 LEU A N   1 
ATOM   1307 C CA  . LEU A 1 172 ? -7.879  6.934   -4.580  1.00 11.80 ? 169 LEU A CA  1 
ATOM   1308 C C   . LEU A 1 172 ? -8.697  8.129   -4.248  1.00 12.69 ? 169 LEU A C   1 
ATOM   1309 O O   . LEU A 1 172 ? -8.077  9.197   -3.866  1.00 12.44 ? 169 LEU A O   1 
ATOM   1310 C CB  . LEU A 1 172 ? -7.573  6.953   -6.084  1.00 10.94 ? 169 LEU A CB  1 
ATOM   1311 C CG  . LEU A 1 172 ? -6.563  5.932   -6.520  1.00 14.68 ? 169 LEU A CG  1 
ATOM   1312 C CD1 . LEU A 1 172 ? -6.606  5.866   -8.055  1.00 17.84 ? 169 LEU A CD1 1 
ATOM   1313 C CD2 . LEU A 1 172 ? -5.122  6.118   -5.991  1.00 14.88 ? 169 LEU A CD2 1 
ATOM   1314 N N   . SER A 1 173 ? -10.025 8.027   -4.405  1.00 12.99 ? 170 SER A N   1 
ATOM   1315 C CA  . SER A 1 173 ? -10.893 9.151   -4.071  1.00 15.02 ? 170 SER A CA  1 
ATOM   1316 C C   . SER A 1 173 ? -11.014 9.448   -2.569  1.00 13.48 ? 170 SER A C   1 
ATOM   1317 O O   . SER A 1 173 ? -11.492 10.577  -2.175  1.00 17.34 ? 170 SER A O   1 
ATOM   1318 C CB  . SER A 1 173 ? -12.266 8.898   -4.641  1.00 14.81 ? 170 SER A CB  1 
ATOM   1319 O OG  . SER A 1 173 ? -13.013 7.982   -3.841  1.00 18.92 ? 170 SER A OG  1 
ATOM   1320 N N   . LYS A 1 174 ? -10.449 8.615   -1.721  1.00 11.74 ? 171 LYS A N   1 
ATOM   1321 C CA  . LYS A 1 174 ? -10.529 8.793   -0.231  1.00 12.76 ? 171 LYS A CA  1 
ATOM   1322 C C   . LYS A 1 174 ? -9.222  9.241   0.372   1.00 12.53 ? 171 LYS A C   1 
ATOM   1323 O O   . LYS A 1 174 ? -9.136  9.491   1.567   1.00 13.10 ? 171 LYS A O   1 
ATOM   1324 C CB  . LYS A 1 174 ? -11.067 7.498   0.398   1.00 14.99 ? 171 LYS A CB  1 
ATOM   1325 C CG  . LYS A 1 174 ? -12.468 7.059   -0.149  1.00 15.06 ? 171 LYS A CG  1 
ATOM   1326 C CD  . LYS A 1 174 ? -13.495 8.163   -0.165  1.00 16.84 ? 171 LYS A CD  1 
ATOM   1327 C CE  . LYS A 1 174 ? -14.748 7.581   -0.850  1.00 21.24 ? 171 LYS A CE  1 
ATOM   1328 N NZ  . LYS A 1 174 ? -15.851 8.540   -0.865  1.00 24.81 ? 171 LYS A NZ  1 
ATOM   1329 N N   . VAL A 1 175 ? -8.130  9.297   -0.421  1.00 10.98 ? 172 VAL A N   1 
ATOM   1330 C CA  . VAL A 1 175 ? -6.869  9.746   0.110   1.00 10.91 ? 172 VAL A CA  1 
ATOM   1331 C C   . VAL A 1 175 ? -6.977  11.156  0.645   1.00 11.55 ? 172 VAL A C   1 
ATOM   1332 O O   . VAL A 1 175 ? -6.299  11.437  1.654   1.00 11.99 ? 172 VAL A O   1 
ATOM   1333 C CB  . VAL A 1 175 ? -5.752  9.531   -0.945  1.00 10.91 ? 172 VAL A CB  1 
ATOM   1334 C CG1 . VAL A 1 175 ? -4.430  10.106  -0.508  1.00 14.17 ? 172 VAL A CG1 1 
ATOM   1335 C CG2 . VAL A 1 175 ? -5.538  8.032   -1.103  1.00 14.11 ? 172 VAL A CG2 1 
ATOM   1336 N N   . LYS A 1 176 ? -7.861  11.996  0.106   1.00 11.28 ? 173 LYS A N   1 
ATOM   1337 C CA  . LYS A 1 176 ? -8.007  13.398  0.655   1.00 11.60 ? 173 LYS A CA  1 
ATOM   1338 C C   . LYS A 1 176 ? -8.332  13.278  2.135   1.00 13.27 ? 173 LYS A C   1 
ATOM   1339 O O   . LYS A 1 176 ? -7.766  13.974  2.969   1.00 13.69 ? 173 LYS A O   1 
ATOM   1340 C CB  . LYS A 1 176 ? -9.126  14.105  -0.117  1.00 14.62 ? 173 LYS A CB  1 
ATOM   1341 C CG  . LYS A 1 176 ? -9.738  15.322  0.542   1.00 18.72 ? 173 LYS A CG  1 
ATOM   1342 C CD  . LYS A 1 176 ? -10.690 15.889  -0.529  1.00 21.47 ? 173 LYS A CD  1 
ATOM   1343 C CE  . LYS A 1 176 ? -11.376 17.234  -0.110  1.00 30.66 ? 173 LYS A CE  1 
ATOM   1344 N NZ  . LYS A 1 176 ? -10.552 18.142  0.769   1.00 30.86 ? 173 LYS A NZ  1 
ATOM   1345 N N   . LEU A 1 177 ? -9.227  12.344  2.517   1.00 10.78 ? 174 LEU A N   1 
ATOM   1346 C CA  . LEU A 1 177 ? -9.595  12.210  3.929   1.00 12.31 ? 174 LEU A CA  1 
ATOM   1347 C C   . LEU A 1 177 ? -8.415  11.765  4.759   1.00 12.16 ? 174 LEU A C   1 
ATOM   1348 O O   . LEU A 1 177 ? -8.139  12.279  5.823   1.00 11.66 ? 174 LEU A O   1 
ATOM   1349 C CB  . LEU A 1 177 ? -10.722 11.158  4.114   1.00 13.79 ? 174 LEU A CB  1 
ATOM   1350 C CG  . LEU A 1 177 ? -12.082 11.571  3.539   1.00 13.38 ? 174 LEU A CG  1 
ATOM   1351 C CD1 . LEU A 1 177 ? -13.034 10.421  3.551   1.00 13.09 ? 174 LEU A CD1 1 
ATOM   1352 C CD2 . LEU A 1 177 ? -12.701 12.828  4.303   1.00 14.92 ? 174 LEU A CD2 1 
ATOM   1353 N N   . LEU A 1 178 ? -7.603  10.851  4.198   1.00 10.87 ? 175 LEU A N   1 
ATOM   1354 C CA  . LEU A 1 178 ? -6.488  10.357  4.964   1.00 10.64 ? 175 LEU A CA  1 
ATOM   1355 C C   . LEU A 1 178 ? -5.412  11.392  5.211   1.00 11.02 ? 175 LEU A C   1 
ATOM   1356 O O   . LEU A 1 178 ? -4.884  11.530  6.357   1.00 9.99  ? 175 LEU A O   1 
ATOM   1357 C CB  . LEU A 1 178 ? -5.897  9.117   4.237   1.00 13.07 ? 175 LEU A CB  1 
ATOM   1358 C CG  . LEU A 1 178 ? -6.875  7.963   4.333   1.00 12.73 ? 175 LEU A CG  1 
ATOM   1359 C CD1 . LEU A 1 178 ? -6.340  6.907   3.286   1.00 17.80 ? 175 LEU A CD1 1 
ATOM   1360 C CD2 . LEU A 1 178 ? -6.941  7.476   5.777   1.00 16.29 ? 175 LEU A CD2 1 
ATOM   1361 N N   . VAL A 1 179 ? -5.088  12.185  4.194   1.00 10.29 ? 176 VAL A N   1 
ATOM   1362 C CA  . VAL A 1 179 ? -4.040  13.210  4.380   1.00 11.72 ? 176 VAL A CA  1 
ATOM   1363 C C   . VAL A 1 179 ? -4.525  14.347  5.280   1.00 13.28 ? 176 VAL A C   1 
ATOM   1364 O O   . VAL A 1 179 ? -3.676  15.100  5.845   1.00 12.27 ? 176 VAL A O   1 
ATOM   1365 C CB  . VAL A 1 179 ? -3.430  13.752  3.022   1.00 12.16 ? 176 VAL A CB  1 
ATOM   1366 C CG1 . VAL A 1 179 ? -2.890  12.542  2.181   1.00 11.70 ? 176 VAL A CG1 1 
ATOM   1367 C CG2 . VAL A 1 179 ? -4.444  14.563  2.231   1.00 14.82 ? 176 VAL A CG2 1 
ATOM   1368 N N   . GLN A 1 180 ? -5.855  14.445  5.483   1.00 11.91 ? 177 GLN A N   1 
ATOM   1369 C CA  . GLN A 1 180 ? -6.417  15.430  6.421   1.00 14.21 ? 177 GLN A CA  1 
ATOM   1370 C C   . GLN A 1 180 ? -6.576  14.821  7.797   1.00 14.92 ? 177 GLN A C   1 
ATOM   1371 O O   . GLN A 1 180 ? -7.111  15.509  8.669   1.00 14.77 ? 177 GLN A O   1 
ATOM   1372 C CB  . GLN A 1 180 ? -7.777  15.871  5.908   1.00 14.11 ? 177 GLN A CB  1 
ATOM   1373 C CG  . GLN A 1 180 ? -7.646  16.662  4.600   1.00 17.98 ? 177 GLN A CG  1 
ATOM   1374 C CD  . GLN A 1 180 ? -8.969  16.900  3.808   1.00 19.41 ? 177 GLN A CD  1 
ATOM   1375 O OE1 . GLN A 1 180 ? -8.903  17.607  2.805   1.00 25.81 ? 177 GLN A OE1 1 
ATOM   1376 N NE2 . GLN A 1 180 ? -10.102 16.272  4.193   1.00 22.89 ? 177 GLN A NE2 1 
ATOM   1377 N N   . GLY A 1 181 ? -6.180  13.559  8.018   1.00 10.57 ? 178 GLY A N   1 
ATOM   1378 C CA  . GLY A 1 181 ? -6.291  12.950  9.372   1.00 13.82 ? 178 GLY A CA  1 
ATOM   1379 C C   . GLY A 1 181 ? -7.663  12.462  9.733   1.00 13.61 ? 178 GLY A C   1 
ATOM   1380 O O   . GLY A 1 181 ? -7.903  12.063  10.909  1.00 14.67 ? 178 GLY A O   1 
ATOM   1381 N N   . GLN A 1 182 ? -8.539  12.449  8.718   1.00 13.79 ? 179 GLN A N   1 
ATOM   1382 C CA  . GLN A 1 182 ? -9.897  11.920  8.927   1.00 12.22 ? 179 GLN A CA  1 
ATOM   1383 C C   . GLN A 1 182 ? -9.928  10.425  8.730   1.00 12.78 ? 179 GLN A C   1 
ATOM   1384 O O   . GLN A 1 182 ? -10.605 9.891   7.858   1.00 13.56 ? 179 GLN A O   1 
ATOM   1385 C CB  . GLN A 1 182 ? -10.864 12.657  7.962   1.00 11.62 ? 179 GLN A CB  1 
ATOM   1386 C CG  . GLN A 1 182 ? -11.085 14.059  8.401   1.00 12.39 ? 179 GLN A CG  1 
ATOM   1387 C CD  . GLN A 1 182 ? -11.770 14.795  7.301   1.00 15.31 ? 179 GLN A CD  1 
ATOM   1388 O OE1 . GLN A 1 182 ? -11.123 15.171  6.274   1.00 18.67 ? 179 GLN A OE1 1 
ATOM   1389 N NE2 . GLN A 1 182 ? -13.128 14.862  7.385   1.00 13.85 ? 179 GLN A NE2 1 
ATOM   1390 N N   . VAL A 1 183 ? -9.095  9.725   9.487   1.00 14.41 ? 180 VAL A N   1 
ATOM   1391 C CA  . VAL A 1 183 ? -8.995  8.265   9.380   1.00 14.36 ? 180 VAL A CA  1 
ATOM   1392 C C   . VAL A 1 183 ? -10.311 7.592   9.653   1.00 14.51 ? 180 VAL A C   1 
ATOM   1393 O O   . VAL A 1 183 ? -10.678 6.705   8.906   1.00 13.17 ? 180 VAL A O   1 
ATOM   1394 C CB  . VAL A 1 183 ? -7.880  7.760   10.256  1.00 15.46 ? 180 VAL A CB  1 
ATOM   1395 C CG1 . VAL A 1 183 ? -7.807  6.255   10.129  1.00 19.53 ? 180 VAL A CG1 1 
ATOM   1396 C CG2 . VAL A 1 183 ? -6.598  8.422   9.861   1.00 20.68 ? 180 VAL A CG2 1 
ATOM   1397 N N   . PRO A 1 184 ? -11.083 7.945   10.697  1.00 14.32 ? 181 PRO A N   1 
ATOM   1398 C CA  . PRO A 1 184 ? -12.383 7.255   10.955  1.00 14.19 ? 181 PRO A CA  1 
ATOM   1399 C C   . PRO A 1 184 ? -13.332 7.370   9.805   1.00 12.87 ? 181 PRO A C   1 
ATOM   1400 O O   . PRO A 1 184 ? -13.912 6.362   9.393   1.00 13.57 ? 181 PRO A O   1 
ATOM   1401 C CB  . PRO A 1 184 ? -12.902 7.943   12.220  1.00 14.38 ? 181 PRO A CB  1 
ATOM   1402 C CG  . PRO A 1 184 ? -11.560 8.347   12.896  1.00 15.02 ? 181 PRO A CG  1 
ATOM   1403 C CD  . PRO A 1 184 ? -10.664 8.802   11.824  1.00 14.28 ? 181 PRO A CD  1 
ATOM   1404 N N   . GLN A 1 185 ? -13.508 8.552   9.246   1.00 12.09 ? 182 GLN A N   1 
ATOM   1405 C CA  . GLN A 1 185 ? -14.372 8.683   8.078   1.00 12.55 ? 182 GLN A CA  1 
ATOM   1406 C C   . GLN A 1 185 ? -13.810 7.923   6.878   1.00 12.44 ? 182 GLN A C   1 
ATOM   1407 O O   . GLN A 1 185 ? -14.591 7.288   6.137   1.00 12.43 ? 182 GLN A O   1 
ATOM   1408 C CB  . GLN A 1 185 ? -14.539 10.141  7.754   1.00 14.08 ? 182 GLN A CB  1 
ATOM   1409 C CG  . GLN A 1 185 ? -15.495 10.332  6.581   1.00 14.21 ? 182 GLN A CG  1 
ATOM   1410 C CD  . GLN A 1 185 ? -15.884 11.823  6.363   1.00 17.69 ? 182 GLN A CD  1 
ATOM   1411 O OE1 . GLN A 1 185 ? -15.606 12.668  7.240   1.00 20.20 ? 182 GLN A OE1 1 
ATOM   1412 N NE2 . GLN A 1 185 ? -16.292 12.163  5.140   1.00 20.83 ? 182 GLN A NE2 1 
ATOM   1413 N N   . ALA A 1 186 ? -12.484 7.974   6.680   1.00 12.67 ? 183 ALA A N   1 
ATOM   1414 C CA  . ALA A 1 186 ? -11.923 7.283   5.493   1.00 13.06 ? 183 ALA A CA  1 
ATOM   1415 C C   . ALA A 1 186 ? -12.129 5.801   5.730   1.00 13.56 ? 183 ALA A C   1 
ATOM   1416 O O   . ALA A 1 186 ? -12.458 5.138   4.770   1.00 12.72 ? 183 ALA A O   1 
ATOM   1417 C CB  . ALA A 1 186 ? -10.456 7.517   5.413   1.00 15.93 ? 183 ALA A CB  1 
ATOM   1418 N N   . MET A 1 187 ? -11.939 5.274   6.950   1.00 15.12 ? 184 MET A N   1 
ATOM   1419 C CA  . MET A 1 187 ? -12.244 3.835   7.186   1.00 12.72 ? 184 MET A CA  1 
ATOM   1420 C C   . MET A 1 187 ? -13.726 3.495   6.861   1.00 15.50 ? 184 MET A C   1 
ATOM   1421 O O   . MET A 1 187 ? -14.007 2.526   6.141   1.00 16.73 ? 184 MET A O   1 
ATOM   1422 C CB  . MET A 1 187 ? -11.769 3.436   8.602   1.00 14.98 ? 184 MET A CB  1 
ATOM   1423 C CG  . MET A 1 187 ? -11.881 1.918   8.763   1.00 17.38 ? 184 MET A CG  1 
ATOM   1424 S SD  . MET A 1 187 ? -11.336 1.629   10.541  1.00 28.61 ? 184 MET A SD  1 
ATOM   1425 C CE  . MET A 1 187 ? -9.614  2.290   10.570  1.00 26.66 ? 184 MET A CE  1 
ATOM   1426 N N   . ASN A 1 188 ? -14.667 4.313   7.302   1.00 13.82 ? 185 ASN A N   1 
ATOM   1427 C CA  . ASN A 1 188 ? -16.080 4.136   6.983   0.50 13.40 ? 185 ASN A CA  1 
ATOM   1428 C C   . ASN A 1 188 ? -16.325 4.042   5.485   1.00 16.00 ? 185 ASN A C   1 
ATOM   1429 O O   . ASN A 1 188 ? -16.963 3.039   5.024   1.00 17.93 ? 185 ASN A O   1 
ATOM   1430 C CB  . ASN A 1 188 ? -16.858 5.254   7.639   0.50 13.32 ? 185 ASN A CB  1 
ATOM   1431 C CG  . ASN A 1 188 ? -17.064 5.015   9.103   0.50 18.28 ? 185 ASN A CG  1 
ATOM   1432 O OD1 . ASN A 1 188 ? -16.811 3.923   9.621   0.50 23.40 ? 185 ASN A OD1 1 
ATOM   1433 N ND2 . ASN A 1 188 ? -17.563 6.044   9.783   0.50 20.19 ? 185 ASN A ND2 1 
ATOM   1434 N N   . GLN A 1 189 ? -15.768 4.981   4.711   1.00 13.79 ? 186 GLN A N   1 
ATOM   1435 C CA  . GLN A 1 189 ? -16.110 5.168   3.309   1.00 13.76 ? 186 GLN A CA  1 
ATOM   1436 C C   . GLN A 1 189 ? -15.348 4.180   2.447   1.00 15.99 ? 186 GLN A C   1 
ATOM   1437 O O   . GLN A 1 189 ? -15.891 3.698   1.461   1.00 19.34 ? 186 GLN A O   1 
ATOM   1438 C CB  . GLN A 1 189 ? -15.811 6.584   2.859   1.00 15.42 ? 186 GLN A CB  1 
ATOM   1439 C CG  . GLN A 1 189 ? -16.755 7.573   3.469   1.00 18.94 ? 186 GLN A CG  1 
ATOM   1440 C CD  . GLN A 1 189 ? -16.735 8.924   2.852   1.00 21.81 ? 186 GLN A CD  1 
ATOM   1441 O OE1 . GLN A 1 189 ? -16.040 9.164   1.862   1.00 30.83 ? 186 GLN A OE1 1 
ATOM   1442 N NE2 . GLN A 1 189 ? -17.595 9.805   3.353   1.00 30.04 ? 186 GLN A NE2 1 
ATOM   1443 N N   . ILE A 1 190 ? -14.124 3.858   2.820   1.00 15.23 ? 187 ILE A N   1 
ATOM   1444 C CA  . ILE A 1 190 ? -13.362 2.774   2.091   1.00 14.21 ? 187 ILE A CA  1 
ATOM   1445 C C   . ILE A 1 190 ? -13.987 1.420   2.374   1.00 15.06 ? 187 ILE A C   1 
ATOM   1446 O O   . ILE A 1 190 ? -14.204 0.623   1.436   1.00 14.16 ? 187 ILE A O   1 
ATOM   1447 C CB  . ILE A 1 190 ? -11.880 2.791   2.466   1.00 14.06 ? 187 ILE A CB  1 
ATOM   1448 C CG1 . ILE A 1 190 ? -11.244 4.082   1.972   1.00 12.46 ? 187 ILE A CG1 1 
ATOM   1449 C CG2 . ILE A 1 190 ? -11.108 1.573   1.882   1.00 15.40 ? 187 ILE A CG2 1 
ATOM   1450 C CD1 . ILE A 1 190 ? -9.847  4.306   2.414   1.00 13.85 ? 187 ILE A CD1 1 
ATOM   1451 N N   . ASN A 1 191 ? -14.244 1.065   3.634   1.00 14.37 ? 188 ASN A N   1 
ATOM   1452 C CA  . ASN A 1 191 ? -14.705 -0.274  3.925   1.00 14.34 ? 188 ASN A CA  1 
ATOM   1453 C C   . ASN A 1 191 ? -16.098 -0.536  3.409   1.00 16.03 ? 188 ASN A C   1 
ATOM   1454 O O   . ASN A 1 191 ? -16.438 -1.687  3.258   1.00 18.58 ? 188 ASN A O   1 
ATOM   1455 C CB  . ASN A 1 191 ? -14.670 -0.428  5.425   1.00 15.64 ? 188 ASN A CB  1 
ATOM   1456 C CG  . ASN A 1 191 ? -13.235 -0.516  5.978   1.00 15.52 ? 188 ASN A CG  1 
ATOM   1457 O OD1 . ASN A 1 191 ? -12.320 -0.097  5.320   1.00 16.99 ? 188 ASN A OD1 1 
ATOM   1458 N ND2 . ASN A 1 191 ? -13.074 -1.018  7.230   1.00 19.41 ? 188 ASN A ND2 1 
ATOM   1459 N N   . ALA A 1 192 ? -16.861 0.520   3.178   1.00 16.44 ? 189 ALA A N   1 
ATOM   1460 C CA  . ALA A 1 192 ? -18.238 0.404   2.617   1.00 16.94 ? 189 ALA A CA  1 
ATOM   1461 C C   . ALA A 1 192 ? -18.240 0.044   1.154   1.00 16.59 ? 189 ALA A C   1 
ATOM   1462 O O   . ALA A 1 192 ? -19.306 -0.355  0.651   1.00 17.78 ? 189 ALA A O   1 
ATOM   1463 C CB  . ALA A 1 192 ? -18.986 1.729   2.785   1.00 17.98 ? 189 ALA A CB  1 
ATOM   1464 N N   . TYR A 1 193 ? -17.120 0.207   0.449   1.00 17.83 ? 190 TYR A N   1 
ATOM   1465 C CA  . TYR A 1 193 ? -17.070 -0.076  -1.006  1.00 17.15 ? 190 TYR A CA  1 
ATOM   1466 C C   . TYR A 1 193 ? -17.591 -1.426  -1.398  1.00 17.67 ? 190 TYR A C   1 
ATOM   1467 O O   . TYR A 1 193 ? -17.157 -2.465  -0.846  1.00 18.08 ? 190 TYR A O   1 
ATOM   1468 C CB  . TYR A 1 193 ? -15.604 0.017   -1.572  1.00 16.96 ? 190 TYR A CB  1 
ATOM   1469 C CG  . TYR A 1 193 ? -15.490 -0.267  -3.062  1.00 16.28 ? 190 TYR A CG  1 
ATOM   1470 C CD1 . TYR A 1 193 ? -15.926 0.701   -3.953  1.00 16.70 ? 190 TYR A CD1 1 
ATOM   1471 C CD2 . TYR A 1 193 ? -15.101 -1.545  -3.564  1.00 16.06 ? 190 TYR A CD2 1 
ATOM   1472 C CE1 . TYR A 1 193 ? -15.836 0.513   -5.340  1.00 15.68 ? 190 TYR A CE1 1 
ATOM   1473 C CE2 . TYR A 1 193 ? -15.063 -1.756  -4.988  1.00 16.66 ? 190 TYR A CE2 1 
ATOM   1474 C CZ  . TYR A 1 193 ? -15.457 -0.711  -5.849  1.00 16.30 ? 190 TYR A CZ  1 
ATOM   1475 O OH  . TYR A 1 193 ? -15.392 -0.998  -7.244  1.00 16.59 ? 190 TYR A OH  1 
ATOM   1476 N N   . LYS A 1 194 ? -18.465 -1.434  -2.415  1.00 15.34 ? 191 LYS A N   1 
ATOM   1477 C CA  . LYS A 1 194 ? -18.860 -2.708  -3.108  1.00 18.03 ? 191 LYS A CA  1 
ATOM   1478 C C   . LYS A 1 194 ? -18.646 -2.532  -4.618  1.00 17.80 ? 191 LYS A C   1 
ATOM   1479 O O   . LYS A 1 194 ? -18.867 -1.426  -5.103  1.00 18.76 ? 191 LYS A O   1 
ATOM   1480 C CB  . LYS A 1 194 ? -20.386 -2.951  -2.883  1.00 18.33 ? 191 LYS A CB  1 
ATOM   1481 C CG  . LYS A 1 194 ? -20.923 -2.878  -1.439  1.00 25.86 ? 191 LYS A CG  1 
ATOM   1482 C CD  . LYS A 1 194 ? -22.422 -2.498  -1.396  1.00 36.06 ? 191 LYS A CD  1 
ATOM   1483 C CE  . LYS A 1 194 ? -23.127 -3.042  -0.108  1.00 37.61 ? 191 LYS A CE  1 
ATOM   1484 N NZ  . LYS A 1 194 ? -24.562 -3.558  -0.310  1.00 39.39 ? 191 LYS A NZ  1 
ATOM   1485 N N   . PRO A 1 195 ? -18.263 -3.658  -5.331  1.00 19.87 ? 192 PRO A N   1 
ATOM   1486 C CA  . PRO A 1 195 ? -17.997 -3.569  -6.773  1.00 21.63 ? 192 PRO A CA  1 
ATOM   1487 C C   . PRO A 1 195 ? -19.219 -3.367  -7.623  1.00 22.86 ? 192 PRO A C   1 
ATOM   1488 O O   . PRO A 1 195 ? -19.146 -2.658  -8.661  1.00 22.82 ? 192 PRO A O   1 
ATOM   1489 C CB  . PRO A 1 195 ? -17.258 -4.893  -7.106  1.00 22.76 ? 192 PRO A CB  1 
ATOM   1490 C CG  . PRO A 1 195 ? -17.611 -5.801  -5.983  1.00 22.08 ? 192 PRO A CG  1 
ATOM   1491 C CD  . PRO A 1 195 ? -17.871 -4.979  -4.772  1.00 20.35 ? 192 PRO A CD  1 
ATOM   1492 N N   . ALA A 1 196 ? -20.315 -3.954  -7.204  1.00 24.02 ? 193 ALA A N   1 
ATOM   1493 C CA  . ALA A 1 196 ? -21.511 -4.005  -8.031  1.00 27.19 ? 193 ALA A CA  1 
ATOM   1494 C C   . ALA A 1 196 ? -22.724 -3.860  -7.148  1.00 28.66 ? 193 ALA A C   1 
ATOM   1495 O O   . ALA A 1 196 ? -22.659 -3.970  -5.929  1.00 30.26 ? 193 ALA A O   1 
ATOM   1496 C CB  . ALA A 1 196 ? -21.563 -5.322  -8.762  1.00 26.09 ? 193 ALA A CB  1 
ATOM   1497 O OXT . ALA A 1 196 ? -23.860 -3.647  -7.664  1.00 32.86 ? 193 ALA A OXT 1 
HETATM 1498 C C1  . GOL B 2 .   ? 9.819   -0.672  -11.744 1.00 46.39 ? 201 GOL A C1  1 
HETATM 1499 O O1  . GOL B 2 .   ? 10.321  -1.981  -11.396 1.00 40.26 ? 201 GOL A O1  1 
HETATM 1500 C C2  . GOL B 2 .   ? 8.687   -0.260  -10.778 1.00 43.10 ? 201 GOL A C2  1 
HETATM 1501 O O2  . GOL B 2 .   ? 7.934   0.924   -11.058 1.00 45.01 ? 201 GOL A O2  1 
HETATM 1502 C C3  . GOL B 2 .   ? 7.725   -1.423  -10.534 1.00 42.06 ? 201 GOL A C3  1 
HETATM 1503 O O3  . GOL B 2 .   ? 7.192   -2.024  -11.717 1.00 37.70 ? 201 GOL A O3  1 
HETATM 1504 O O1  . TLA C 3 .   ? 7.608   -11.929 -3.356  1.00 24.47 ? 202 TLA A O1  1 
HETATM 1505 O O11 . TLA C 3 .   ? 8.097   -13.757 -2.407  1.00 46.41 ? 202 TLA A O11 1 
HETATM 1506 C C1  . TLA C 3 .   ? 8.398   -12.601 -2.746  1.00 40.02 ? 202 TLA A C1  1 
HETATM 1507 C C2  . TLA C 3 .   ? 9.808   -12.411 -2.382  1.00 42.26 ? 202 TLA A C2  1 
HETATM 1508 O O2  . TLA C 3 .   ? 10.382  -11.252 -1.787  1.00 29.29 ? 202 TLA A O2  1 
HETATM 1509 C C3  . TLA C 3 .   ? 10.503  -12.916 -3.643  1.00 47.54 ? 202 TLA A C3  1 
HETATM 1510 O O3  . TLA C 3 .   ? 9.803   -12.444 -4.761  1.00 48.46 ? 202 TLA A O3  1 
HETATM 1511 C C4  . TLA C 3 .   ? 11.945  -12.641 -3.862  1.00 51.88 ? 202 TLA A C4  1 
HETATM 1512 O O4  . TLA C 3 .   ? 12.344  -12.828 -5.030  1.00 53.81 ? 202 TLA A O4  1 
HETATM 1513 O O41 . TLA C 3 .   ? 12.665  -12.327 -2.907  1.00 54.27 ? 202 TLA A O41 1 
HETATM 1514 O O   . HOH D 4 .   ? 12.231  12.592  -1.968  1.00 37.17 ? 301 HOH A O   1 
HETATM 1515 O O   . HOH D 4 .   ? 3.468   -12.870 1.340   1.00 22.82 ? 302 HOH A O   1 
HETATM 1516 O O   . HOH D 4 .   ? -2.768  -5.059  7.227   1.00 12.36 ? 303 HOH A O   1 
HETATM 1517 O O   . HOH D 4 .   ? 1.187   -5.161  -2.533  1.00 8.79  ? 304 HOH A O   1 
HETATM 1518 O O   . HOH D 4 .   ? -9.599  -5.687  -4.166  1.00 11.15 ? 305 HOH A O   1 
HETATM 1519 O O   . HOH D 4 .   ? 4.992   -9.373  -7.092  1.00 12.34 ? 306 HOH A O   1 
HETATM 1520 O O   . HOH D 4 .   ? -8.553  -0.786  12.211  1.00 21.29 ? 307 HOH A O   1 
HETATM 1521 O O   . HOH D 4 .   ? 7.767   -3.635  -1.426  1.00 11.80 ? 308 HOH A O   1 
HETATM 1522 O O   . HOH D 4 .   ? 3.386   -3.105  -10.287 1.00 13.76 ? 309 HOH A O   1 
HETATM 1523 O O   . HOH D 4 .   ? -12.881 11.310  10.432  1.00 13.33 ? 310 HOH A O   1 
HETATM 1524 O O   . HOH D 4 .   ? 7.310   -4.535  -10.873 1.00 18.11 ? 311 HOH A O   1 
HETATM 1525 O O   . HOH D 4 .   ? 10.401  -4.454  -3.904  1.00 11.64 ? 312 HOH A O   1 
HETATM 1526 O O   . HOH D 4 .   ? -2.970  -9.455  -11.135 1.00 11.94 ? 313 HOH A O   1 
HETATM 1527 O O   . HOH D 4 .   ? 3.947   1.162   15.849  1.00 12.94 ? 314 HOH A O   1 
HETATM 1528 O O   . HOH D 4 .   ? -4.681  -9.134  -14.623 1.00 14.29 ? 315 HOH A O   1 
HETATM 1529 O O   . HOH D 4 .   ? 13.543  17.267  2.105   1.00 39.50 ? 316 HOH A O   1 
HETATM 1530 O O   . HOH D 4 .   ? -2.087  -11.266 2.666   1.00 16.60 ? 317 HOH A O   1 
HETATM 1531 O O   . HOH D 4 .   ? -14.869 -3.197  -10.616 1.00 15.91 ? 318 HOH A O   1 
HETATM 1532 O O   . HOH D 4 .   ? 3.984   9.326   -11.135 1.00 34.67 ? 319 HOH A O   1 
HETATM 1533 O O   . HOH D 4 .   ? 6.728   15.468  -7.265  1.00 22.67 ? 320 HOH A O   1 
HETATM 1534 O O   . HOH D 4 .   ? -7.096  -11.762 -7.686  1.00 16.15 ? 321 HOH A O   1 
HETATM 1535 O O   . HOH D 4 .   ? -7.497  1.225   -10.772 1.00 20.17 ? 322 HOH A O   1 
HETATM 1536 O O   . HOH D 4 .   ? 18.292  -3.334  6.150   1.00 17.04 ? 323 HOH A O   1 
HETATM 1537 O O   . HOH D 4 .   ? -0.701  -11.637 0.209   1.00 19.74 ? 324 HOH A O   1 
HETATM 1538 O O   . HOH D 4 .   ? 2.827   11.653  13.430  1.00 20.63 ? 325 HOH A O   1 
HETATM 1539 O O   . HOH D 4 .   ? 5.156   6.823   17.146  1.00 13.72 ? 326 HOH A O   1 
HETATM 1540 O O   . HOH D 4 .   ? 3.628   3.406   17.670  1.00 25.58 ? 327 HOH A O   1 
HETATM 1541 O O   . HOH D 4 .   ? 14.553  -2.125  14.370  1.00 17.84 ? 328 HOH A O   1 
HETATM 1542 O O   . HOH D 4 .   ? -1.255  0.904   -12.164 1.00 31.51 ? 329 HOH A O   1 
HETATM 1543 O O   . HOH D 4 .   ? 14.400  -5.242  7.328   1.00 20.36 ? 330 HOH A O   1 
HETATM 1544 O O   . HOH D 4 .   ? -0.871  14.948  5.425   1.00 17.97 ? 331 HOH A O   1 
HETATM 1545 O O   . HOH D 4 .   ? -11.857 11.891  12.923  1.00 17.93 ? 332 HOH A O   1 
HETATM 1546 O O   . HOH D 4 .   ? -8.301  11.754  -2.756  1.00 16.03 ? 333 HOH A O   1 
HETATM 1547 O O   . HOH D 4 .   ? 9.569   -11.351 5.302   1.00 20.53 ? 334 HOH A O   1 
HETATM 1548 O O   . HOH D 4 .   ? -8.069  -13.124 -18.020 1.00 32.78 ? 335 HOH A O   1 
HETATM 1549 O O   . HOH D 4 .   ? -2.531  -17.705 -9.864  1.00 18.94 ? 336 HOH A O   1 
HETATM 1550 O O   . HOH D 4 .   ? -2.046  -9.566  4.866   1.00 20.16 ? 337 HOH A O   1 
HETATM 1551 O O   . HOH D 4 .   ? 14.465  10.484  -0.669  1.00 24.19 ? 338 HOH A O   1 
HETATM 1552 O O   . HOH D 4 .   ? 18.512  8.511   -3.129  1.00 22.61 ? 339 HOH A O   1 
HETATM 1553 O O   . HOH D 4 .   ? 13.002  -6.012  -15.281 1.00 37.06 ? 340 HOH A O   1 
HETATM 1554 O O   . HOH D 4 .   ? -9.572  -4.563  7.900   1.00 27.76 ? 341 HOH A O   1 
HETATM 1555 O O   . HOH D 4 .   ? -14.672 -3.025  0.569   1.00 19.65 ? 342 HOH A O   1 
HETATM 1556 O O   . HOH D 4 .   ? 14.426  4.293   -10.407 1.00 30.96 ? 343 HOH A O   1 
HETATM 1557 O O   . HOH D 4 .   ? -5.278  -18.868 -7.528  1.00 30.02 ? 344 HOH A O   1 
HETATM 1558 O O   . HOH D 4 .   ? 11.364  -10.346 7.094   1.00 19.15 ? 345 HOH A O   1 
HETATM 1559 O O   . HOH D 4 .   ? -4.206  -12.117 5.996   1.00 23.67 ? 346 HOH A O   1 
HETATM 1560 O O   . HOH D 4 .   ? -5.625  -3.435  -15.125 1.00 28.70 ? 347 HOH A O   1 
HETATM 1561 O O   . HOH D 4 .   ? 8.722   5.272   11.618  1.00 26.63 ? 348 HOH A O   1 
HETATM 1562 O O   . HOH D 4 .   ? -21.194 -6.347  -4.904  1.00 25.52 ? 349 HOH A O   1 
HETATM 1563 O O   . HOH D 4 .   ? -3.275  6.792   14.321  1.00 31.29 ? 350 HOH A O   1 
HETATM 1564 O O   . HOH D 4 .   ? -9.070  8.852   -9.216  1.00 39.95 ? 351 HOH A O   1 
HETATM 1565 O O   . HOH D 4 .   ? 18.392  1.762   14.944  1.00 30.27 ? 352 HOH A O   1 
HETATM 1566 O O   . HOH D 4 .   ? 18.956  3.693   3.633   1.00 26.87 ? 353 HOH A O   1 
HETATM 1567 O O   . HOH D 4 .   ? 4.632   19.125  -1.386  1.00 26.59 ? 354 HOH A O   1 
HETATM 1568 O O   . HOH D 4 .   ? -8.162  1.255   -13.595 1.00 31.27 ? 355 HOH A O   1 
HETATM 1569 O O   . HOH D 4 .   ? -17.621 8.716   10.519  1.00 45.86 ? 356 HOH A O   1 
HETATM 1570 O O   . HOH D 4 .   ? 9.680   16.535  13.484  1.00 56.87 ? 357 HOH A O   1 
HETATM 1571 O O   . HOH D 4 .   ? 0.994   17.488  -6.328  1.00 27.87 ? 358 HOH A O   1 
HETATM 1572 O O   . HOH D 4 .   ? -12.252 -15.537 -11.013 1.00 30.57 ? 359 HOH A O   1 
HETATM 1573 O O   . HOH D 4 .   ? -1.830  -3.497  16.788  1.00 23.29 ? 360 HOH A O   1 
HETATM 1574 O O   . HOH D 4 .   ? -14.588 -3.228  -8.028  1.00 19.78 ? 361 HOH A O   1 
HETATM 1575 O O   . HOH D 4 .   ? -19.401 1.123   -3.306  1.00 37.70 ? 362 HOH A O   1 
HETATM 1576 O O   . HOH D 4 .   ? 2.944   16.486  5.840   1.00 27.58 ? 363 HOH A O   1 
HETATM 1577 O O   . HOH D 4 .   ? 2.868   7.082   -11.526 1.00 24.47 ? 364 HOH A O   1 
HETATM 1578 O O   . HOH D 4 .   ? -9.939  -19.921 0.024   1.00 39.18 ? 365 HOH A O   1 
HETATM 1579 O O   . HOH D 4 .   ? 3.877   -9.131  -14.404 1.00 22.92 ? 366 HOH A O   1 
HETATM 1580 O O   . HOH D 4 .   ? 4.735   -1.193  -11.733 1.00 22.97 ? 367 HOH A O   1 
HETATM 1581 O O   . HOH D 4 .   ? 1.879   13.882  8.856   1.00 22.29 ? 368 HOH A O   1 
HETATM 1582 O O   . HOH D 4 .   ? 16.688  2.567   -6.036  1.00 30.60 ? 369 HOH A O   1 
HETATM 1583 O O   . HOH D 4 .   ? -6.689  -8.607  -16.687 1.00 26.01 ? 370 HOH A O   1 
HETATM 1584 O O   . HOH D 4 .   ? 12.762  -8.453  -10.875 1.00 26.10 ? 371 HOH A O   1 
HETATM 1585 O O   . HOH D 4 .   ? -12.931 16.573  3.155   1.00 31.11 ? 372 HOH A O   1 
HETATM 1586 O O   . HOH D 4 .   ? -2.008  4.478   14.319  1.00 30.51 ? 373 HOH A O   1 
HETATM 1587 O O   . HOH D 4 .   ? -1.091  -13.565 3.890   1.00 27.49 ? 374 HOH A O   1 
HETATM 1588 O O   . HOH D 4 .   ? -11.310 18.021  6.579   1.00 22.16 ? 375 HOH A O   1 
HETATM 1589 O O   . HOH D 4 .   ? -18.420 0.419   -7.729  1.00 49.09 ? 376 HOH A O   1 
HETATM 1590 O O   . HOH D 4 .   ? -4.764  7.631   -11.314 1.00 27.18 ? 377 HOH A O   1 
HETATM 1591 O O   . HOH D 4 .   ? -4.667  13.513  12.806  1.00 35.70 ? 378 HOH A O   1 
HETATM 1592 O O   . HOH D 4 .   ? 7.473   -4.751  16.858  1.00 23.79 ? 379 HOH A O   1 
HETATM 1593 O O   . HOH D 4 .   ? -3.396  23.483  2.853   1.00 28.50 ? 380 HOH A O   1 
HETATM 1594 O O   . HOH D 4 .   ? 6.224   13.294  4.254   1.00 34.05 ? 381 HOH A O   1 
HETATM 1595 O O   . HOH D 4 .   ? -6.279  -10.139 -18.761 1.00 32.07 ? 382 HOH A O   1 
HETATM 1596 O O   . HOH D 4 .   ? -12.127 -13.465 -15.647 1.00 30.31 ? 383 HOH A O   1 
HETATM 1597 O O   . HOH D 4 .   ? -5.405  -0.874  -10.448 1.00 30.10 ? 384 HOH A O   1 
HETATM 1598 O O   . HOH D 4 .   ? 9.437   -14.717 1.973   1.00 37.53 ? 385 HOH A O   1 
HETATM 1599 O O   . HOH D 4 .   ? -6.850  19.299  2.840   1.00 30.50 ? 386 HOH A O   1 
HETATM 1600 O O   . HOH D 4 .   ? -6.628  19.392  6.512   1.00 38.47 ? 387 HOH A O   1 
HETATM 1601 O O   . HOH D 4 .   ? -14.996 17.209  0.447   1.00 51.02 ? 388 HOH A O   1 
HETATM 1602 O O   . HOH D 4 .   ? -5.605  -21.638 3.934   1.00 59.85 ? 389 HOH A O   1 
HETATM 1603 O O   . HOH D 4 .   ? 7.296   3.961   -11.157 1.00 44.47 ? 390 HOH A O   1 
HETATM 1604 O O   . HOH D 4 .   ? -15.503 -4.337  2.870   1.00 39.69 ? 391 HOH A O   1 
HETATM 1605 O O   . HOH D 4 .   ? 15.071  -8.103  5.687   1.00 33.71 ? 392 HOH A O   1 
HETATM 1606 O O   . HOH D 4 .   ? 13.538  -11.249 4.494   1.00 39.83 ? 393 HOH A O   1 
HETATM 1607 O O   . HOH D 4 .   ? -10.793 -2.106  8.862   1.00 32.95 ? 394 HOH A O   1 
HETATM 1608 O O   . HOH D 4 .   ? -14.046 -13.625 -9.958  1.00 27.93 ? 395 HOH A O   1 
HETATM 1609 O O   . HOH D 4 .   ? -2.880  0.651   16.174  1.00 37.38 ? 396 HOH A O   1 
HETATM 1610 O O   . HOH D 4 .   ? 15.866  -10.514 5.311   1.00 48.00 ? 397 HOH A O   1 
HETATM 1611 O O   . HOH D 4 .   ? 17.290  -6.415  -1.631  1.00 38.54 ? 398 HOH A O   1 
HETATM 1612 O O   . HOH D 4 .   ? 8.795   14.564  4.978   1.00 42.20 ? 399 HOH A O   1 
HETATM 1613 O O   . HOH D 4 .   ? -9.831  14.292  -6.591  1.00 39.82 ? 400 HOH A O   1 
HETATM 1614 O O   . HOH D 4 .   ? 21.817  3.478   1.527   1.00 36.91 ? 401 HOH A O   1 
HETATM 1615 O O   . HOH D 4 .   ? -11.547 11.850  0.298   1.00 28.42 ? 402 HOH A O   1 
HETATM 1616 O O   . HOH D 4 .   ? -0.208  20.348  -6.525  1.00 43.16 ? 403 HOH A O   1 
HETATM 1617 O O   . HOH D 4 .   ? -18.162 0.905   6.471   1.00 28.91 ? 404 HOH A O   1 
HETATM 1618 O O   . HOH D 4 .   ? 15.711  1.287   -8.143  1.00 46.24 ? 405 HOH A O   1 
HETATM 1619 O O   . HOH D 4 .   ? 3.348   -14.318 -13.496 1.00 43.07 ? 406 HOH A O   1 
HETATM 1620 O O   . HOH D 4 .   ? 13.123  9.633   13.115  1.00 29.50 ? 407 HOH A O   1 
HETATM 1621 O O   . HOH D 4 .   ? 8.822   14.890  7.585   1.00 40.67 ? 408 HOH A O   1 
HETATM 1622 O O   . HOH D 4 .   ? 3.981   -20.463 -0.964  1.00 41.42 ? 409 HOH A O   1 
HETATM 1623 O O   . HOH D 4 .   ? 2.401   -21.703 0.637   1.00 53.33 ? 410 HOH A O   1 
HETATM 1624 O O   . HOH D 4 .   ? -8.919  -17.506 -9.602  1.00 32.94 ? 411 HOH A O   1 
HETATM 1625 O O   . HOH D 4 .   ? -15.037 11.025  -2.921  1.00 40.11 ? 412 HOH A O   1 
HETATM 1626 O O   . HOH D 4 .   ? -9.550  -6.386  -16.525 1.00 32.03 ? 413 HOH A O   1 
HETATM 1627 O O   . HOH D 4 .   ? -6.265  5.453   -11.670 1.00 32.94 ? 414 HOH A O   1 
HETATM 1628 O O   . HOH D 4 .   ? 17.671  0.294   -5.249  1.00 37.35 ? 415 HOH A O   1 
HETATM 1629 O O   . HOH D 4 .   ? 0.718   -5.764  -20.806 1.00 57.15 ? 416 HOH A O   1 
HETATM 1630 O O   . HOH D 4 .   ? -7.601  15.073  -8.503  1.00 44.33 ? 417 HOH A O   1 
HETATM 1631 O O   . HOH D 4 .   ? -8.601  4.670   -11.491 1.00 27.64 ? 418 HOH A O   1 
HETATM 1632 O O   . HOH D 4 .   ? 7.263   -10.010 11.499  1.00 30.79 ? 419 HOH A O   1 
HETATM 1633 O O   . HOH D 4 .   ? -8.110  -8.112  10.469  1.00 36.55 ? 420 HOH A O   1 
HETATM 1634 O O   . HOH D 4 .   ? -5.903  6.134   13.962  1.00 43.10 ? 421 HOH A O   1 
HETATM 1635 O O   . HOH D 4 .   ? 2.131   -16.840 4.285   1.00 43.95 ? 422 HOH A O   1 
HETATM 1636 O O   . HOH D 4 .   ? -4.617  9.515   -13.146 1.00 45.43 ? 423 HOH A O   1 
HETATM 1637 O O   . HOH D 4 .   ? -15.409 11.807  0.731   1.00 51.90 ? 424 HOH A O   1 
HETATM 1638 O O   . HOH D 4 .   ? -7.966  21.483  0.376   1.00 40.03 ? 425 HOH A O   1 
HETATM 1639 O O   . HOH D 4 .   ? 9.675   4.435   13.954  1.00 34.09 ? 426 HOH A O   1 
HETATM 1640 O O   . HOH D 4 .   ? 16.752  -11.488 3.093   1.00 39.71 ? 427 HOH A O   1 
HETATM 1641 O O   . HOH D 4 .   ? -18.089 4.735   0.399   1.00 40.54 ? 428 HOH A O   1 
HETATM 1642 O O   . HOH D 4 .   ? 21.173  1.772   -3.450  1.00 39.45 ? 429 HOH A O   1 
HETATM 1643 O O   . HOH D 4 .   ? -5.686  -11.677 8.107   1.00 43.30 ? 430 HOH A O   1 
HETATM 1644 O O   . HOH D 4 .   ? 12.181  16.165  10.362  1.00 40.57 ? 431 HOH A O   1 
HETATM 1645 O O   . HOH D 4 .   ? 15.315  0.847   13.168  1.00 42.06 ? 432 HOH A O   1 
HETATM 1646 O O   . HOH D 4 .   ? -18.127 8.547   8.014   1.00 49.12 ? 433 HOH A O   1 
HETATM 1647 O O   . HOH D 4 .   ? 17.422  -2.122  -3.670  1.00 43.34 ? 434 HOH A O   1 
HETATM 1648 O O   . HOH D 4 .   ? -3.480  -6.684  9.678   1.00 29.53 ? 435 HOH A O   1 
HETATM 1649 O O   . HOH D 4 .   ? 2.777   3.150   -13.874 1.00 51.33 ? 436 HOH A O   1 
HETATM 1650 O O   . HOH D 4 .   ? 18.143  -3.795  -1.392  1.00 40.26 ? 437 HOH A O   1 
HETATM 1651 O O   . HOH D 4 .   ? -6.660  8.707   13.970  1.00 50.39 ? 438 HOH A O   1 
HETATM 1652 O O   . HOH D 4 .   ? 11.754  15.646  7.308   1.00 43.82 ? 439 HOH A O   1 
HETATM 1653 O O   . HOH D 4 .   ? 16.561  11.097  -2.395  1.00 26.52 ? 440 HOH A O   1 
HETATM 1654 O O   . HOH D 4 .   ? 7.064   4.681   17.080  1.00 33.74 ? 441 HOH A O   1 
HETATM 1655 O O   . HOH D 4 .   ? 11.599  16.288  16.208  1.00 23.67 ? 442 HOH A O   1 
HETATM 1656 O O   . HOH D 4 .   ? 5.588   -8.828  13.218  1.00 19.21 ? 443 HOH A O   1 
HETATM 1657 O O   . HOH D 4 .   ? -21.838 0.022   -8.971  1.00 40.20 ? 444 HOH A O   1 
HETATM 1658 O O   . HOH D 4 .   ? -13.800 19.192  1.484   1.00 42.23 ? 445 HOH A O   1 
HETATM 1659 O O   . HOH D 4 .   ? -13.669 11.832  -7.252  1.00 41.75 ? 446 HOH A O   1 
HETATM 1660 O O   . HOH D 4 .   ? -19.402 6.223   6.326   1.00 49.56 ? 447 HOH A O   1 
HETATM 1661 O O   . HOH D 4 .   ? -9.005  9.320   15.104  1.00 45.96 ? 448 HOH A O   1 
HETATM 1662 O O   . HOH D 4 .   ? 11.593  19.064  5.508   1.00 49.34 ? 449 HOH A O   1 
HETATM 1663 O O   . HOH D 4 .   ? 2.859   -9.347  14.079  1.00 26.18 ? 450 HOH A O   1 
HETATM 1664 O O   . HOH D 4 .   ? -20.302 4.180   5.258   1.00 50.63 ? 451 HOH A O   1 
HETATM 1665 O O   . HOH D 4 .   ? -9.856  -3.210  -15.248 1.00 30.42 ? 452 HOH A O   1 
HETATM 1666 O O   . HOH D 4 .   ? -24.874 -6.251  -10.985 1.00 29.56 ? 453 HOH A O   1 
HETATM 1667 O O   . HOH D 4 .   ? 1.535   -11.009 12.600  1.00 23.62 ? 454 HOH A O   1 
HETATM 1668 O O   . HOH D 4 .   ? 9.510   5.693   -11.992 1.00 39.12 ? 455 HOH A O   1 
HETATM 1669 O O   . HOH D 4 .   ? -18.426 -9.841  -12.659 1.00 32.78 ? 456 HOH A O   1 
HETATM 1670 O O   . HOH D 4 .   ? 8.406   -9.242  -18.291 1.00 38.77 ? 457 HOH A O   1 
HETATM 1671 O O   . HOH D 4 .   ? 15.161  10.116  -4.887  1.00 23.98 ? 458 HOH A O   1 
HETATM 1672 O O   . HOH D 4 .   ? 21.734  -10.941 -0.432  1.00 44.85 ? 459 HOH A O   1 
HETATM 1673 O O   . HOH D 4 .   ? -3.652  -9.088  11.776  1.00 37.80 ? 460 HOH A O   1 
HETATM 1674 O O   . HOH D 4 .   ? -8.584  -19.758 2.273   1.00 44.42 ? 461 HOH A O   1 
HETATM 1675 O O   . HOH D 4 .   ? -0.859  -26.833 1.060   1.00 47.39 ? 462 HOH A O   1 
HETATM 1676 O O   . HOH D 4 .   ? 2.112   -22.084 -4.806  1.00 48.41 ? 463 HOH A O   1 
HETATM 1677 O O   . HOH D 4 .   ? 2.738   -22.825 -7.397  1.00 45.66 ? 464 HOH A O   1 
HETATM 1678 O O   . HOH D 4 .   ? 5.734   -15.333 8.630   1.00 54.60 ? 465 HOH A O   1 
HETATM 1679 O O   . HOH D 4 .   ? 6.057   16.124  -9.616  1.00 27.63 ? 466 HOH A O   1 
HETATM 1680 O O   . HOH D 4 .   ? 5.796   -10.632 -18.224 1.00 48.23 ? 467 HOH A O   1 
HETATM 1681 O O   . HOH D 4 .   ? -17.426 7.560   -3.168  1.00 43.30 ? 468 HOH A O   1 
HETATM 1682 O O   . HOH D 4 .   ? 7.679   18.563  7.636   1.00 32.67 ? 469 HOH A O   1 
HETATM 1683 O O   . HOH D 4 .   ? -11.289 8.186   -8.091  1.00 47.74 ? 470 HOH A O   1 
HETATM 1684 O O   . HOH D 4 .   ? -3.039  -18.680 4.061   1.00 58.00 ? 471 HOH A O   1 
HETATM 1685 O O   . HOH D 4 .   ? 4.376   16.913  -7.139  1.00 30.05 ? 472 HOH A O   1 
HETATM 1686 O O   . HOH D 4 .   ? 17.298  1.819   2.763   1.00 46.15 ? 473 HOH A O   1 
HETATM 1687 O O   . HOH D 4 .   ? -2.247  -7.561  7.453   1.00 48.09 ? 474 HOH A O   1 
HETATM 1688 O O   . HOH D 4 .   ? -18.880 1.762   11.270  1.00 58.54 ? 475 HOH A O   1 
HETATM 1689 O O   . HOH D 4 .   ? -21.950 -0.710  -6.082  1.00 57.66 ? 476 HOH A O   1 
HETATM 1690 O O   . HOH D 4 .   ? -7.136  18.744  -5.303  1.00 49.80 ? 477 HOH A O   1 
HETATM 1691 O O   . HOH D 4 .   ? -5.693  17.020  10.823  1.00 44.65 ? 478 HOH A O   1 
HETATM 1692 O O   . HOH D 4 .   ? 6.646   15.786  4.195   1.00 51.84 ? 479 HOH A O   1 
HETATM 1693 O O   . HOH D 4 .   ? -15.102 10.024  -5.598  1.00 55.78 ? 480 HOH A O   1 
HETATM 1694 O O   . HOH D 4 .   ? 2.993   -9.538  -17.273 1.00 47.89 ? 481 HOH A O   1 
HETATM 1695 O O   . HOH D 4 .   ? -11.270 12.053  -6.322  1.00 39.97 ? 482 HOH A O   1 
HETATM 1696 O O   . HOH D 4 .   ? 15.085  -10.965 -1.591  1.00 56.50 ? 483 HOH A O   1 
HETATM 1697 O O   . HOH D 4 .   ? 10.234  16.727  5.477   1.00 50.42 ? 484 HOH A O   1 
HETATM 1698 O O   . HOH D 4 .   ? -6.263  -3.651  14.235  1.00 37.17 ? 485 HOH A O   1 
HETATM 1699 O O   . HOH D 4 .   ? 4.724   -6.252  -16.903 1.00 44.95 ? 486 HOH A O   1 
HETATM 1700 O O   . HOH D 4 .   ? -2.422  -5.463  -16.656 1.00 47.19 ? 487 HOH A O   1 
HETATM 1701 O O   . HOH D 4 .   ? 3.185   18.761  -5.794  1.00 23.22 ? 488 HOH A O   1 
HETATM 1702 O O   . HOH D 4 .   ? 5.950   -14.953 -2.360  1.00 34.55 ? 489 HOH A O   1 
HETATM 1703 O O   . HOH D 4 .   ? 23.870  10.229  3.130   1.00 65.63 ? 490 HOH A O   1 
HETATM 1704 O O   . HOH D 4 .   ? 20.778  -8.190  -2.734  1.00 47.39 ? 491 HOH A O   1 
HETATM 1705 O O   . HOH D 4 .   ? 13.040  15.431  0.290   1.00 36.43 ? 492 HOH A O   1 
HETATM 1706 O O   . HOH D 4 .   ? -15.848 5.104   -5.747  1.00 37.63 ? 493 HOH A O   1 
HETATM 1707 O O   . HOH D 4 .   ? 13.889  -7.483  9.051   1.00 28.07 ? 494 HOH A O   1 
HETATM 1708 O O   . HOH D 4 .   ? 17.078  -5.325  -5.173  1.00 41.93 ? 495 HOH A O   1 
HETATM 1709 O O   . HOH D 4 .   ? 9.501   -8.431  -20.619 1.00 56.85 ? 496 HOH A O   1 
HETATM 1710 O O   . HOH D 4 .   ? 10.659  -13.108 -17.410 1.00 53.59 ? 497 HOH A O   1 
HETATM 1711 O O   . HOH D 4 .   ? 9.227   -2.102  17.235  1.00 36.20 ? 498 HOH A O   1 
HETATM 1712 O O   . HOH D 4 .   ? 10.089  11.678  -0.662  1.00 21.23 ? 499 HOH A O   1 
HETATM 1713 O O   . HOH D 4 .   ? 7.885   -2.910  -14.249 1.00 38.50 ? 500 HOH A O   1 
HETATM 1714 O O   . HOH D 4 .   ? 4.921   -8.235  -19.542 1.00 55.17 ? 501 HOH A O   1 
HETATM 1715 O O   . HOH D 4 .   ? 6.606   -13.922 -11.871 1.00 38.84 ? 502 HOH A O   1 
HETATM 1716 O O   . HOH D 4 .   ? -19.360 -8.809  -15.156 1.00 16.67 ? 503 HOH A O   1 
HETATM 1717 O O   . HOH D 4 .   ? 0.824   -13.527 1.194   1.00 32.65 ? 504 HOH A O   1 
HETATM 1718 O O   . HOH D 4 .   ? -5.889  -14.890 4.901   1.00 42.99 ? 505 HOH A O   1 
HETATM 1719 O O   . HOH D 4 .   ? -4.298  2.660   -15.814 1.00 53.20 ? 506 HOH A O   1 
HETATM 1720 O O   . HOH D 4 .   ? 9.309   -16.224 -8.929  1.00 37.31 ? 507 HOH A O   1 
HETATM 1721 O O   . HOH D 4 .   ? -18.658 2.537   -5.640  1.00 48.39 ? 508 HOH A O   1 
HETATM 1722 O O   . HOH D 4 .   ? 19.333  -10.379 -4.893  1.00 49.44 ? 509 HOH A O   1 
HETATM 1723 O O   . HOH D 4 .   ? 4.933   1.945   -14.268 1.00 44.09 ? 510 HOH A O   1 
HETATM 1724 O O   . HOH D 4 .   ? 4.392   -16.579 1.280   1.00 44.97 ? 511 HOH A O   1 
HETATM 1725 O O   . HOH D 4 .   ? 1.814   16.393  8.115   1.00 50.64 ? 512 HOH A O   1 
HETATM 1726 O O   . HOH D 4 .   ? 11.273  -4.336  -16.189 1.00 38.41 ? 513 HOH A O   1 
HETATM 1727 O O   . HOH D 4 .   ? 22.483  12.171  1.532   1.00 66.62 ? 514 HOH A O   1 
HETATM 1728 O O   . HOH D 4 .   ? 5.386   -22.395 0.295   1.00 55.21 ? 515 HOH A O   1 
HETATM 1729 O O   . HOH D 4 .   ? 18.563  -10.528 -7.470  1.00 48.63 ? 516 HOH A O   1 
HETATM 1730 O O   . HOH D 4 .   ? 15.405  -9.614  -13.248 1.00 47.96 ? 517 HOH A O   1 
HETATM 1731 O O   . HOH D 4 .   ? 1.072   -18.620 -10.849 1.00 39.81 ? 518 HOH A O   1 
HETATM 1732 O O   . HOH D 4 .   ? -4.668  6.179   -15.510 1.00 44.23 ? 519 HOH A O   1 
HETATM 1733 O O   . HOH D 4 .   ? -19.137 4.502   -7.486  1.00 51.08 ? 520 HOH A O   1 
HETATM 1734 O O   . HOH D 4 .   ? -16.065 13.802  -5.251  1.00 42.09 ? 521 HOH A O   1 
HETATM 1735 O O   . HOH D 4 .   ? -0.539  -9.774  -20.221 1.00 60.85 ? 522 HOH A O   1 
HETATM 1736 O O   . HOH D 4 .   ? -0.156  -26.439 -6.729  1.00 58.62 ? 523 HOH A O   1 
HETATM 1737 O O   . HOH D 4 .   ? -9.721  -15.131 1.032   1.00 31.57 ? 524 HOH A O   1 
HETATM 1738 O O   . HOH D 4 .   ? -11.590 -14.991 -2.756  1.00 29.54 ? 525 HOH A O   1 
HETATM 1739 O O   . HOH D 4 .   ? -11.768 -13.693 0.996   1.00 28.52 ? 526 HOH A O   1 
# 
loop_
_pdbx_poly_seq_scheme.asym_id 
_pdbx_poly_seq_scheme.entity_id 
_pdbx_poly_seq_scheme.seq_id 
_pdbx_poly_seq_scheme.mon_id 
_pdbx_poly_seq_scheme.ndb_seq_num 
_pdbx_poly_seq_scheme.pdb_seq_num 
_pdbx_poly_seq_scheme.auth_seq_num 
_pdbx_poly_seq_scheme.pdb_mon_id 
_pdbx_poly_seq_scheme.auth_mon_id 
_pdbx_poly_seq_scheme.pdb_strand_id 
_pdbx_poly_seq_scheme.pdb_ins_code 
_pdbx_poly_seq_scheme.hetero 
A 1 1   GLY 1   -2  -2  GLY GLY A . n 
A 1 2   SER 2   -1  -1  SER SER A . n 
A 1 3   HIS 3   0   0   HIS HIS A . n 
A 1 4   MET 4   1   1   MET MET A . n 
A 1 5   SER 5   2   2   SER SER A . n 
A 1 6   ASN 6   3   3   ASN ASN A . n 
A 1 7   ILE 7   4   4   ILE ILE A . n 
A 1 8   SER 8   5   5   SER SER A . n 
A 1 9   LEU 9   6   6   LEU LEU A . n 
A 1 10  ILE 10  7   7   ILE ILE A . n 
A 1 11  VAL 11  8   8   VAL VAL A . n 
A 1 12  GLY 12  9   9   GLY GLY A . n 
A 1 13  LEU 13  10  10  LEU LEU A . n 
A 1 14  GLY 14  11  11  GLY GLY A . n 
A 1 15  ASN 15  12  12  ASN ASN A . n 
A 1 16  PRO 16  13  13  PRO PRO A . n 
A 1 17  GLY 17  14  14  GLY GLY A . n 
A 1 18  SER 18  15  15  SER SER A . n 
A 1 19  GLU 19  16  16  GLU GLU A . n 
A 1 20  TYR 20  17  17  TYR TYR A . n 
A 1 21  ALA 21  18  18  ALA ALA A . n 
A 1 22  GLN 22  19  19  GLN GLN A . n 
A 1 23  THR 23  20  20  THR THR A . n 
A 1 24  ARG 24  21  21  ARG ARG A . n 
A 1 25  HIS 25  22  22  HIS HIS A . n 
A 1 26  ASN 26  23  23  ASN ASN A . n 
A 1 27  ALA 27  24  24  ALA ALA A . n 
A 1 28  GLY 28  25  25  GLY GLY A . n 
A 1 29  PHE 29  26  26  PHE PHE A . n 
A 1 30  TRP 30  27  27  TRP TRP A . n 
A 1 31  PHE 31  28  28  PHE PHE A . n 
A 1 32  VAL 32  29  29  VAL VAL A . n 
A 1 33  GLU 33  30  30  GLU GLU A . n 
A 1 34  GLN 34  31  31  GLN GLN A . n 
A 1 35  LEU 35  32  32  LEU LEU A . n 
A 1 36  ALA 36  33  33  ALA ALA A . n 
A 1 37  ASP 37  34  34  ASP ASP A . n 
A 1 38  LYS 38  35  35  LYS LYS A . n 
A 1 39  TYR 39  36  36  TYR TYR A . n 
A 1 40  GLY 40  37  37  GLY GLY A . n 
A 1 41  ILE 41  38  38  ILE ILE A . n 
A 1 42  THR 42  39  39  THR THR A . n 
A 1 43  LEU 43  40  40  LEU LEU A . n 
A 1 44  LYS 44  41  41  LYS LYS A . n 
A 1 45  ASN 45  42  42  ASN ASN A . n 
A 1 46  ASP 46  43  43  ASP ASP A . n 
A 1 47  PRO 47  44  44  PRO PRO A . n 
A 1 48  LYS 48  45  45  LYS LYS A . n 
A 1 49  PHE 49  46  46  PHE PHE A . n 
A 1 50  HIS 50  47  47  HIS HIS A . n 
A 1 51  GLY 51  48  48  GLY GLY A . n 
A 1 52  ILE 52  49  49  ILE ILE A . n 
A 1 53  SER 53  50  50  SER SER A . n 
A 1 54  GLY 54  51  51  GLY GLY A . n 
A 1 55  ARG 55  52  52  ARG ARG A . n 
A 1 56  GLY 56  53  53  GLY GLY A . n 
A 1 57  ASN 57  54  54  ASN ASN A . n 
A 1 58  ILE 58  55  55  ILE ILE A . n 
A 1 59  GLU 59  56  56  GLU GLU A . n 
A 1 60  GLY 60  57  57  GLY GLY A . n 
A 1 61  HIS 61  58  58  HIS HIS A . n 
A 1 62  ASP 62  59  59  ASP ASP A . n 
A 1 63  VAL 63  60  60  VAL VAL A . n 
A 1 64  ARG 64  61  61  ARG ARG A . n 
A 1 65  LEU 65  62  62  LEU LEU A . n 
A 1 66  LEU 66  63  63  LEU LEU A . n 
A 1 67  LEU 67  64  64  LEU LEU A . n 
A 1 68  PRO 68  65  65  PRO PRO A . n 
A 1 69  MET 69  66  66  MET MET A . n 
A 1 70  THR 70  67  67  THR THR A . n 
A 1 71  TYR 71  68  68  TYR TYR A . n 
A 1 72  MET 72  69  69  MET MET A . n 
A 1 73  ASN 73  70  70  ASN ASN A . n 
A 1 74  ARG 74  71  71  ARG ARG A . n 
A 1 75  SER 75  72  72  SER SER A . n 
A 1 76  GLY 76  73  73  GLY GLY A . n 
A 1 77  GLN 77  74  74  GLN GLN A . n 
A 1 78  SER 78  75  75  SER SER A . n 
A 1 79  VAL 79  76  76  VAL VAL A . n 
A 1 80  VAL 80  77  77  VAL VAL A . n 
A 1 81  PRO 81  78  78  PRO PRO A . n 
A 1 82  PHE 82  79  79  PHE PHE A . n 
A 1 83  SER 83  80  80  SER SER A . n 
A 1 84  LYS 84  81  81  LYS LYS A . n 
A 1 85  PHE 85  82  82  PHE PHE A . n 
A 1 86  TYR 86  83  83  TYR TYR A . n 
A 1 87  GLN 87  84  84  GLN GLN A . n 
A 1 88  ILE 88  85  85  ILE ILE A . n 
A 1 89  ALA 89  86  86  ALA ALA A . n 
A 1 90  PRO 90  87  87  PRO PRO A . n 
A 1 91  GLU 91  88  88  GLU GLU A . n 
A 1 92  ALA 92  89  89  ALA ALA A . n 
A 1 93  ILE 93  90  90  ILE ILE A . n 
A 1 94  LEU 94  91  91  LEU LEU A . n 
A 1 95  ILE 95  92  92  ILE ILE A . n 
A 1 96  ALA 96  93  93  ALA ALA A . n 
A 1 97  HIS 97  94  94  HIS HIS A . n 
A 1 98  ASP 98  95  95  ASP ASP A . n 
A 1 99  GLU 99  96  96  GLU GLU A . n 
A 1 100 LEU 100 97  97  LEU LEU A . n 
A 1 101 ASP 101 98  98  ASP ASP A . n 
A 1 102 MET 102 99  99  MET MET A . n 
A 1 103 ASN 103 100 100 ASN ASN A . n 
A 1 104 PRO 104 101 101 PRO PRO A . n 
A 1 105 GLY 105 102 102 GLY GLY A . n 
A 1 106 VAL 106 103 103 VAL VAL A . n 
A 1 107 ILE 107 104 104 ILE ILE A . n 
A 1 108 ARG 108 105 105 ARG ARG A . n 
A 1 109 LEU 109 106 106 LEU LEU A . n 
A 1 110 LYS 110 107 107 LYS LYS A . n 
A 1 111 THR 111 108 108 THR THR A . n 
A 1 112 GLY 112 109 109 GLY GLY A . n 
A 1 113 GLY 113 110 110 GLY GLY A . n 
A 1 114 GLY 114 111 111 GLY GLY A . n 
A 1 115 HIS 115 112 112 HIS HIS A . n 
A 1 116 GLY 116 113 113 GLY GLY A . n 
A 1 117 GLY 117 114 114 GLY GLY A . n 
A 1 118 HIS 118 115 115 HIS HIS A . n 
A 1 119 ASN 119 116 116 ASN ASN A . n 
A 1 120 GLY 120 117 117 GLY GLY A . n 
A 1 121 LEU 121 118 118 LEU LEU A . n 
A 1 122 GLN 122 119 119 GLN GLN A . n 
A 1 123 ASP 123 120 120 ASP ASP A . n 
A 1 124 ILE 124 121 121 ILE ILE A . n 
A 1 125 VAL 125 122 122 VAL VAL A . n 
A 1 126 PRO 126 123 123 PRO PRO A . n 
A 1 127 HIS 127 124 124 HIS HIS A . n 
A 1 128 ILE 128 125 125 ILE ILE A . n 
A 1 129 GLY 129 126 126 GLY GLY A . n 
A 1 130 PRO 130 127 127 PRO PRO A . n 
A 1 131 ASN 131 128 128 ASN ASN A . n 
A 1 132 PHE 132 129 129 PHE PHE A . n 
A 1 133 HIS 133 130 130 HIS HIS A . n 
A 1 134 ARG 134 131 131 ARG ARG A . n 
A 1 135 LEU 135 132 132 LEU LEU A . n 
A 1 136 ARG 136 133 133 ARG ARG A . n 
A 1 137 ILE 137 134 134 ILE ILE A . n 
A 1 138 GLY 138 135 135 GLY GLY A . n 
A 1 139 ILE 139 136 136 ILE ILE A . n 
A 1 140 GLY 140 137 137 GLY GLY A . n 
A 1 141 HIS 141 138 138 HIS HIS A . n 
A 1 142 PRO 142 139 139 PRO PRO A . n 
A 1 143 GLY 143 140 140 GLY GLY A . n 
A 1 144 SER 144 141 141 SER SER A . n 
A 1 145 LYS 145 142 142 LYS LYS A . n 
A 1 146 GLU 146 143 143 GLU GLU A . n 
A 1 147 ARG 147 144 144 ARG ARG A . n 
A 1 148 VAL 148 145 145 VAL VAL A . n 
A 1 149 SER 149 146 146 SER SER A . n 
A 1 150 GLY 150 147 147 GLY GLY A . n 
A 1 151 HIS 151 148 148 HIS HIS A . n 
A 1 152 VAL 152 149 149 VAL VAL A . n 
A 1 153 LEU 153 150 150 LEU LEU A . n 
A 1 154 GLY 154 151 151 GLY GLY A . n 
A 1 155 LYS 155 152 152 LYS LYS A . n 
A 1 156 ALA 156 153 153 ALA ALA A . n 
A 1 157 PRO 157 154 154 PRO PRO A . n 
A 1 158 SER 158 155 155 SER SER A . n 
A 1 159 ASN 159 156 156 ASN ASN A . n 
A 1 160 GLU 160 157 157 GLU GLU A . n 
A 1 161 GLN 161 158 158 GLN GLN A . n 
A 1 162 SER 162 159 159 SER SER A . n 
A 1 163 LEU 163 160 160 LEU LEU A . n 
A 1 164 MET 164 161 161 MET MET A . n 
A 1 165 ASP 165 162 162 ASP ASP A . n 
A 1 166 GLY 166 163 163 GLY GLY A . n 
A 1 167 ALA 167 164 164 ALA ALA A . n 
A 1 168 ILE 168 165 165 ILE ILE A . n 
A 1 169 ASP 169 166 166 ASP ASP A . n 
A 1 170 HIS 170 167 167 HIS HIS A . n 
A 1 171 ALA 171 168 168 ALA ALA A . n 
A 1 172 LEU 172 169 169 LEU LEU A . n 
A 1 173 SER 173 170 170 SER SER A . n 
A 1 174 LYS 174 171 171 LYS LYS A . n 
A 1 175 VAL 175 172 172 VAL VAL A . n 
A 1 176 LYS 176 173 173 LYS LYS A . n 
A 1 177 LEU 177 174 174 LEU LEU A . n 
A 1 178 LEU 178 175 175 LEU LEU A . n 
A 1 179 VAL 179 176 176 VAL VAL A . n 
A 1 180 GLN 180 177 177 GLN GLN A . n 
A 1 181 GLY 181 178 178 GLY GLY A . n 
A 1 182 GLN 182 179 179 GLN GLN A . n 
A 1 183 VAL 183 180 180 VAL VAL A . n 
A 1 184 PRO 184 181 181 PRO PRO A . n 
A 1 185 GLN 185 182 182 GLN GLN A . n 
A 1 186 ALA 186 183 183 ALA ALA A . n 
A 1 187 MET 187 184 184 MET MET A . n 
A 1 188 ASN 188 185 185 ASN ASN A . n 
A 1 189 GLN 189 186 186 GLN GLN A . n 
A 1 190 ILE 190 187 187 ILE ILE A . n 
A 1 191 ASN 191 188 188 ASN ASN A . n 
A 1 192 ALA 192 189 189 ALA ALA A . n 
A 1 193 TYR 193 190 190 TYR TYR A . n 
A 1 194 LYS 194 191 191 LYS LYS A . n 
A 1 195 PRO 195 192 192 PRO PRO A . n 
A 1 196 ALA 196 193 193 ALA ALA A . n 
# 
loop_
_pdbx_nonpoly_scheme.asym_id 
_pdbx_nonpoly_scheme.entity_id 
_pdbx_nonpoly_scheme.mon_id 
_pdbx_nonpoly_scheme.ndb_seq_num 
_pdbx_nonpoly_scheme.pdb_seq_num 
_pdbx_nonpoly_scheme.auth_seq_num 
_pdbx_nonpoly_scheme.pdb_mon_id 
_pdbx_nonpoly_scheme.auth_mon_id 
_pdbx_nonpoly_scheme.pdb_strand_id 
_pdbx_nonpoly_scheme.pdb_ins_code 
B 2 GOL 1   201 201  GOL GOL A . 
C 3 TLA 1   202 7248 TLA TLA A . 
D 4 HOH 1   301 1    HOH HOH A . 
D 4 HOH 2   302 2    HOH HOH A . 
D 4 HOH 3   303 3    HOH HOH A . 
D 4 HOH 4   304 4    HOH HOH A . 
D 4 HOH 5   305 5    HOH HOH A . 
D 4 HOH 6   306 6    HOH HOH A . 
D 4 HOH 7   307 7    HOH HOH A . 
D 4 HOH 8   308 8    HOH HOH A . 
D 4 HOH 9   309 9    HOH HOH A . 
D 4 HOH 10  310 10   HOH HOH A . 
D 4 HOH 11  311 11   HOH HOH A . 
D 4 HOH 12  312 12   HOH HOH A . 
D 4 HOH 13  313 13   HOH HOH A . 
D 4 HOH 14  314 14   HOH HOH A . 
D 4 HOH 15  315 15   HOH HOH A . 
D 4 HOH 16  316 16   HOH HOH A . 
D 4 HOH 17  317 17   HOH HOH A . 
D 4 HOH 18  318 18   HOH HOH A . 
D 4 HOH 19  319 20   HOH HOH A . 
D 4 HOH 20  320 21   HOH HOH A . 
D 4 HOH 21  321 22   HOH HOH A . 
D 4 HOH 22  322 23   HOH HOH A . 
D 4 HOH 23  323 24   HOH HOH A . 
D 4 HOH 24  324 25   HOH HOH A . 
D 4 HOH 25  325 26   HOH HOH A . 
D 4 HOH 26  326 27   HOH HOH A . 
D 4 HOH 27  327 28   HOH HOH A . 
D 4 HOH 28  328 29   HOH HOH A . 
D 4 HOH 29  329 30   HOH HOH A . 
D 4 HOH 30  330 31   HOH HOH A . 
D 4 HOH 31  331 32   HOH HOH A . 
D 4 HOH 32  332 33   HOH HOH A . 
D 4 HOH 33  333 34   HOH HOH A . 
D 4 HOH 34  334 35   HOH HOH A . 
D 4 HOH 35  335 36   HOH HOH A . 
D 4 HOH 36  336 37   HOH HOH A . 
D 4 HOH 37  337 38   HOH HOH A . 
D 4 HOH 38  338 39   HOH HOH A . 
D 4 HOH 39  339 40   HOH HOH A . 
D 4 HOH 40  340 41   HOH HOH A . 
D 4 HOH 41  341 43   HOH HOH A . 
D 4 HOH 42  342 44   HOH HOH A . 
D 4 HOH 43  343 45   HOH HOH A . 
D 4 HOH 44  344 46   HOH HOH A . 
D 4 HOH 45  345 47   HOH HOH A . 
D 4 HOH 46  346 48   HOH HOH A . 
D 4 HOH 47  347 49   HOH HOH A . 
D 4 HOH 48  348 50   HOH HOH A . 
D 4 HOH 49  349 51   HOH HOH A . 
D 4 HOH 50  350 52   HOH HOH A . 
D 4 HOH 51  351 53   HOH HOH A . 
D 4 HOH 52  352 54   HOH HOH A . 
D 4 HOH 53  353 55   HOH HOH A . 
D 4 HOH 54  354 56   HOH HOH A . 
D 4 HOH 55  355 57   HOH HOH A . 
D 4 HOH 56  356 58   HOH HOH A . 
D 4 HOH 57  357 59   HOH HOH A . 
D 4 HOH 58  358 60   HOH HOH A . 
D 4 HOH 59  359 61   HOH HOH A . 
D 4 HOH 60  360 62   HOH HOH A . 
D 4 HOH 61  361 63   HOH HOH A . 
D 4 HOH 62  362 64   HOH HOH A . 
D 4 HOH 63  363 65   HOH HOH A . 
D 4 HOH 64  364 66   HOH HOH A . 
D 4 HOH 65  365 67   HOH HOH A . 
D 4 HOH 66  366 68   HOH HOH A . 
D 4 HOH 67  367 69   HOH HOH A . 
D 4 HOH 68  368 70   HOH HOH A . 
D 4 HOH 69  369 71   HOH HOH A . 
D 4 HOH 70  370 72   HOH HOH A . 
D 4 HOH 71  371 73   HOH HOH A . 
D 4 HOH 72  372 75   HOH HOH A . 
D 4 HOH 73  373 76   HOH HOH A . 
D 4 HOH 74  374 77   HOH HOH A . 
D 4 HOH 75  375 79   HOH HOH A . 
D 4 HOH 76  376 80   HOH HOH A . 
D 4 HOH 77  377 81   HOH HOH A . 
D 4 HOH 78  378 82   HOH HOH A . 
D 4 HOH 79  379 83   HOH HOH A . 
D 4 HOH 80  380 84   HOH HOH A . 
D 4 HOH 81  381 85   HOH HOH A . 
D 4 HOH 82  382 86   HOH HOH A . 
D 4 HOH 83  383 87   HOH HOH A . 
D 4 HOH 84  384 88   HOH HOH A . 
D 4 HOH 85  385 89   HOH HOH A . 
D 4 HOH 86  386 90   HOH HOH A . 
D 4 HOH 87  387 91   HOH HOH A . 
D 4 HOH 88  388 92   HOH HOH A . 
D 4 HOH 89  389 93   HOH HOH A . 
D 4 HOH 90  390 94   HOH HOH A . 
D 4 HOH 91  391 95   HOH HOH A . 
D 4 HOH 92  392 96   HOH HOH A . 
D 4 HOH 93  393 98   HOH HOH A . 
D 4 HOH 94  394 99   HOH HOH A . 
D 4 HOH 95  395 100  HOH HOH A . 
D 4 HOH 96  396 101  HOH HOH A . 
D 4 HOH 97  397 102  HOH HOH A . 
D 4 HOH 98  398 103  HOH HOH A . 
D 4 HOH 99  399 104  HOH HOH A . 
D 4 HOH 100 400 105  HOH HOH A . 
D 4 HOH 101 401 106  HOH HOH A . 
D 4 HOH 102 402 107  HOH HOH A . 
D 4 HOH 103 403 108  HOH HOH A . 
D 4 HOH 104 404 109  HOH HOH A . 
D 4 HOH 105 405 110  HOH HOH A . 
D 4 HOH 106 406 111  HOH HOH A . 
D 4 HOH 107 407 112  HOH HOH A . 
D 4 HOH 108 408 113  HOH HOH A . 
D 4 HOH 109 409 114  HOH HOH A . 
D 4 HOH 110 410 115  HOH HOH A . 
D 4 HOH 111 411 116  HOH HOH A . 
D 4 HOH 112 412 117  HOH HOH A . 
D 4 HOH 113 413 118  HOH HOH A . 
D 4 HOH 114 414 119  HOH HOH A . 
D 4 HOH 115 415 120  HOH HOH A . 
D 4 HOH 116 416 121  HOH HOH A . 
D 4 HOH 117 417 122  HOH HOH A . 
D 4 HOH 118 418 123  HOH HOH A . 
D 4 HOH 119 419 124  HOH HOH A . 
D 4 HOH 120 420 125  HOH HOH A . 
D 4 HOH 121 421 126  HOH HOH A . 
D 4 HOH 122 422 127  HOH HOH A . 
D 4 HOH 123 423 128  HOH HOH A . 
D 4 HOH 124 424 129  HOH HOH A . 
D 4 HOH 125 425 130  HOH HOH A . 
D 4 HOH 126 426 131  HOH HOH A . 
D 4 HOH 127 427 132  HOH HOH A . 
D 4 HOH 128 428 133  HOH HOH A . 
D 4 HOH 129 429 134  HOH HOH A . 
D 4 HOH 130 430 135  HOH HOH A . 
D 4 HOH 131 431 136  HOH HOH A . 
D 4 HOH 132 432 138  HOH HOH A . 
D 4 HOH 133 433 139  HOH HOH A . 
D 4 HOH 134 434 140  HOH HOH A . 
D 4 HOH 135 435 141  HOH HOH A . 
D 4 HOH 136 436 143  HOH HOH A . 
D 4 HOH 137 437 144  HOH HOH A . 
D 4 HOH 138 438 145  HOH HOH A . 
D 4 HOH 139 439 146  HOH HOH A . 
D 4 HOH 140 440 148  HOH HOH A . 
D 4 HOH 141 441 149  HOH HOH A . 
D 4 HOH 142 442 150  HOH HOH A . 
D 4 HOH 143 443 151  HOH HOH A . 
D 4 HOH 144 444 152  HOH HOH A . 
D 4 HOH 145 445 153  HOH HOH A . 
D 4 HOH 146 446 154  HOH HOH A . 
D 4 HOH 147 447 155  HOH HOH A . 
D 4 HOH 148 448 156  HOH HOH A . 
D 4 HOH 149 449 157  HOH HOH A . 
D 4 HOH 150 450 158  HOH HOH A . 
D 4 HOH 151 451 159  HOH HOH A . 
D 4 HOH 152 452 160  HOH HOH A . 
D 4 HOH 153 453 161  HOH HOH A . 
D 4 HOH 154 454 165  HOH HOH A . 
D 4 HOH 155 455 166  HOH HOH A . 
D 4 HOH 156 456 167  HOH HOH A . 
D 4 HOH 157 457 168  HOH HOH A . 
D 4 HOH 158 458 169  HOH HOH A . 
D 4 HOH 159 459 170  HOH HOH A . 
D 4 HOH 160 460 171  HOH HOH A . 
D 4 HOH 161 461 172  HOH HOH A . 
D 4 HOH 162 462 173  HOH HOH A . 
D 4 HOH 163 463 174  HOH HOH A . 
D 4 HOH 164 464 175  HOH HOH A . 
D 4 HOH 165 465 176  HOH HOH A . 
D 4 HOH 166 466 177  HOH HOH A . 
D 4 HOH 167 467 178  HOH HOH A . 
D 4 HOH 168 468 180  HOH HOH A . 
D 4 HOH 169 469 181  HOH HOH A . 
D 4 HOH 170 470 182  HOH HOH A . 
D 4 HOH 171 471 184  HOH HOH A . 
D 4 HOH 172 472 185  HOH HOH A . 
D 4 HOH 173 473 186  HOH HOH A . 
D 4 HOH 174 474 187  HOH HOH A . 
D 4 HOH 175 475 191  HOH HOH A . 
D 4 HOH 176 476 192  HOH HOH A . 
D 4 HOH 177 477 193  HOH HOH A . 
D 4 HOH 178 478 195  HOH HOH A . 
D 4 HOH 179 479 199  HOH HOH A . 
D 4 HOH 180 480 206  HOH HOH A . 
D 4 HOH 181 481 213  HOH HOH A . 
D 4 HOH 182 482 216  HOH HOH A . 
D 4 HOH 183 483 219  HOH HOH A . 
D 4 HOH 184 484 220  HOH HOH A . 
D 4 HOH 185 485 221  HOH HOH A . 
D 4 HOH 186 486 224  HOH HOH A . 
D 4 HOH 187 487 234  HOH HOH A . 
D 4 HOH 188 488 238  HOH HOH A . 
D 4 HOH 189 489 249  HOH HOH A . 
D 4 HOH 190 490 253  HOH HOH A . 
D 4 HOH 191 491 255  HOH HOH A . 
D 4 HOH 192 492 259  HOH HOH A . 
D 4 HOH 193 493 269  HOH HOH A . 
D 4 HOH 194 494 271  HOH HOH A . 
D 4 HOH 195 495 273  HOH HOH A . 
D 4 HOH 196 496 289  HOH HOH A . 
D 4 HOH 197 497 300  HOH HOH A . 
D 4 HOH 198 498 306  HOH HOH A . 
D 4 HOH 199 499 318  HOH HOH A . 
D 4 HOH 200 500 324  HOH HOH A . 
D 4 HOH 201 501 330  HOH HOH A . 
D 4 HOH 202 502 337  HOH HOH A . 
D 4 HOH 203 503 350  HOH HOH A . 
D 4 HOH 204 504 353  HOH HOH A . 
D 4 HOH 205 505 354  HOH HOH A . 
D 4 HOH 206 506 355  HOH HOH A . 
D 4 HOH 207 507 360  HOH HOH A . 
D 4 HOH 208 508 361  HOH HOH A . 
D 4 HOH 209 509 363  HOH HOH A . 
D 4 HOH 210 510 364  HOH HOH A . 
D 4 HOH 211 511 365  HOH HOH A . 
D 4 HOH 212 512 366  HOH HOH A . 
D 4 HOH 213 513 371  HOH HOH A . 
D 4 HOH 214 514 372  HOH HOH A . 
D 4 HOH 215 515 374  HOH HOH A . 
D 4 HOH 216 516 387  HOH HOH A . 
D 4 HOH 217 517 388  HOH HOH A . 
D 4 HOH 218 518 390  HOH HOH A . 
D 4 HOH 219 519 391  HOH HOH A . 
D 4 HOH 220 520 392  HOH HOH A . 
D 4 HOH 221 521 394  HOH HOH A . 
D 4 HOH 222 522 395  HOH HOH A . 
D 4 HOH 223 523 396  HOH HOH A . 
D 4 HOH 224 524 397  HOH HOH A . 
D 4 HOH 225 525 398  HOH HOH A . 
D 4 HOH 226 526 399  HOH HOH A . 
# 
_pdbx_struct_assembly.id                   1 
_pdbx_struct_assembly.details              author_and_software_defined_assembly 
_pdbx_struct_assembly.method_details       PISA 
_pdbx_struct_assembly.oligomeric_details   monomeric 
_pdbx_struct_assembly.oligomeric_count     1 
# 
_pdbx_struct_assembly_gen.assembly_id       1 
_pdbx_struct_assembly_gen.oper_expression   1 
_pdbx_struct_assembly_gen.asym_id_list      A,B,C,D 
# 
_pdbx_struct_oper_list.id                   1 
_pdbx_struct_oper_list.type                 'identity operation' 
_pdbx_struct_oper_list.name                 1_555 
_pdbx_struct_oper_list.symmetry_operation   x,y,z 
_pdbx_struct_oper_list.matrix[1][1]         1.0000000000 
_pdbx_struct_oper_list.matrix[1][2]         0.0000000000 
_pdbx_struct_oper_list.matrix[1][3]         0.0000000000 
_pdbx_struct_oper_list.vector[1]            0.0000000000 
_pdbx_struct_oper_list.matrix[2][1]         0.0000000000 
_pdbx_struct_oper_list.matrix[2][2]         1.0000000000 
_pdbx_struct_oper_list.matrix[2][3]         0.0000000000 
_pdbx_struct_oper_list.vector[2]            0.0000000000 
_pdbx_struct_oper_list.matrix[3][1]         0.0000000000 
_pdbx_struct_oper_list.matrix[3][2]         0.0000000000 
_pdbx_struct_oper_list.matrix[3][3]         1.0000000000 
_pdbx_struct_oper_list.vector[3]            0.0000000000 
# 
loop_
_pdbx_audit_revision_history.ordinal 
_pdbx_audit_revision_history.data_content_type 
_pdbx_audit_revision_history.major_revision 
_pdbx_audit_revision_history.minor_revision 
_pdbx_audit_revision_history.revision_date 
1 'Structure model' 1 0 2014-02-12 
2 'Structure model' 1 1 2023-11-08 
# 
_pdbx_audit_revision_details.ordinal             1 
_pdbx_audit_revision_details.revision_ordinal    1 
_pdbx_audit_revision_details.data_content_type   'Structure model' 
_pdbx_audit_revision_details.provider            repository 
_pdbx_audit_revision_details.type                'Initial release' 
_pdbx_audit_revision_details.description         ? 
_pdbx_audit_revision_details.details             ? 
# 
loop_
_pdbx_audit_revision_group.ordinal 
_pdbx_audit_revision_group.revision_ordinal 
_pdbx_audit_revision_group.data_content_type 
_pdbx_audit_revision_group.group 
1 2 'Structure model' 'Data collection'        
2 2 'Structure model' 'Database references'    
3 2 'Structure model' 'Derived calculations'   
4 2 'Structure model' 'Refinement description' 
# 
loop_
_pdbx_audit_revision_category.ordinal 
_pdbx_audit_revision_category.revision_ordinal 
_pdbx_audit_revision_category.data_content_type 
_pdbx_audit_revision_category.category 
1 2 'Structure model' chem_comp_atom                
2 2 'Structure model' chem_comp_bond                
3 2 'Structure model' database_2                    
4 2 'Structure model' pdbx_initial_refinement_model 
5 2 'Structure model' struct_ref_seq_dif            
6 2 'Structure model' struct_site                   
# 
loop_
_pdbx_audit_revision_item.ordinal 
_pdbx_audit_revision_item.revision_ordinal 
_pdbx_audit_revision_item.data_content_type 
_pdbx_audit_revision_item.item 
1 2 'Structure model' '_database_2.pdbx_DOI'                
2 2 'Structure model' '_database_2.pdbx_database_accession' 
3 2 'Structure model' '_struct_ref_seq_dif.details'         
4 2 'Structure model' '_struct_site.pdbx_auth_asym_id'      
5 2 'Structure model' '_struct_site.pdbx_auth_comp_id'      
6 2 'Structure model' '_struct_site.pdbx_auth_seq_id'       
# 
loop_
_software.name 
_software.classification 
_software.version 
_software.citation_id 
_software.pdbx_ordinal 
HKL-2000 'data collection' .        ? 1 
AMoRE    phasing           .        ? 2 
REFMAC   refinement        5.5.0109 ? 3 
HKL-2000 'data reduction'  .        ? 4 
HKL-2000 'data scaling'    .        ? 5 
# 
_pdbx_validate_rmsd_bond.id                        1 
_pdbx_validate_rmsd_bond.PDB_model_num             1 
_pdbx_validate_rmsd_bond.auth_atom_id_1            C 
_pdbx_validate_rmsd_bond.auth_asym_id_1            A 
_pdbx_validate_rmsd_bond.auth_comp_id_1            GLY 
_pdbx_validate_rmsd_bond.auth_seq_id_1             113 
_pdbx_validate_rmsd_bond.PDB_ins_code_1            ? 
_pdbx_validate_rmsd_bond.label_alt_id_1            ? 
_pdbx_validate_rmsd_bond.auth_atom_id_2            O 
_pdbx_validate_rmsd_bond.auth_asym_id_2            A 
_pdbx_validate_rmsd_bond.auth_comp_id_2            GLY 
_pdbx_validate_rmsd_bond.auth_seq_id_2             113 
_pdbx_validate_rmsd_bond.PDB_ins_code_2            ? 
_pdbx_validate_rmsd_bond.label_alt_id_2            ? 
_pdbx_validate_rmsd_bond.bond_value                1.336 
_pdbx_validate_rmsd_bond.bond_target_value         1.232 
_pdbx_validate_rmsd_bond.bond_deviation            0.104 
_pdbx_validate_rmsd_bond.bond_standard_deviation   0.016 
_pdbx_validate_rmsd_bond.linker_flag               N 
# 
loop_
_pdbx_validate_rmsd_angle.id 
_pdbx_validate_rmsd_angle.PDB_model_num 
_pdbx_validate_rmsd_angle.auth_atom_id_1 
_pdbx_validate_rmsd_angle.auth_asym_id_1 
_pdbx_validate_rmsd_angle.auth_comp_id_1 
_pdbx_validate_rmsd_angle.auth_seq_id_1 
_pdbx_validate_rmsd_angle.PDB_ins_code_1 
_pdbx_validate_rmsd_angle.label_alt_id_1 
_pdbx_validate_rmsd_angle.auth_atom_id_2 
_pdbx_validate_rmsd_angle.auth_asym_id_2 
_pdbx_validate_rmsd_angle.auth_comp_id_2 
_pdbx_validate_rmsd_angle.auth_seq_id_2 
_pdbx_validate_rmsd_angle.PDB_ins_code_2 
_pdbx_validate_rmsd_angle.label_alt_id_2 
_pdbx_validate_rmsd_angle.auth_atom_id_3 
_pdbx_validate_rmsd_angle.auth_asym_id_3 
_pdbx_validate_rmsd_angle.auth_comp_id_3 
_pdbx_validate_rmsd_angle.auth_seq_id_3 
_pdbx_validate_rmsd_angle.PDB_ins_code_3 
_pdbx_validate_rmsd_angle.label_alt_id_3 
_pdbx_validate_rmsd_angle.angle_value 
_pdbx_validate_rmsd_angle.angle_target_value 
_pdbx_validate_rmsd_angle.angle_deviation 
_pdbx_validate_rmsd_angle.angle_standard_deviation 
_pdbx_validate_rmsd_angle.linker_flag 
1 1 CB A PHE 26  ? ? CG A PHE 26  ? ? CD1 A PHE 26  ? ? 125.48 120.80 4.68  0.70 N 
2 1 NE A ARG 61  ? ? CZ A ARG 61  ? ? NH2 A ARG 61  ? ? 114.52 120.30 -5.78 0.50 N 
3 1 CB A ASP 162 ? ? CG A ASP 162 ? ? OD1 A ASP 162 ? ? 123.79 118.30 5.49  0.90 N 
# 
loop_
_pdbx_validate_torsion.id 
_pdbx_validate_torsion.PDB_model_num 
_pdbx_validate_torsion.auth_comp_id 
_pdbx_validate_torsion.auth_asym_id 
_pdbx_validate_torsion.auth_seq_id 
_pdbx_validate_torsion.PDB_ins_code 
_pdbx_validate_torsion.label_alt_id 
_pdbx_validate_torsion.phi 
_pdbx_validate_torsion.psi 
1 1 MET A 1   ? ? 57.49   -141.04 
2 1 TYR A 68  ? ? 76.47   143.92  
3 1 ASN A 128 ? ? -89.40  38.72   
4 1 SER A 141 ? ? -171.85 -176.96 
# 
loop_
_chem_comp_atom.comp_id 
_chem_comp_atom.atom_id 
_chem_comp_atom.type_symbol 
_chem_comp_atom.pdbx_aromatic_flag 
_chem_comp_atom.pdbx_stereo_config 
_chem_comp_atom.pdbx_ordinal 
ALA N    N N N 1   
ALA CA   C N S 2   
ALA C    C N N 3   
ALA O    O N N 4   
ALA CB   C N N 5   
ALA OXT  O N N 6   
ALA H    H N N 7   
ALA H2   H N N 8   
ALA HA   H N N 9   
ALA HB1  H N N 10  
ALA HB2  H N N 11  
ALA HB3  H N N 12  
ALA HXT  H N N 13  
ARG N    N N N 14  
ARG CA   C N S 15  
ARG C    C N N 16  
ARG O    O N N 17  
ARG CB   C N N 18  
ARG CG   C N N 19  
ARG CD   C N N 20  
ARG NE   N N N 21  
ARG CZ   C N N 22  
ARG NH1  N N N 23  
ARG NH2  N N N 24  
ARG OXT  O N N 25  
ARG H    H N N 26  
ARG H2   H N N 27  
ARG HA   H N N 28  
ARG HB2  H N N 29  
ARG HB3  H N N 30  
ARG HG2  H N N 31  
ARG HG3  H N N 32  
ARG HD2  H N N 33  
ARG HD3  H N N 34  
ARG HE   H N N 35  
ARG HH11 H N N 36  
ARG HH12 H N N 37  
ARG HH21 H N N 38  
ARG HH22 H N N 39  
ARG HXT  H N N 40  
ASN N    N N N 41  
ASN CA   C N S 42  
ASN C    C N N 43  
ASN O    O N N 44  
ASN CB   C N N 45  
ASN CG   C N N 46  
ASN OD1  O N N 47  
ASN ND2  N N N 48  
ASN OXT  O N N 49  
ASN H    H N N 50  
ASN H2   H N N 51  
ASN HA   H N N 52  
ASN HB2  H N N 53  
ASN HB3  H N N 54  
ASN HD21 H N N 55  
ASN HD22 H N N 56  
ASN HXT  H N N 57  
ASP N    N N N 58  
ASP CA   C N S 59  
ASP C    C N N 60  
ASP O    O N N 61  
ASP CB   C N N 62  
ASP CG   C N N 63  
ASP OD1  O N N 64  
ASP OD2  O N N 65  
ASP OXT  O N N 66  
ASP H    H N N 67  
ASP H2   H N N 68  
ASP HA   H N N 69  
ASP HB2  H N N 70  
ASP HB3  H N N 71  
ASP HD2  H N N 72  
ASP HXT  H N N 73  
GLN N    N N N 74  
GLN CA   C N S 75  
GLN C    C N N 76  
GLN O    O N N 77  
GLN CB   C N N 78  
GLN CG   C N N 79  
GLN CD   C N N 80  
GLN OE1  O N N 81  
GLN NE2  N N N 82  
GLN OXT  O N N 83  
GLN H    H N N 84  
GLN H2   H N N 85  
GLN HA   H N N 86  
GLN HB2  H N N 87  
GLN HB3  H N N 88  
GLN HG2  H N N 89  
GLN HG3  H N N 90  
GLN HE21 H N N 91  
GLN HE22 H N N 92  
GLN HXT  H N N 93  
GLU N    N N N 94  
GLU CA   C N S 95  
GLU C    C N N 96  
GLU O    O N N 97  
GLU CB   C N N 98  
GLU CG   C N N 99  
GLU CD   C N N 100 
GLU OE1  O N N 101 
GLU OE2  O N N 102 
GLU OXT  O N N 103 
GLU H    H N N 104 
GLU H2   H N N 105 
GLU HA   H N N 106 
GLU HB2  H N N 107 
GLU HB3  H N N 108 
GLU HG2  H N N 109 
GLU HG3  H N N 110 
GLU HE2  H N N 111 
GLU HXT  H N N 112 
GLY N    N N N 113 
GLY CA   C N N 114 
GLY C    C N N 115 
GLY O    O N N 116 
GLY OXT  O N N 117 
GLY H    H N N 118 
GLY H2   H N N 119 
GLY HA2  H N N 120 
GLY HA3  H N N 121 
GLY HXT  H N N 122 
GOL C1   C N N 123 
GOL O1   O N N 124 
GOL C2   C N N 125 
GOL O2   O N N 126 
GOL C3   C N N 127 
GOL O3   O N N 128 
GOL H11  H N N 129 
GOL H12  H N N 130 
GOL HO1  H N N 131 
GOL H2   H N N 132 
GOL HO2  H N N 133 
GOL H31  H N N 134 
GOL H32  H N N 135 
GOL HO3  H N N 136 
HIS N    N N N 137 
HIS CA   C N S 138 
HIS C    C N N 139 
HIS O    O N N 140 
HIS CB   C N N 141 
HIS CG   C Y N 142 
HIS ND1  N Y N 143 
HIS CD2  C Y N 144 
HIS CE1  C Y N 145 
HIS NE2  N Y N 146 
HIS OXT  O N N 147 
HIS H    H N N 148 
HIS H2   H N N 149 
HIS HA   H N N 150 
HIS HB2  H N N 151 
HIS HB3  H N N 152 
HIS HD1  H N N 153 
HIS HD2  H N N 154 
HIS HE1  H N N 155 
HIS HE2  H N N 156 
HIS HXT  H N N 157 
HOH O    O N N 158 
HOH H1   H N N 159 
HOH H2   H N N 160 
ILE N    N N N 161 
ILE CA   C N S 162 
ILE C    C N N 163 
ILE O    O N N 164 
ILE CB   C N S 165 
ILE CG1  C N N 166 
ILE CG2  C N N 167 
ILE CD1  C N N 168 
ILE OXT  O N N 169 
ILE H    H N N 170 
ILE H2   H N N 171 
ILE HA   H N N 172 
ILE HB   H N N 173 
ILE HG12 H N N 174 
ILE HG13 H N N 175 
ILE HG21 H N N 176 
ILE HG22 H N N 177 
ILE HG23 H N N 178 
ILE HD11 H N N 179 
ILE HD12 H N N 180 
ILE HD13 H N N 181 
ILE HXT  H N N 182 
LEU N    N N N 183 
LEU CA   C N S 184 
LEU C    C N N 185 
LEU O    O N N 186 
LEU CB   C N N 187 
LEU CG   C N N 188 
LEU CD1  C N N 189 
LEU CD2  C N N 190 
LEU OXT  O N N 191 
LEU H    H N N 192 
LEU H2   H N N 193 
LEU HA   H N N 194 
LEU HB2  H N N 195 
LEU HB3  H N N 196 
LEU HG   H N N 197 
LEU HD11 H N N 198 
LEU HD12 H N N 199 
LEU HD13 H N N 200 
LEU HD21 H N N 201 
LEU HD22 H N N 202 
LEU HD23 H N N 203 
LEU HXT  H N N 204 
LYS N    N N N 205 
LYS CA   C N S 206 
LYS C    C N N 207 
LYS O    O N N 208 
LYS CB   C N N 209 
LYS CG   C N N 210 
LYS CD   C N N 211 
LYS CE   C N N 212 
LYS NZ   N N N 213 
LYS OXT  O N N 214 
LYS H    H N N 215 
LYS H2   H N N 216 
LYS HA   H N N 217 
LYS HB2  H N N 218 
LYS HB3  H N N 219 
LYS HG2  H N N 220 
LYS HG3  H N N 221 
LYS HD2  H N N 222 
LYS HD3  H N N 223 
LYS HE2  H N N 224 
LYS HE3  H N N 225 
LYS HZ1  H N N 226 
LYS HZ2  H N N 227 
LYS HZ3  H N N 228 
LYS HXT  H N N 229 
MET N    N N N 230 
MET CA   C N S 231 
MET C    C N N 232 
MET O    O N N 233 
MET CB   C N N 234 
MET CG   C N N 235 
MET SD   S N N 236 
MET CE   C N N 237 
MET OXT  O N N 238 
MET H    H N N 239 
MET H2   H N N 240 
MET HA   H N N 241 
MET HB2  H N N 242 
MET HB3  H N N 243 
MET HG2  H N N 244 
MET HG3  H N N 245 
MET HE1  H N N 246 
MET HE2  H N N 247 
MET HE3  H N N 248 
MET HXT  H N N 249 
PHE N    N N N 250 
PHE CA   C N S 251 
PHE C    C N N 252 
PHE O    O N N 253 
PHE CB   C N N 254 
PHE CG   C Y N 255 
PHE CD1  C Y N 256 
PHE CD2  C Y N 257 
PHE CE1  C Y N 258 
PHE CE2  C Y N 259 
PHE CZ   C Y N 260 
PHE OXT  O N N 261 
PHE H    H N N 262 
PHE H2   H N N 263 
PHE HA   H N N 264 
PHE HB2  H N N 265 
PHE HB3  H N N 266 
PHE HD1  H N N 267 
PHE HD2  H N N 268 
PHE HE1  H N N 269 
PHE HE2  H N N 270 
PHE HZ   H N N 271 
PHE HXT  H N N 272 
PRO N    N N N 273 
PRO CA   C N S 274 
PRO C    C N N 275 
PRO O    O N N 276 
PRO CB   C N N 277 
PRO CG   C N N 278 
PRO CD   C N N 279 
PRO OXT  O N N 280 
PRO H    H N N 281 
PRO HA   H N N 282 
PRO HB2  H N N 283 
PRO HB3  H N N 284 
PRO HG2  H N N 285 
PRO HG3  H N N 286 
PRO HD2  H N N 287 
PRO HD3  H N N 288 
PRO HXT  H N N 289 
SER N    N N N 290 
SER CA   C N S 291 
SER C    C N N 292 
SER O    O N N 293 
SER CB   C N N 294 
SER OG   O N N 295 
SER OXT  O N N 296 
SER H    H N N 297 
SER H2   H N N 298 
SER HA   H N N 299 
SER HB2  H N N 300 
SER HB3  H N N 301 
SER HG   H N N 302 
SER HXT  H N N 303 
THR N    N N N 304 
THR CA   C N S 305 
THR C    C N N 306 
THR O    O N N 307 
THR CB   C N R 308 
THR OG1  O N N 309 
THR CG2  C N N 310 
THR OXT  O N N 311 
THR H    H N N 312 
THR H2   H N N 313 
THR HA   H N N 314 
THR HB   H N N 315 
THR HG1  H N N 316 
THR HG21 H N N 317 
THR HG22 H N N 318 
THR HG23 H N N 319 
THR HXT  H N N 320 
TLA O1   O N N 321 
TLA O11  O N N 322 
TLA C1   C N N 323 
TLA C2   C N R 324 
TLA O2   O N N 325 
TLA C3   C N R 326 
TLA O3   O N N 327 
TLA C4   C N N 328 
TLA O4   O N N 329 
TLA O41  O N N 330 
TLA H11  H N N 331 
TLA H2   H N N 332 
TLA HA   H N N 333 
TLA H3   H N N 334 
TLA HB   H N N 335 
TLA H41  H N N 336 
TRP N    N N N 337 
TRP CA   C N S 338 
TRP C    C N N 339 
TRP O    O N N 340 
TRP CB   C N N 341 
TRP CG   C Y N 342 
TRP CD1  C Y N 343 
TRP CD2  C Y N 344 
TRP NE1  N Y N 345 
TRP CE2  C Y N 346 
TRP CE3  C Y N 347 
TRP CZ2  C Y N 348 
TRP CZ3  C Y N 349 
TRP CH2  C Y N 350 
TRP OXT  O N N 351 
TRP H    H N N 352 
TRP H2   H N N 353 
TRP HA   H N N 354 
TRP HB2  H N N 355 
TRP HB3  H N N 356 
TRP HD1  H N N 357 
TRP HE1  H N N 358 
TRP HE3  H N N 359 
TRP HZ2  H N N 360 
TRP HZ3  H N N 361 
TRP HH2  H N N 362 
TRP HXT  H N N 363 
TYR N    N N N 364 
TYR CA   C N S 365 
TYR C    C N N 366 
TYR O    O N N 367 
TYR CB   C N N 368 
TYR CG   C Y N 369 
TYR CD1  C Y N 370 
TYR CD2  C Y N 371 
TYR CE1  C Y N 372 
TYR CE2  C Y N 373 
TYR CZ   C Y N 374 
TYR OH   O N N 375 
TYR OXT  O N N 376 
TYR H    H N N 377 
TYR H2   H N N 378 
TYR HA   H N N 379 
TYR HB2  H N N 380 
TYR HB3  H N N 381 
TYR HD1  H N N 382 
TYR HD2  H N N 383 
TYR HE1  H N N 384 
TYR HE2  H N N 385 
TYR HH   H N N 386 
TYR HXT  H N N 387 
VAL N    N N N 388 
VAL CA   C N S 389 
VAL C    C N N 390 
VAL O    O N N 391 
VAL CB   C N N 392 
VAL CG1  C N N 393 
VAL CG2  C N N 394 
VAL OXT  O N N 395 
VAL H    H N N 396 
VAL H2   H N N 397 
VAL HA   H N N 398 
VAL HB   H N N 399 
VAL HG11 H N N 400 
VAL HG12 H N N 401 
VAL HG13 H N N 402 
VAL HG21 H N N 403 
VAL HG22 H N N 404 
VAL HG23 H N N 405 
VAL HXT  H N N 406 
# 
loop_
_chem_comp_bond.comp_id 
_chem_comp_bond.atom_id_1 
_chem_comp_bond.atom_id_2 
_chem_comp_bond.value_order 
_chem_comp_bond.pdbx_aromatic_flag 
_chem_comp_bond.pdbx_stereo_config 
_chem_comp_bond.pdbx_ordinal 
ALA N   CA   sing N N 1   
ALA N   H    sing N N 2   
ALA N   H2   sing N N 3   
ALA CA  C    sing N N 4   
ALA CA  CB   sing N N 5   
ALA CA  HA   sing N N 6   
ALA C   O    doub N N 7   
ALA C   OXT  sing N N 8   
ALA CB  HB1  sing N N 9   
ALA CB  HB2  sing N N 10  
ALA CB  HB3  sing N N 11  
ALA OXT HXT  sing N N 12  
ARG N   CA   sing N N 13  
ARG N   H    sing N N 14  
ARG N   H2   sing N N 15  
ARG CA  C    sing N N 16  
ARG CA  CB   sing N N 17  
ARG CA  HA   sing N N 18  
ARG C   O    doub N N 19  
ARG C   OXT  sing N N 20  
ARG CB  CG   sing N N 21  
ARG CB  HB2  sing N N 22  
ARG CB  HB3  sing N N 23  
ARG CG  CD   sing N N 24  
ARG CG  HG2  sing N N 25  
ARG CG  HG3  sing N N 26  
ARG CD  NE   sing N N 27  
ARG CD  HD2  sing N N 28  
ARG CD  HD3  sing N N 29  
ARG NE  CZ   sing N N 30  
ARG NE  HE   sing N N 31  
ARG CZ  NH1  sing N N 32  
ARG CZ  NH2  doub N N 33  
ARG NH1 HH11 sing N N 34  
ARG NH1 HH12 sing N N 35  
ARG NH2 HH21 sing N N 36  
ARG NH2 HH22 sing N N 37  
ARG OXT HXT  sing N N 38  
ASN N   CA   sing N N 39  
ASN N   H    sing N N 40  
ASN N   H2   sing N N 41  
ASN CA  C    sing N N 42  
ASN CA  CB   sing N N 43  
ASN CA  HA   sing N N 44  
ASN C   O    doub N N 45  
ASN C   OXT  sing N N 46  
ASN CB  CG   sing N N 47  
ASN CB  HB2  sing N N 48  
ASN CB  HB3  sing N N 49  
ASN CG  OD1  doub N N 50  
ASN CG  ND2  sing N N 51  
ASN ND2 HD21 sing N N 52  
ASN ND2 HD22 sing N N 53  
ASN OXT HXT  sing N N 54  
ASP N   CA   sing N N 55  
ASP N   H    sing N N 56  
ASP N   H2   sing N N 57  
ASP CA  C    sing N N 58  
ASP CA  CB   sing N N 59  
ASP CA  HA   sing N N 60  
ASP C   O    doub N N 61  
ASP C   OXT  sing N N 62  
ASP CB  CG   sing N N 63  
ASP CB  HB2  sing N N 64  
ASP CB  HB3  sing N N 65  
ASP CG  OD1  doub N N 66  
ASP CG  OD2  sing N N 67  
ASP OD2 HD2  sing N N 68  
ASP OXT HXT  sing N N 69  
GLN N   CA   sing N N 70  
GLN N   H    sing N N 71  
GLN N   H2   sing N N 72  
GLN CA  C    sing N N 73  
GLN CA  CB   sing N N 74  
GLN CA  HA   sing N N 75  
GLN C   O    doub N N 76  
GLN C   OXT  sing N N 77  
GLN CB  CG   sing N N 78  
GLN CB  HB2  sing N N 79  
GLN CB  HB3  sing N N 80  
GLN CG  CD   sing N N 81  
GLN CG  HG2  sing N N 82  
GLN CG  HG3  sing N N 83  
GLN CD  OE1  doub N N 84  
GLN CD  NE2  sing N N 85  
GLN NE2 HE21 sing N N 86  
GLN NE2 HE22 sing N N 87  
GLN OXT HXT  sing N N 88  
GLU N   CA   sing N N 89  
GLU N   H    sing N N 90  
GLU N   H2   sing N N 91  
GLU CA  C    sing N N 92  
GLU CA  CB   sing N N 93  
GLU CA  HA   sing N N 94  
GLU C   O    doub N N 95  
GLU C   OXT  sing N N 96  
GLU CB  CG   sing N N 97  
GLU CB  HB2  sing N N 98  
GLU CB  HB3  sing N N 99  
GLU CG  CD   sing N N 100 
GLU CG  HG2  sing N N 101 
GLU CG  HG3  sing N N 102 
GLU CD  OE1  doub N N 103 
GLU CD  OE2  sing N N 104 
GLU OE2 HE2  sing N N 105 
GLU OXT HXT  sing N N 106 
GLY N   CA   sing N N 107 
GLY N   H    sing N N 108 
GLY N   H2   sing N N 109 
GLY CA  C    sing N N 110 
GLY CA  HA2  sing N N 111 
GLY CA  HA3  sing N N 112 
GLY C   O    doub N N 113 
GLY C   OXT  sing N N 114 
GLY OXT HXT  sing N N 115 
GOL C1  O1   sing N N 116 
GOL C1  C2   sing N N 117 
GOL C1  H11  sing N N 118 
GOL C1  H12  sing N N 119 
GOL O1  HO1  sing N N 120 
GOL C2  O2   sing N N 121 
GOL C2  C3   sing N N 122 
GOL C2  H2   sing N N 123 
GOL O2  HO2  sing N N 124 
GOL C3  O3   sing N N 125 
GOL C3  H31  sing N N 126 
GOL C3  H32  sing N N 127 
GOL O3  HO3  sing N N 128 
HIS N   CA   sing N N 129 
HIS N   H    sing N N 130 
HIS N   H2   sing N N 131 
HIS CA  C    sing N N 132 
HIS CA  CB   sing N N 133 
HIS CA  HA   sing N N 134 
HIS C   O    doub N N 135 
HIS C   OXT  sing N N 136 
HIS CB  CG   sing N N 137 
HIS CB  HB2  sing N N 138 
HIS CB  HB3  sing N N 139 
HIS CG  ND1  sing Y N 140 
HIS CG  CD2  doub Y N 141 
HIS ND1 CE1  doub Y N 142 
HIS ND1 HD1  sing N N 143 
HIS CD2 NE2  sing Y N 144 
HIS CD2 HD2  sing N N 145 
HIS CE1 NE2  sing Y N 146 
HIS CE1 HE1  sing N N 147 
HIS NE2 HE2  sing N N 148 
HIS OXT HXT  sing N N 149 
HOH O   H1   sing N N 150 
HOH O   H2   sing N N 151 
ILE N   CA   sing N N 152 
ILE N   H    sing N N 153 
ILE N   H2   sing N N 154 
ILE CA  C    sing N N 155 
ILE CA  CB   sing N N 156 
ILE CA  HA   sing N N 157 
ILE C   O    doub N N 158 
ILE C   OXT  sing N N 159 
ILE CB  CG1  sing N N 160 
ILE CB  CG2  sing N N 161 
ILE CB  HB   sing N N 162 
ILE CG1 CD1  sing N N 163 
ILE CG1 HG12 sing N N 164 
ILE CG1 HG13 sing N N 165 
ILE CG2 HG21 sing N N 166 
ILE CG2 HG22 sing N N 167 
ILE CG2 HG23 sing N N 168 
ILE CD1 HD11 sing N N 169 
ILE CD1 HD12 sing N N 170 
ILE CD1 HD13 sing N N 171 
ILE OXT HXT  sing N N 172 
LEU N   CA   sing N N 173 
LEU N   H    sing N N 174 
LEU N   H2   sing N N 175 
LEU CA  C    sing N N 176 
LEU CA  CB   sing N N 177 
LEU CA  HA   sing N N 178 
LEU C   O    doub N N 179 
LEU C   OXT  sing N N 180 
LEU CB  CG   sing N N 181 
LEU CB  HB2  sing N N 182 
LEU CB  HB3  sing N N 183 
LEU CG  CD1  sing N N 184 
LEU CG  CD2  sing N N 185 
LEU CG  HG   sing N N 186 
LEU CD1 HD11 sing N N 187 
LEU CD1 HD12 sing N N 188 
LEU CD1 HD13 sing N N 189 
LEU CD2 HD21 sing N N 190 
LEU CD2 HD22 sing N N 191 
LEU CD2 HD23 sing N N 192 
LEU OXT HXT  sing N N 193 
LYS N   CA   sing N N 194 
LYS N   H    sing N N 195 
LYS N   H2   sing N N 196 
LYS CA  C    sing N N 197 
LYS CA  CB   sing N N 198 
LYS CA  HA   sing N N 199 
LYS C   O    doub N N 200 
LYS C   OXT  sing N N 201 
LYS CB  CG   sing N N 202 
LYS CB  HB2  sing N N 203 
LYS CB  HB3  sing N N 204 
LYS CG  CD   sing N N 205 
LYS CG  HG2  sing N N 206 
LYS CG  HG3  sing N N 207 
LYS CD  CE   sing N N 208 
LYS CD  HD2  sing N N 209 
LYS CD  HD3  sing N N 210 
LYS CE  NZ   sing N N 211 
LYS CE  HE2  sing N N 212 
LYS CE  HE3  sing N N 213 
LYS NZ  HZ1  sing N N 214 
LYS NZ  HZ2  sing N N 215 
LYS NZ  HZ3  sing N N 216 
LYS OXT HXT  sing N N 217 
MET N   CA   sing N N 218 
MET N   H    sing N N 219 
MET N   H2   sing N N 220 
MET CA  C    sing N N 221 
MET CA  CB   sing N N 222 
MET CA  HA   sing N N 223 
MET C   O    doub N N 224 
MET C   OXT  sing N N 225 
MET CB  CG   sing N N 226 
MET CB  HB2  sing N N 227 
MET CB  HB3  sing N N 228 
MET CG  SD   sing N N 229 
MET CG  HG2  sing N N 230 
MET CG  HG3  sing N N 231 
MET SD  CE   sing N N 232 
MET CE  HE1  sing N N 233 
MET CE  HE2  sing N N 234 
MET CE  HE3  sing N N 235 
MET OXT HXT  sing N N 236 
PHE N   CA   sing N N 237 
PHE N   H    sing N N 238 
PHE N   H2   sing N N 239 
PHE CA  C    sing N N 240 
PHE CA  CB   sing N N 241 
PHE CA  HA   sing N N 242 
PHE C   O    doub N N 243 
PHE C   OXT  sing N N 244 
PHE CB  CG   sing N N 245 
PHE CB  HB2  sing N N 246 
PHE CB  HB3  sing N N 247 
PHE CG  CD1  doub Y N 248 
PHE CG  CD2  sing Y N 249 
PHE CD1 CE1  sing Y N 250 
PHE CD1 HD1  sing N N 251 
PHE CD2 CE2  doub Y N 252 
PHE CD2 HD2  sing N N 253 
PHE CE1 CZ   doub Y N 254 
PHE CE1 HE1  sing N N 255 
PHE CE2 CZ   sing Y N 256 
PHE CE2 HE2  sing N N 257 
PHE CZ  HZ   sing N N 258 
PHE OXT HXT  sing N N 259 
PRO N   CA   sing N N 260 
PRO N   CD   sing N N 261 
PRO N   H    sing N N 262 
PRO CA  C    sing N N 263 
PRO CA  CB   sing N N 264 
PRO CA  HA   sing N N 265 
PRO C   O    doub N N 266 
PRO C   OXT  sing N N 267 
PRO CB  CG   sing N N 268 
PRO CB  HB2  sing N N 269 
PRO CB  HB3  sing N N 270 
PRO CG  CD   sing N N 271 
PRO CG  HG2  sing N N 272 
PRO CG  HG3  sing N N 273 
PRO CD  HD2  sing N N 274 
PRO CD  HD3  sing N N 275 
PRO OXT HXT  sing N N 276 
SER N   CA   sing N N 277 
SER N   H    sing N N 278 
SER N   H2   sing N N 279 
SER CA  C    sing N N 280 
SER CA  CB   sing N N 281 
SER CA  HA   sing N N 282 
SER C   O    doub N N 283 
SER C   OXT  sing N N 284 
SER CB  OG   sing N N 285 
SER CB  HB2  sing N N 286 
SER CB  HB3  sing N N 287 
SER OG  HG   sing N N 288 
SER OXT HXT  sing N N 289 
THR N   CA   sing N N 290 
THR N   H    sing N N 291 
THR N   H2   sing N N 292 
THR CA  C    sing N N 293 
THR CA  CB   sing N N 294 
THR CA  HA   sing N N 295 
THR C   O    doub N N 296 
THR C   OXT  sing N N 297 
THR CB  OG1  sing N N 298 
THR CB  CG2  sing N N 299 
THR CB  HB   sing N N 300 
THR OG1 HG1  sing N N 301 
THR CG2 HG21 sing N N 302 
THR CG2 HG22 sing N N 303 
THR CG2 HG23 sing N N 304 
THR OXT HXT  sing N N 305 
TLA O1  C1   doub N N 306 
TLA O11 C1   sing N N 307 
TLA O11 H11  sing N N 308 
TLA C1  C2   sing N N 309 
TLA C2  O2   sing N N 310 
TLA C2  C3   sing N N 311 
TLA C2  H2   sing N N 312 
TLA O2  HA   sing N N 313 
TLA C3  O3   sing N N 314 
TLA C3  C4   sing N N 315 
TLA C3  H3   sing N N 316 
TLA O3  HB   sing N N 317 
TLA C4  O4   doub N N 318 
TLA C4  O41  sing N N 319 
TLA O41 H41  sing N N 320 
TRP N   CA   sing N N 321 
TRP N   H    sing N N 322 
TRP N   H2   sing N N 323 
TRP CA  C    sing N N 324 
TRP CA  CB   sing N N 325 
TRP CA  HA   sing N N 326 
TRP C   O    doub N N 327 
TRP C   OXT  sing N N 328 
TRP CB  CG   sing N N 329 
TRP CB  HB2  sing N N 330 
TRP CB  HB3  sing N N 331 
TRP CG  CD1  doub Y N 332 
TRP CG  CD2  sing Y N 333 
TRP CD1 NE1  sing Y N 334 
TRP CD1 HD1  sing N N 335 
TRP CD2 CE2  doub Y N 336 
TRP CD2 CE3  sing Y N 337 
TRP NE1 CE2  sing Y N 338 
TRP NE1 HE1  sing N N 339 
TRP CE2 CZ2  sing Y N 340 
TRP CE3 CZ3  doub Y N 341 
TRP CE3 HE3  sing N N 342 
TRP CZ2 CH2  doub Y N 343 
TRP CZ2 HZ2  sing N N 344 
TRP CZ3 CH2  sing Y N 345 
TRP CZ3 HZ3  sing N N 346 
TRP CH2 HH2  sing N N 347 
TRP OXT HXT  sing N N 348 
TYR N   CA   sing N N 349 
TYR N   H    sing N N 350 
TYR N   H2   sing N N 351 
TYR CA  C    sing N N 352 
TYR CA  CB   sing N N 353 
TYR CA  HA   sing N N 354 
TYR C   O    doub N N 355 
TYR C   OXT  sing N N 356 
TYR CB  CG   sing N N 357 
TYR CB  HB2  sing N N 358 
TYR CB  HB3  sing N N 359 
TYR CG  CD1  doub Y N 360 
TYR CG  CD2  sing Y N 361 
TYR CD1 CE1  sing Y N 362 
TYR CD1 HD1  sing N N 363 
TYR CD2 CE2  doub Y N 364 
TYR CD2 HD2  sing N N 365 
TYR CE1 CZ   doub Y N 366 
TYR CE1 HE1  sing N N 367 
TYR CE2 CZ   sing Y N 368 
TYR CE2 HE2  sing N N 369 
TYR CZ  OH   sing N N 370 
TYR OH  HH   sing N N 371 
TYR OXT HXT  sing N N 372 
VAL N   CA   sing N N 373 
VAL N   H    sing N N 374 
VAL N   H2   sing N N 375 
VAL CA  C    sing N N 376 
VAL CA  CB   sing N N 377 
VAL CA  HA   sing N N 378 
VAL C   O    doub N N 379 
VAL C   OXT  sing N N 380 
VAL CB  CG1  sing N N 381 
VAL CB  CG2  sing N N 382 
VAL CB  HB   sing N N 383 
VAL CG1 HG11 sing N N 384 
VAL CG1 HG12 sing N N 385 
VAL CG1 HG13 sing N N 386 
VAL CG2 HG21 sing N N 387 
VAL CG2 HG22 sing N N 388 
VAL CG2 HG23 sing N N 389 
VAL OXT HXT  sing N N 390 
# 
loop_
_pdbx_entity_nonpoly.entity_id 
_pdbx_entity_nonpoly.name 
_pdbx_entity_nonpoly.comp_id 
2 GLYCEROL             GOL 
3 'L(+)-TARTARIC ACID' TLA 
4 water                HOH 
# 
_pdbx_initial_refinement_model.id               1 
_pdbx_initial_refinement_model.entity_id_list   ? 
_pdbx_initial_refinement_model.type             'experimental model' 
_pdbx_initial_refinement_model.source_name      PDB 
_pdbx_initial_refinement_model.accession_code   4LWQ 
_pdbx_initial_refinement_model.details          ? 
# 
